data_3A7L
# 
_entry.id   3A7L 
# 
_audit_conform.dict_name       mmcif_pdbx.dic 
_audit_conform.dict_version    5.380 
_audit_conform.dict_location   http://mmcif.pdb.org/dictionaries/ascii/mmcif_pdbx.dic 
# 
loop_
_database_2.database_id 
_database_2.database_code 
_database_2.pdbx_database_accession 
_database_2.pdbx_DOI 
PDB   3A7L         pdb_00003a7l 10.2210/pdb3a7l/pdb 
RCSB  RCSB028911   ?            ?                   
WWPDB D_1000028911 ?            ?                   
# 
loop_
_pdbx_database_related.db_name 
_pdbx_database_related.db_id 
_pdbx_database_related.details 
_pdbx_database_related.content_type 
PDB 3A7A . unspecified 
PDB 3A7R . unspecified 
# 
_pdbx_database_status.status_code                     REL 
_pdbx_database_status.entry_id                        3A7L 
_pdbx_database_status.recvd_initial_deposition_date   2009-09-28 
_pdbx_database_status.deposit_site                    PDBJ 
_pdbx_database_status.process_site                    PDBJ 
_pdbx_database_status.status_code_sf                  REL 
_pdbx_database_status.status_code_mr                  ? 
_pdbx_database_status.SG_entry                        ? 
_pdbx_database_status.pdb_format_compatible           Y 
_pdbx_database_status.status_code_cs                  ? 
_pdbx_database_status.status_code_nmr_data            ? 
_pdbx_database_status.methods_development_category    ? 
# 
loop_
_audit_author.name 
_audit_author.pdbx_ordinal 
'Fujiwara, K.' 1 
'Maita, N.'    2 
# 
_citation.id                        primary 
_citation.title                     
'Global conformational change associated with the two-step reaction catalyzed by Escherichia coli lipoate-protein ligase A.' 
_citation.journal_abbrev            J.Biol.Chem. 
_citation.journal_volume            285 
_citation.page_first                9971 
_citation.page_last                 9980 
_citation.year                      2010 
_citation.journal_id_ASTM           JBCHA3 
_citation.country                   US 
_citation.journal_id_ISSN           0021-9258 
_citation.journal_id_CSD            0071 
_citation.book_publisher            ? 
_citation.pdbx_database_id_PubMed   20089862 
_citation.pdbx_database_id_DOI      10.1074/jbc.M109.078717 
# 
loop_
_citation_author.citation_id 
_citation_author.name 
_citation_author.ordinal 
_citation_author.identifier_ORCID 
primary 'Fujiwara, K.'      1 ? 
primary 'Maita, N.'         2 ? 
primary 'Hosaka, H.'        3 ? 
primary 'Okamura-Ikeda, K.' 4 ? 
primary 'Nakagawa, A.'      5 ? 
primary 'Taniguchi, H.'     6 ? 
# 
_cell.entry_id           3A7L 
_cell.length_a           46.483 
_cell.length_b           52.037 
_cell.length_c           46.831 
_cell.angle_alpha        90.00 
_cell.angle_beta         93.05 
_cell.angle_gamma        90.00 
_cell.Z_PDB              4 
_cell.pdbx_unique_axis   ? 
_cell.length_a_esd       ? 
_cell.length_b_esd       ? 
_cell.length_c_esd       ? 
_cell.angle_alpha_esd    ? 
_cell.angle_beta_esd     ? 
_cell.angle_gamma_esd    ? 
# 
_symmetry.entry_id                         3A7L 
_symmetry.space_group_name_H-M             'C 1 2 1' 
_symmetry.pdbx_full_space_group_name_H-M   ? 
_symmetry.cell_setting                     ? 
_symmetry.Int_Tables_number                5 
_symmetry.space_group_name_Hall            ? 
# 
loop_
_entity.id 
_entity.type 
_entity.src_method 
_entity.pdbx_description 
_entity.formula_weight 
_entity.pdbx_number_of_molecules 
_entity.pdbx_ec 
_entity.pdbx_mutation 
_entity.pdbx_fragment 
_entity.details 
1 polymer man 'Glycine cleavage system H protein' 13688.902 1  ? ? ? ? 
2 water   nat water                               18.015    76 ? ? ? ? 
# 
_entity_name_com.entity_id   1 
_entity_name_com.name        H-protein 
# 
_entity_poly.entity_id                      1 
_entity_poly.type                           'polypeptide(L)' 
_entity_poly.nstd_linkage                   no 
_entity_poly.nstd_monomer                   no 
_entity_poly.pdbx_seq_one_letter_code       
;SNVPAELKYSKEHEWLRKEADGTYTVGITEHAQELLGDMVFVDLPEVGATVSAGDDCAVAESVKAASDIYAPVSGEIVAV
NDALSDSPELVNSEPYAGGWIFKIKASDESELESLLDATAYEALLEDE
;
_entity_poly.pdbx_seq_one_letter_code_can   
;SNVPAELKYSKEHEWLRKEADGTYTVGITEHAQELLGDMVFVDLPEVGATVSAGDDCAVAESVKAASDIYAPVSGEIVAV
NDALSDSPELVNSEPYAGGWIFKIKASDESELESLLDATAYEALLEDE
;
_entity_poly.pdbx_strand_id                 A 
_entity_poly.pdbx_target_identifier         ? 
# 
loop_
_entity_poly_seq.entity_id 
_entity_poly_seq.num 
_entity_poly_seq.mon_id 
_entity_poly_seq.hetero 
1 1   SER n 
1 2   ASN n 
1 3   VAL n 
1 4   PRO n 
1 5   ALA n 
1 6   GLU n 
1 7   LEU n 
1 8   LYS n 
1 9   TYR n 
1 10  SER n 
1 11  LYS n 
1 12  GLU n 
1 13  HIS n 
1 14  GLU n 
1 15  TRP n 
1 16  LEU n 
1 17  ARG n 
1 18  LYS n 
1 19  GLU n 
1 20  ALA n 
1 21  ASP n 
1 22  GLY n 
1 23  THR n 
1 24  TYR n 
1 25  THR n 
1 26  VAL n 
1 27  GLY n 
1 28  ILE n 
1 29  THR n 
1 30  GLU n 
1 31  HIS n 
1 32  ALA n 
1 33  GLN n 
1 34  GLU n 
1 35  LEU n 
1 36  LEU n 
1 37  GLY n 
1 38  ASP n 
1 39  MET n 
1 40  VAL n 
1 41  PHE n 
1 42  VAL n 
1 43  ASP n 
1 44  LEU n 
1 45  PRO n 
1 46  GLU n 
1 47  VAL n 
1 48  GLY n 
1 49  ALA n 
1 50  THR n 
1 51  VAL n 
1 52  SER n 
1 53  ALA n 
1 54  GLY n 
1 55  ASP n 
1 56  ASP n 
1 57  CYS n 
1 58  ALA n 
1 59  VAL n 
1 60  ALA n 
1 61  GLU n 
1 62  SER n 
1 63  VAL n 
1 64  LYS n 
1 65  ALA n 
1 66  ALA n 
1 67  SER n 
1 68  ASP n 
1 69  ILE n 
1 70  TYR n 
1 71  ALA n 
1 72  PRO n 
1 73  VAL n 
1 74  SER n 
1 75  GLY n 
1 76  GLU n 
1 77  ILE n 
1 78  VAL n 
1 79  ALA n 
1 80  VAL n 
1 81  ASN n 
1 82  ASP n 
1 83  ALA n 
1 84  LEU n 
1 85  SER n 
1 86  ASP n 
1 87  SER n 
1 88  PRO n 
1 89  GLU n 
1 90  LEU n 
1 91  VAL n 
1 92  ASN n 
1 93  SER n 
1 94  GLU n 
1 95  PRO n 
1 96  TYR n 
1 97  ALA n 
1 98  GLY n 
1 99  GLY n 
1 100 TRP n 
1 101 ILE n 
1 102 PHE n 
1 103 LYS n 
1 104 ILE n 
1 105 LYS n 
1 106 ALA n 
1 107 SER n 
1 108 ASP n 
1 109 GLU n 
1 110 SER n 
1 111 GLU n 
1 112 LEU n 
1 113 GLU n 
1 114 SER n 
1 115 LEU n 
1 116 LEU n 
1 117 ASP n 
1 118 ALA n 
1 119 THR n 
1 120 ALA n 
1 121 TYR n 
1 122 GLU n 
1 123 ALA n 
1 124 LEU n 
1 125 LEU n 
1 126 GLU n 
1 127 ASP n 
1 128 GLU n 
# 
_entity_src_gen.entity_id                          1 
_entity_src_gen.pdbx_src_id                        1 
_entity_src_gen.pdbx_alt_source_flag               sample 
_entity_src_gen.pdbx_seq_type                      ? 
_entity_src_gen.pdbx_beg_seq_num                   ? 
_entity_src_gen.pdbx_end_seq_num                   ? 
_entity_src_gen.gene_src_common_name               ? 
_entity_src_gen.gene_src_genus                     ? 
_entity_src_gen.pdbx_gene_src_gene                 gcvH 
_entity_src_gen.gene_src_species                   ? 
_entity_src_gen.gene_src_strain                    K-12 
_entity_src_gen.gene_src_tissue                    ? 
_entity_src_gen.gene_src_tissue_fraction           ? 
_entity_src_gen.gene_src_details                   ? 
_entity_src_gen.pdbx_gene_src_fragment             ? 
_entity_src_gen.pdbx_gene_src_scientific_name      'Escherichia coli' 
_entity_src_gen.pdbx_gene_src_ncbi_taxonomy_id     83333 
_entity_src_gen.pdbx_gene_src_variant              ? 
_entity_src_gen.pdbx_gene_src_cell_line            ? 
_entity_src_gen.pdbx_gene_src_atcc                 ? 
_entity_src_gen.pdbx_gene_src_organ                ? 
_entity_src_gen.pdbx_gene_src_organelle            ? 
_entity_src_gen.pdbx_gene_src_cell                 ? 
_entity_src_gen.pdbx_gene_src_cellular_location    ? 
_entity_src_gen.host_org_common_name               ? 
_entity_src_gen.pdbx_host_org_scientific_name      'Escherichia coli' 
_entity_src_gen.pdbx_host_org_ncbi_taxonomy_id     562 
_entity_src_gen.host_org_genus                     ? 
_entity_src_gen.pdbx_host_org_gene                 ? 
_entity_src_gen.pdbx_host_org_organ                ? 
_entity_src_gen.host_org_species                   ? 
_entity_src_gen.pdbx_host_org_tissue               ? 
_entity_src_gen.pdbx_host_org_tissue_fraction      ? 
_entity_src_gen.pdbx_host_org_strain               'BL21(DE3)pLysS' 
_entity_src_gen.pdbx_host_org_variant              ? 
_entity_src_gen.pdbx_host_org_cell_line            ? 
_entity_src_gen.pdbx_host_org_atcc                 ? 
_entity_src_gen.pdbx_host_org_culture_collection   ? 
_entity_src_gen.pdbx_host_org_cell                 ? 
_entity_src_gen.pdbx_host_org_organelle            ? 
_entity_src_gen.pdbx_host_org_cellular_location    ? 
_entity_src_gen.pdbx_host_org_vector_type          plasmid 
_entity_src_gen.pdbx_host_org_vector               ? 
_entity_src_gen.host_org_details                   ? 
_entity_src_gen.expression_system_id               ? 
_entity_src_gen.plasmid_name                       pET-3a 
_entity_src_gen.plasmid_details                    ? 
_entity_src_gen.pdbx_description                   ? 
# 
_struct_ref.id                         1 
_struct_ref.db_name                    UNP 
_struct_ref.db_code                    GCSH_ECOLI 
_struct_ref.pdbx_db_accession          P0A6T9 
_struct_ref.entity_id                  1 
_struct_ref.pdbx_seq_one_letter_code   
;SNVPAELKYSKEHEWLRKEADGTYTVGITEHAQELLGDMVFVDLPEVGATVSAGDDCAVAESVKAASDIYAPVSGEIVAV
NDALSDSPELVNSEPYAGGWIFKIKASDESELESLLDATAYEALLEDE
;
_struct_ref.pdbx_align_begin           2 
_struct_ref.pdbx_db_isoform            ? 
# 
_struct_ref_seq.align_id                      1 
_struct_ref_seq.ref_id                        1 
_struct_ref_seq.pdbx_PDB_id_code              3A7L 
_struct_ref_seq.pdbx_strand_id                A 
_struct_ref_seq.seq_align_beg                 1 
_struct_ref_seq.pdbx_seq_align_beg_ins_code   ? 
_struct_ref_seq.seq_align_end                 128 
_struct_ref_seq.pdbx_seq_align_end_ins_code   ? 
_struct_ref_seq.pdbx_db_accession             P0A6T9 
_struct_ref_seq.db_align_beg                  2 
_struct_ref_seq.pdbx_db_align_beg_ins_code    ? 
_struct_ref_seq.db_align_end                  129 
_struct_ref_seq.pdbx_db_align_end_ins_code    ? 
_struct_ref_seq.pdbx_auth_seq_align_beg       1 
_struct_ref_seq.pdbx_auth_seq_align_end       128 
# 
loop_
_chem_comp.id 
_chem_comp.type 
_chem_comp.mon_nstd_flag 
_chem_comp.name 
_chem_comp.pdbx_synonyms 
_chem_comp.formula 
_chem_comp.formula_weight 
ALA 'L-peptide linking' y ALANINE         ? 'C3 H7 N O2'     89.093  
ARG 'L-peptide linking' y ARGININE        ? 'C6 H15 N4 O2 1' 175.209 
ASN 'L-peptide linking' y ASPARAGINE      ? 'C4 H8 N2 O3'    132.118 
ASP 'L-peptide linking' y 'ASPARTIC ACID' ? 'C4 H7 N O4'     133.103 
CYS 'L-peptide linking' y CYSTEINE        ? 'C3 H7 N O2 S'   121.158 
GLN 'L-peptide linking' y GLUTAMINE       ? 'C5 H10 N2 O3'   146.144 
GLU 'L-peptide linking' y 'GLUTAMIC ACID' ? 'C5 H9 N O4'     147.129 
GLY 'peptide linking'   y GLYCINE         ? 'C2 H5 N O2'     75.067  
HIS 'L-peptide linking' y HISTIDINE       ? 'C6 H10 N3 O2 1' 156.162 
HOH non-polymer         . WATER           ? 'H2 O'           18.015  
ILE 'L-peptide linking' y ISOLEUCINE      ? 'C6 H13 N O2'    131.173 
LEU 'L-peptide linking' y LEUCINE         ? 'C6 H13 N O2'    131.173 
LYS 'L-peptide linking' y LYSINE          ? 'C6 H15 N2 O2 1' 147.195 
MET 'L-peptide linking' y METHIONINE      ? 'C5 H11 N O2 S'  149.211 
PHE 'L-peptide linking' y PHENYLALANINE   ? 'C9 H11 N O2'    165.189 
PRO 'L-peptide linking' y PROLINE         ? 'C5 H9 N O2'     115.130 
SER 'L-peptide linking' y SERINE          ? 'C3 H7 N O3'     105.093 
THR 'L-peptide linking' y THREONINE       ? 'C4 H9 N O3'     119.119 
TRP 'L-peptide linking' y TRYPTOPHAN      ? 'C11 H12 N2 O2'  204.225 
TYR 'L-peptide linking' y TYROSINE        ? 'C9 H11 N O3'    181.189 
VAL 'L-peptide linking' y VALINE          ? 'C5 H11 N O2'    117.146 
# 
_exptl.entry_id          3A7L 
_exptl.method            'X-RAY DIFFRACTION' 
_exptl.crystals_number   1 
# 
_exptl_crystal.id                    1 
_exptl_crystal.density_meas          ? 
_exptl_crystal.density_Matthews      2.05 
_exptl_crystal.density_percent_sol   39.89 
_exptl_crystal.description           ? 
_exptl_crystal.F_000                 ? 
_exptl_crystal.preparation           ? 
# 
_exptl_crystal_grow.crystal_id      1 
_exptl_crystal_grow.method          'VAPOR DIFFUSION, HANGING DROP' 
_exptl_crystal_grow.temp            293 
_exptl_crystal_grow.temp_details    ? 
_exptl_crystal_grow.pH              4.9 
_exptl_crystal_grow.pdbx_details    
;2.3M ammonium sulfate, 0.1M sodium citrate, 3%(v/v) 2-methyl-2,4-pentanediol, pH 4.9, VAPOR DIFFUSION, HANGING DROP, temperature 293K
;
_exptl_crystal_grow.pdbx_pH_range   . 
# 
_diffrn.id                     1 
_diffrn.ambient_temp           100 
_diffrn.ambient_temp_details   ? 
_diffrn.crystal_id             1 
# 
_diffrn_detector.diffrn_id              1 
_diffrn_detector.detector               CCD 
_diffrn_detector.type                   'Bruker DIP-6040' 
_diffrn_detector.pdbx_collection_date   2008-10-16 
_diffrn_detector.details                mirrors 
# 
_diffrn_radiation.diffrn_id                        1 
_diffrn_radiation.wavelength_id                    1 
_diffrn_radiation.pdbx_monochromatic_or_laue_m_l   M 
_diffrn_radiation.monochromator                    Si 
_diffrn_radiation.pdbx_diffrn_protocol             'SINGLE WAVELENGTH' 
_diffrn_radiation.pdbx_scattering_type             x-ray 
# 
_diffrn_radiation_wavelength.id           1 
_diffrn_radiation_wavelength.wavelength   0.9000 
_diffrn_radiation_wavelength.wt           1.0 
# 
_diffrn_source.diffrn_id                   1 
_diffrn_source.source                      SYNCHROTRON 
_diffrn_source.type                        'SPRING-8 BEAMLINE BL44XU' 
_diffrn_source.pdbx_synchrotron_site       SPring-8 
_diffrn_source.pdbx_synchrotron_beamline   BL44XU 
_diffrn_source.pdbx_wavelength             ? 
_diffrn_source.pdbx_wavelength_list        0.9000 
# 
_reflns.entry_id                     3A7L 
_reflns.observed_criterion_sigma_I   3 
_reflns.observed_criterion_sigma_F   0 
_reflns.d_resolution_low             30.000 
_reflns.d_resolution_high            1.3 
_reflns.number_obs                   26800 
_reflns.number_all                   27372 
_reflns.percent_possible_obs         97.9 
_reflns.pdbx_Rmerge_I_obs            0.053 
_reflns.pdbx_Rsym_value              0.053 
_reflns.B_iso_Wilson_estimate        11.83 
_reflns.pdbx_redundancy              3.400 
_reflns.pdbx_netI_over_sigmaI        32.5 
_reflns.R_free_details               ? 
_reflns.limit_h_max                  ? 
_reflns.limit_h_min                  ? 
_reflns.limit_k_max                  ? 
_reflns.limit_k_min                  ? 
_reflns.limit_l_max                  ? 
_reflns.limit_l_min                  ? 
_reflns.observed_criterion_F_max     ? 
_reflns.observed_criterion_F_min     ? 
_reflns.pdbx_chi_squared             ? 
_reflns.pdbx_scaling_rejects         ? 
_reflns.pdbx_diffrn_id               1 
_reflns.pdbx_ordinal                 1 
# 
_reflns_shell.d_res_high             1.30 
_reflns_shell.d_res_low              1.35 
_reflns_shell.percent_possible_all   96.9 
_reflns_shell.Rmerge_I_obs           0.473 
_reflns_shell.pdbx_Rsym_value        0.473 
_reflns_shell.meanI_over_sigI_obs    3.100 
_reflns_shell.pdbx_redundancy        3.10 
_reflns_shell.percent_possible_obs   ? 
_reflns_shell.number_unique_all      2585 
_reflns_shell.number_measured_all    ? 
_reflns_shell.number_measured_obs    ? 
_reflns_shell.number_unique_obs      ? 
_reflns_shell.pdbx_chi_squared       ? 
_reflns_shell.pdbx_diffrn_id         ? 
_reflns_shell.pdbx_ordinal           1 
# 
_refine.entry_id                                 3A7L 
_refine.ls_number_reflns_obs                     25438 
_refine.ls_number_reflns_all                     25966 
_refine.pdbx_ls_sigma_I                          3 
_refine.pdbx_ls_sigma_F                          0 
_refine.pdbx_data_cutoff_high_absF               ? 
_refine.pdbx_data_cutoff_low_absF                ? 
_refine.pdbx_data_cutoff_high_rms_absF           ? 
_refine.ls_d_res_low                             15.00 
_refine.ls_d_res_high                            1.30 
_refine.ls_percent_reflns_obs                    97.80 
_refine.ls_R_factor_obs                          0.17784 
_refine.ls_R_factor_all                          ? 
_refine.ls_R_factor_R_work                       0.17632 
_refine.ls_R_factor_R_free                       0.20513 
_refine.ls_R_factor_R_free_error                 ? 
_refine.ls_R_factor_R_free_error_details         ? 
_refine.ls_percent_reflns_R_free                 5.0 
_refine.ls_number_reflns_R_free                  1340 
_refine.ls_number_parameters                     ? 
_refine.ls_number_restraints                     ? 
_refine.occupancy_min                            ? 
_refine.occupancy_max                            ? 
_refine.correlation_coeff_Fo_to_Fc               0.967 
_refine.correlation_coeff_Fo_to_Fc_free          0.958 
_refine.B_iso_mean                               18.797 
_refine.aniso_B[1][1]                            -0.53 
_refine.aniso_B[2][2]                            0.23 
_refine.aniso_B[3][3]                            0.24 
_refine.aniso_B[1][2]                            0.00 
_refine.aniso_B[1][3]                            -0.59 
_refine.aniso_B[2][3]                            0.00 
_refine.solvent_model_details                    'BABINET MODEL WITH MASK' 
_refine.solvent_model_param_ksol                 ? 
_refine.solvent_model_param_bsol                 ? 
_refine.pdbx_solvent_vdw_probe_radii             1.40 
_refine.pdbx_solvent_ion_probe_radii             0.80 
_refine.pdbx_solvent_shrinkage_radii             0.80 
_refine.pdbx_ls_cross_valid_method               THROUGHOUT 
_refine.details                                  'HYDROGENS HAVE BEEN ADDED IN THE RIDING POSITIONS' 
_refine.pdbx_starting_model                      'PDB ENTRY 1HTP' 
_refine.pdbx_method_to_determine_struct          ? 
_refine.pdbx_isotropic_thermal_model             Isotropic 
_refine.pdbx_stereochemistry_target_values       'MAXIMUM LIKELIHOOD' 
_refine.pdbx_stereochem_target_val_spec_case     ? 
_refine.pdbx_R_Free_selection_details            RANDOM 
_refine.pdbx_overall_ESU_R                       0.052 
_refine.pdbx_overall_ESU_R_Free                  0.055 
_refine.overall_SU_ML                            0.032 
_refine.overall_SU_B                             0.749 
_refine.ls_redundancy_reflns_obs                 ? 
_refine.B_iso_min                                ? 
_refine.B_iso_max                                ? 
_refine.overall_SU_R_Cruickshank_DPI             ? 
_refine.overall_SU_R_free                        ? 
_refine.ls_wR_factor_R_free                      ? 
_refine.ls_wR_factor_R_work                      ? 
_refine.overall_FOM_free_R_set                   ? 
_refine.overall_FOM_work_R_set                   ? 
_refine.pdbx_refine_id                           'X-RAY DIFFRACTION' 
_refine.pdbx_overall_phase_error                 ? 
_refine.pdbx_diffrn_id                           1 
_refine.pdbx_TLS_residual_ADP_flag               ? 
_refine.pdbx_overall_SU_R_free_Cruickshank_DPI   ? 
_refine.pdbx_overall_SU_R_Blow_DPI               ? 
_refine.pdbx_overall_SU_R_free_Blow_DPI          ? 
# 
_refine_hist.pdbx_refine_id                   'X-RAY DIFFRACTION' 
_refine_hist.cycle_id                         LAST 
_refine_hist.pdbx_number_atoms_protein        963 
_refine_hist.pdbx_number_atoms_nucleic_acid   0 
_refine_hist.pdbx_number_atoms_ligand         0 
_refine_hist.number_atoms_solvent             76 
_refine_hist.number_atoms_total               1039 
_refine_hist.d_res_high                       1.30 
_refine_hist.d_res_low                        15.00 
# 
loop_
_refine_ls_restr.type 
_refine_ls_restr.dev_ideal 
_refine_ls_restr.dev_ideal_target 
_refine_ls_restr.weight 
_refine_ls_restr.number 
_refine_ls_restr.pdbx_refine_id 
_refine_ls_restr.pdbx_restraint_function 
r_bond_refined_d             0.011  0.022  ? 980  'X-RAY DIFFRACTION' ? 
r_bond_other_d               ?      ?      ? ?    'X-RAY DIFFRACTION' ? 
r_angle_refined_deg          1.234  1.975  ? 1337 'X-RAY DIFFRACTION' ? 
r_angle_other_deg            ?      ?      ? ?    'X-RAY DIFFRACTION' ? 
r_dihedral_angle_1_deg       6.727  5.000  ? 127  'X-RAY DIFFRACTION' ? 
r_dihedral_angle_2_deg       31.922 27.045 ? 44   'X-RAY DIFFRACTION' ? 
r_dihedral_angle_3_deg       13.835 15.000 ? 155  'X-RAY DIFFRACTION' ? 
r_dihedral_angle_4_deg       41.823 15.000 ? 1    'X-RAY DIFFRACTION' ? 
r_chiral_restr               0.099  0.200  ? 154  'X-RAY DIFFRACTION' ? 
r_gen_planes_refined         0.012  0.021  ? 751  'X-RAY DIFFRACTION' ? 
r_gen_planes_other           ?      ?      ? ?    'X-RAY DIFFRACTION' ? 
r_nbd_refined                ?      ?      ? ?    'X-RAY DIFFRACTION' ? 
r_nbd_other                  ?      ?      ? ?    'X-RAY DIFFRACTION' ? 
r_nbtor_refined              ?      ?      ? ?    'X-RAY DIFFRACTION' ? 
r_nbtor_other                ?      ?      ? ?    'X-RAY DIFFRACTION' ? 
r_xyhbond_nbd_refined        ?      ?      ? ?    'X-RAY DIFFRACTION' ? 
r_xyhbond_nbd_other          ?      ?      ? ?    'X-RAY DIFFRACTION' ? 
r_metal_ion_refined          ?      ?      ? ?    'X-RAY DIFFRACTION' ? 
r_metal_ion_other            ?      ?      ? ?    'X-RAY DIFFRACTION' ? 
r_symmetry_vdw_refined       ?      ?      ? ?    'X-RAY DIFFRACTION' ? 
r_symmetry_vdw_other         ?      ?      ? ?    'X-RAY DIFFRACTION' ? 
r_symmetry_hbond_refined     ?      ?      ? ?    'X-RAY DIFFRACTION' ? 
r_symmetry_hbond_other       ?      ?      ? ?    'X-RAY DIFFRACTION' ? 
r_symmetry_metal_ion_refined ?      ?      ? ?    'X-RAY DIFFRACTION' ? 
r_symmetry_metal_ion_other   ?      ?      ? ?    'X-RAY DIFFRACTION' ? 
r_mcbond_it                  1.476  1.500  ? 637  'X-RAY DIFFRACTION' ? 
r_mcbond_other               ?      ?      ? ?    'X-RAY DIFFRACTION' ? 
r_mcangle_it                 2.627  2.000  ? 1019 'X-RAY DIFFRACTION' ? 
r_scbond_it                  3.886  3.000  ? 343  'X-RAY DIFFRACTION' ? 
r_scangle_it                 6.550  4.500  ? 318  'X-RAY DIFFRACTION' ? 
r_rigid_bond_restr           ?      ?      ? ?    'X-RAY DIFFRACTION' ? 
r_sphericity_free            ?      ?      ? ?    'X-RAY DIFFRACTION' ? 
r_sphericity_bonded          ?      ?      ? ?    'X-RAY DIFFRACTION' ? 
# 
_refine_ls_shell.pdbx_total_number_of_bins_used   20 
_refine_ls_shell.d_res_high                       1.301 
_refine_ls_shell.d_res_low                        1.335 
_refine_ls_shell.number_reflns_R_work             1812 
_refine_ls_shell.R_factor_R_work                  0.236 
_refine_ls_shell.percent_reflns_obs               95.10 
_refine_ls_shell.R_factor_R_free                  0.243 
_refine_ls_shell.R_factor_R_free_error            ? 
_refine_ls_shell.percent_reflns_R_free            ? 
_refine_ls_shell.number_reflns_R_free             91 
_refine_ls_shell.number_reflns_all                ? 
_refine_ls_shell.R_factor_all                     ? 
_refine_ls_shell.number_reflns_obs                ? 
_refine_ls_shell.redundancy_reflns_obs            ? 
_refine_ls_shell.pdbx_refine_id                   'X-RAY DIFFRACTION' 
# 
_struct.entry_id                  3A7L 
_struct.title                     'Crystal structure of E. coli apoH-protein' 
_struct.pdbx_model_details        ? 
_struct.pdbx_CASP_flag            ? 
_struct.pdbx_model_type_details   ? 
# 
_struct_keywords.entry_id        3A7L 
_struct_keywords.pdbx_keywords   'TRANSPORT PROTEIN' 
_struct_keywords.text            'glycine cleavage system, lipoic acid, Lipoyl, TRANSPORT PROTEIN' 
# 
loop_
_struct_asym.id 
_struct_asym.pdbx_blank_PDB_chainid_flag 
_struct_asym.pdbx_modified 
_struct_asym.entity_id 
_struct_asym.details 
A N N 1 ? 
B N N 2 ? 
# 
_struct_biol.id        1 
_struct_biol.details   ? 
# 
loop_
_struct_conf.conf_type_id 
_struct_conf.id 
_struct_conf.pdbx_PDB_helix_id 
_struct_conf.beg_label_comp_id 
_struct_conf.beg_label_asym_id 
_struct_conf.beg_label_seq_id 
_struct_conf.pdbx_beg_PDB_ins_code 
_struct_conf.end_label_comp_id 
_struct_conf.end_label_asym_id 
_struct_conf.end_label_seq_id 
_struct_conf.pdbx_end_PDB_ins_code 
_struct_conf.beg_auth_comp_id 
_struct_conf.beg_auth_asym_id 
_struct_conf.beg_auth_seq_id 
_struct_conf.end_auth_comp_id 
_struct_conf.end_auth_asym_id 
_struct_conf.end_auth_seq_id 
_struct_conf.pdbx_PDB_helix_class 
_struct_conf.details 
_struct_conf.pdbx_PDB_helix_length 
HELX_P HELX_P1 1 THR A 29  ? GLY A 37  ? THR A 29  GLY A 37  1 ? 9  
HELX_P HELX_P2 2 ASP A 82  ? ASP A 86  ? ASP A 82  ASP A 86  5 ? 5  
HELX_P HELX_P3 4 GLU A 89  ? GLU A 94  ? GLU A 89  GLU A 94  1 ? 6  
HELX_P HELX_P4 5 ASP A 108 ? LEU A 115 ? ASP A 108 LEU A 115 5 ? 8  
HELX_P HELX_P5 6 ASP A 117 ? ASP A 127 ? ASP A 117 ASP A 127 1 ? 11 
# 
_struct_conf_type.id          HELX_P 
_struct_conf_type.criteria    ? 
_struct_conf_type.reference   ? 
# 
loop_
_struct_sheet.id 
_struct_sheet.type 
_struct_sheet.number_strands 
_struct_sheet.details 
A ? 6 ? 
B ? 3 ? 
# 
loop_
_struct_sheet_order.sheet_id 
_struct_sheet_order.range_id_1 
_struct_sheet_order.range_id_2 
_struct_sheet_order.offset 
_struct_sheet_order.sense 
A 1 2 ? anti-parallel 
A 2 3 ? anti-parallel 
A 3 4 ? anti-parallel 
A 4 5 ? anti-parallel 
A 5 6 ? anti-parallel 
B 1 2 ? anti-parallel 
B 2 3 ? anti-parallel 
# 
loop_
_struct_sheet_range.sheet_id 
_struct_sheet_range.id 
_struct_sheet_range.beg_label_comp_id 
_struct_sheet_range.beg_label_asym_id 
_struct_sheet_range.beg_label_seq_id 
_struct_sheet_range.pdbx_beg_PDB_ins_code 
_struct_sheet_range.end_label_comp_id 
_struct_sheet_range.end_label_asym_id 
_struct_sheet_range.end_label_seq_id 
_struct_sheet_range.pdbx_end_PDB_ins_code 
_struct_sheet_range.beg_auth_comp_id 
_struct_sheet_range.beg_auth_asym_id 
_struct_sheet_range.beg_auth_seq_id 
_struct_sheet_range.end_auth_comp_id 
_struct_sheet_range.end_auth_asym_id 
_struct_sheet_range.end_auth_seq_id 
A 1 LYS A 8   ? TYR A 9   ? LYS A 8   TYR A 9   
A 2 GLU A 14  ? LYS A 18  ? GLU A 14  LYS A 18  
A 3 TYR A 24  ? ILE A 28  ? TYR A 24  ILE A 28  
A 4 PHE A 102 ? ALA A 106 ? PHE A 102 ALA A 106 
A 5 GLY A 75  ? VAL A 80  ? GLY A 75  VAL A 80  
A 6 THR A 50  ? VAL A 51  ? THR A 50  VAL A 51  
B 1 MET A 39  ? ASP A 43  ? MET A 39  ASP A 43  
B 2 ASP A 56  ? SER A 62  ? ASP A 56  SER A 62  
B 3 ALA A 66  ? TYR A 70  ? ALA A 66  TYR A 70  
# 
loop_
_pdbx_struct_sheet_hbond.sheet_id 
_pdbx_struct_sheet_hbond.range_id_1 
_pdbx_struct_sheet_hbond.range_id_2 
_pdbx_struct_sheet_hbond.range_1_label_atom_id 
_pdbx_struct_sheet_hbond.range_1_label_comp_id 
_pdbx_struct_sheet_hbond.range_1_label_asym_id 
_pdbx_struct_sheet_hbond.range_1_label_seq_id 
_pdbx_struct_sheet_hbond.range_1_PDB_ins_code 
_pdbx_struct_sheet_hbond.range_1_auth_atom_id 
_pdbx_struct_sheet_hbond.range_1_auth_comp_id 
_pdbx_struct_sheet_hbond.range_1_auth_asym_id 
_pdbx_struct_sheet_hbond.range_1_auth_seq_id 
_pdbx_struct_sheet_hbond.range_2_label_atom_id 
_pdbx_struct_sheet_hbond.range_2_label_comp_id 
_pdbx_struct_sheet_hbond.range_2_label_asym_id 
_pdbx_struct_sheet_hbond.range_2_label_seq_id 
_pdbx_struct_sheet_hbond.range_2_PDB_ins_code 
_pdbx_struct_sheet_hbond.range_2_auth_atom_id 
_pdbx_struct_sheet_hbond.range_2_auth_comp_id 
_pdbx_struct_sheet_hbond.range_2_auth_asym_id 
_pdbx_struct_sheet_hbond.range_2_auth_seq_id 
A 1 2 N LYS A 8   ? N LYS A 8   O LEU A 16  ? O LEU A 16  
A 2 3 N ARG A 17  ? N ARG A 17  O THR A 25  ? O THR A 25  
A 3 4 N VAL A 26  ? N VAL A 26  O PHE A 102 ? O PHE A 102 
A 4 5 O LYS A 105 ? O LYS A 105 N GLU A 76  ? N GLU A 76  
A 5 6 O GLY A 75  ? O GLY A 75  N VAL A 51  ? N VAL A 51  
B 1 2 N VAL A 40  ? N VAL A 40  O GLU A 61  ? O GLU A 61  
B 2 3 N ALA A 58  ? N ALA A 58  O ILE A 69  ? O ILE A 69  
# 
_atom_sites.entry_id                    3A7L 
_atom_sites.fract_transf_matrix[1][1]   -0.00969788 
_atom_sites.fract_transf_matrix[1][2]   -0.00391281 
_atom_sites.fract_transf_matrix[1][3]   0.01883517 
_atom_sites.fract_transf_matrix[2][1]   -0.01605930 
_atom_sites.fract_transf_matrix[2][2]   0.00827638 
_atom_sites.fract_transf_matrix[2][3]   -0.00654931 
_atom_sites.fract_transf_matrix[3][1]   -0.00723076 
_atom_sites.fract_transf_matrix[3][2]   -0.01908415 
_atom_sites.fract_transf_matrix[3][3]   -0.00638644 
_atom_sites.fract_transf_vector[1]      -0.341834 
_atom_sites.fract_transf_vector[2]      0.011489 
_atom_sites.fract_transf_vector[3]      -0.223940 
# 
loop_
_atom_type.symbol 
C 
N 
O 
S 
# 
loop_
_atom_site.group_PDB 
_atom_site.id 
_atom_site.type_symbol 
_atom_site.label_atom_id 
_atom_site.label_alt_id 
_atom_site.label_comp_id 
_atom_site.label_asym_id 
_atom_site.label_entity_id 
_atom_site.label_seq_id 
_atom_site.pdbx_PDB_ins_code 
_atom_site.Cartn_x 
_atom_site.Cartn_y 
_atom_site.Cartn_z 
_atom_site.occupancy 
_atom_site.B_iso_or_equiv 
_atom_site.pdbx_formal_charge 
_atom_site.auth_seq_id 
_atom_site.auth_comp_id 
_atom_site.auth_asym_id 
_atom_site.auth_atom_id 
_atom_site.pdbx_PDB_model_num 
ATOM   1    N N   . SER A 1 1   ? -5.636  11.965  -10.480 1.00 27.43 ? 1   SER A N   1 
ATOM   2    C CA  . SER A 1 1   ? -5.191  10.541  -10.609 1.00 25.31 ? 1   SER A CA  1 
ATOM   3    C C   . SER A 1 1   ? -6.323  9.558   -10.343 1.00 22.71 ? 1   SER A C   1 
ATOM   4    O O   . SER A 1 1   ? -7.372  9.923   -9.812  1.00 26.33 ? 1   SER A O   1 
ATOM   5    C CB  . SER A 1 1   ? -4.009  10.238  -9.683  1.00 25.99 ? 1   SER A CB  1 
ATOM   6    O OG  . SER A 1 1   ? -4.327  10.575  -8.353  1.00 28.43 ? 1   SER A OG  1 
ATOM   7    N N   . ASN A 1 2   ? -6.137  8.349   -10.859 1.00 21.18 ? 2   ASN A N   1 
ATOM   8    C CA  . ASN A 1 2   ? -7.034  7.197   -10.708 1.00 16.72 ? 2   ASN A CA  1 
ATOM   9    C C   . ASN A 1 2   ? -7.187  6.797   -9.241  1.00 14.53 ? 2   ASN A C   1 
ATOM   10   O O   . ASN A 1 2   ? -6.199  6.501   -8.569  1.00 12.81 ? 2   ASN A O   1 
ATOM   11   C CB  . ASN A 1 2   ? -6.403  6.052   -11.516 1.00 16.92 ? 2   ASN A CB  1 
ATOM   12   C CG  . ASN A 1 2   ? -7.200  4.758   -11.472 1.00 20.37 ? 2   ASN A CG  1 
ATOM   13   O OD1 . ASN A 1 2   ? -8.397  4.765   -11.218 1.00 24.37 ? 2   ASN A OD1 1 
ATOM   14   N ND2 . ASN A 1 2   ? -6.558  3.668   -11.866 1.00 28.58 ? 2   ASN A ND2 1 
ATOM   15   N N   . VAL A 1 3   ? -8.437  6.827   -8.763  1.00 14.50 ? 3   VAL A N   1 
ATOM   16   C CA  . VAL A 1 3   ? -8.785  6.413   -7.401  1.00 14.21 ? 3   VAL A CA  1 
ATOM   17   C C   . VAL A 1 3   ? -9.912  5.392   -7.501  1.00 13.66 ? 3   VAL A C   1 
ATOM   18   O O   . VAL A 1 3   ? -11.092 5.760   -7.508  1.00 15.36 ? 3   VAL A O   1 
ATOM   19   C CB  . VAL A 1 3   ? -9.241  7.613   -6.551  1.00 13.52 ? 3   VAL A CB  1 
ATOM   20   C CG1 . VAL A 1 3   ? -9.636  7.136   -5.158  1.00 14.72 ? 3   VAL A CG1 1 
ATOM   21   C CG2 . VAL A 1 3   ? -8.127  8.668   -6.493  1.00 14.93 ? 3   VAL A CG2 1 
ATOM   22   N N   . PRO A 1 4   ? -9.568  4.114   -7.659  1.00 12.76 ? 4   PRO A N   1 
ATOM   23   C CA  . PRO A 1 4   ? -10.598 3.086   -7.817  1.00 13.20 ? 4   PRO A CA  1 
ATOM   24   C C   . PRO A 1 4   ? -11.641 3.145   -6.714  1.00 14.89 ? 4   PRO A C   1 
ATOM   25   O O   . PRO A 1 4   ? -11.319 3.245   -5.525  1.00 13.29 ? 4   PRO A O   1 
ATOM   26   C CB  . PRO A 1 4   ? -9.791  1.782   -7.783  1.00 13.85 ? 4   PRO A CB  1 
ATOM   27   C CG  . PRO A 1 4   ? -8.449  2.175   -8.362  1.00 12.80 ? 4   PRO A CG  1 
ATOM   28   C CD  . PRO A 1 4   ? -8.201  3.570   -7.849  1.00 11.97 ? 4   PRO A CD  1 
ATOM   29   N N   . ALA A 1 5   ? -12.913 3.079   -7.104  1.00 15.07 ? 5   ALA A N   1 
ATOM   30   C CA  . ALA A 1 5   ? -13.992 3.341   -6.177  1.00 15.97 ? 5   ALA A CA  1 
ATOM   31   C C   . ALA A 1 5   ? -14.164 2.223   -5.175  1.00 16.03 ? 5   ALA A C   1 
ATOM   32   O O   . ALA A 1 5   ? -14.746 2.426   -4.101  1.00 18.55 ? 5   ALA A O   1 
ATOM   33   C CB  . ALA A 1 5   ? -15.297 3.567   -6.934  1.00 18.71 ? 5   ALA A CB  1 
ATOM   34   N N   . GLU A 1 6   ? -13.677 1.041   -5.500  1.00 15.16 ? 6   GLU A N   1 
ATOM   35   C CA  . GLU A 1 6   ? -13.894 -0.117  -4.643  1.00 18.27 ? 6   GLU A CA  1 
ATOM   36   C C   . GLU A 1 6   ? -12.925 -0.262  -3.476  1.00 17.07 ? 6   GLU A C   1 
ATOM   37   O O   . GLU A 1 6   ? -13.200 -0.993  -2.533  1.00 20.15 ? 6   GLU A O   1 
ATOM   38   C CB  . GLU A 1 6   ? -13.948 -1.412  -5.459  1.00 20.53 ? 6   GLU A CB  1 
ATOM   39   C CG  . GLU A 1 6   ? -15.015 -1.427  -6.563  1.00 25.75 ? 6   GLU A CG  1 
ATOM   40   C CD  . GLU A 1 6   ? -14.737 -2.466  -7.635  1.00 32.03 ? 6   GLU A CD  1 
ATOM   41   O OE1 . GLU A 1 6   ? -13.738 -3.210  -7.504  1.00 37.07 ? 6   GLU A OE1 1 
ATOM   42   O OE2 . GLU A 1 6   ? -15.496 -2.519  -8.634  1.00 30.16 ? 6   GLU A OE2 1 
ATOM   43   N N   . LEU A 1 7   ? -11.778 0.418   -3.549  1.00 14.27 ? 7   LEU A N   1 
ATOM   44   C CA  . LEU A 1 7   ? -10.713 0.244   -2.581  1.00 12.22 ? 7   LEU A CA  1 
ATOM   45   C C   . LEU A 1 7   ? -10.900 1.093   -1.342  1.00 12.67 ? 7   LEU A C   1 
ATOM   46   O O   . LEU A 1 7   ? -11.650 2.074   -1.345  1.00 14.02 ? 7   LEU A O   1 
ATOM   47   C CB  . LEU A 1 7   ? -9.359  0.558   -3.224  1.00 12.01 ? 7   LEU A CB  1 
ATOM   48   C CG  . LEU A 1 7   ? -9.000  -0.285  -4.443  1.00 11.51 ? 7   LEU A CG  1 
ATOM   49   C CD1 . LEU A 1 7   ? -7.693  0.201   -5.021  1.00 12.48 ? 7   LEU A CD1 1 
ATOM   50   C CD2 . LEU A 1 7   ? -8.877  -1.786  -4.043  1.00 14.65 ? 7   LEU A CD2 1 
ATOM   51   N N   . LYS A 1 8   ? -10.175 0.749   -0.284  1.00 12.42 ? 8   LYS A N   1 
ATOM   52   C CA  . LYS A 1 8   ? -9.971  1.621   0.864   1.00 12.71 ? 8   LYS A CA  1 
ATOM   53   C C   . LYS A 1 8   ? -8.589  2.254   0.798   1.00 11.68 ? 8   LYS A C   1 
ATOM   54   O O   . LYS A 1 8   ? -7.699  1.722   0.118   1.00 12.25 ? 8   LYS A O   1 
ATOM   55   C CB  . LYS A 1 8   ? -10.074 0.814   2.165   1.00 15.20 ? 8   LYS A CB  1 
ATOM   56   C CG  . LYS A 1 8   ? -11.348 0.027   2.310   1.00 19.05 ? 8   LYS A CG  1 
ATOM   57   C CD  . LYS A 1 8   ? -12.465 1.000   2.478   1.00 21.17 ? 8   LYS A CD  1 
ATOM   58   C CE  . LYS A 1 8   ? -13.743 0.290   2.865   1.00 25.64 ? 8   LYS A CE  1 
ATOM   59   N NZ  . LYS A 1 8   ? -14.776 1.304   3.174   1.00 29.41 ? 8   LYS A NZ  1 
ATOM   60   N N   . TYR A 1 9   ? -8.366  3.321   1.550   1.00 11.25 ? 9   TYR A N   1 
ATOM   61   C CA  . TYR A 1 9   ? -7.170  4.143   1.388   1.00 10.63 ? 9   TYR A CA  1 
ATOM   62   C C   . TYR A 1 9   ? -6.676  4.585   2.748   1.00 12.73 ? 9   TYR A C   1 
ATOM   63   O O   . TYR A 1 9   ? -7.455  4.696   3.699   1.00 14.04 ? 9   TYR A O   1 
ATOM   64   C CB  . TYR A 1 9   ? -7.428  5.362   0.485   1.00 11.37 ? 9   TYR A CB  1 
ATOM   65   C CG  . TYR A 1 9   ? -7.799  5.005   -0.920  1.00 10.68 ? 9   TYR A CG  1 
ATOM   66   C CD1 . TYR A 1 9   ? -9.113  4.737   -1.268  1.00 10.39 ? 9   TYR A CD1 1 
ATOM   67   C CD2 . TYR A 1 9   ? -6.829  4.847   -1.882  1.00 10.75 ? 9   TYR A CD2 1 
ATOM   68   C CE1 . TYR A 1 9   ? -9.447  4.342   -2.530  1.00 10.52 ? 9   TYR A CE1 1 
ATOM   69   C CE2 . TYR A 1 9   ? -7.157  4.503   -3.162  1.00 9.95  ? 9   TYR A CE2 1 
ATOM   70   C CZ  . TYR A 1 9   ? -8.468  4.223   -3.482  1.00 10.26 ? 9   TYR A CZ  1 
ATOM   71   O OH  . TYR A 1 9   ? -8.747  3.820   -4.768  1.00 11.24 ? 9   TYR A OH  1 
ATOM   72   N N   . SER A 1 10  ? -5.397  4.910   2.828   1.00 14.08 ? 10  SER A N   1 
ATOM   73   C CA  . SER A 1 10  ? -4.872  5.603   4.000   1.00 15.42 ? 10  SER A CA  1 
ATOM   74   C C   . SER A 1 10  ? -4.459  7.021   3.624   1.00 16.02 ? 10  SER A C   1 
ATOM   75   O O   . SER A 1 10  ? -4.192  7.329   2.469   1.00 16.30 ? 10  SER A O   1 
ATOM   76   C CB  . SER A 1 10  ? -3.695  4.837   4.575   1.00 17.68 ? 10  SER A CB  1 
ATOM   77   O OG  . SER A 1 10  ? -2.520  5.147   3.855   1.00 19.17 ? 10  SER A OG  1 
ATOM   78   N N   . LYS A 1 11  ? -4.318  7.880   4.640   1.00 17.34 ? 11  LYS A N   1 
ATOM   79   C CA  . LYS A 1 11  ? -3.820  9.243   4.431   1.00 19.80 ? 11  LYS A CA  1 
ATOM   80   C C   . LYS A 1 11  ? -2.364  9.296   3.988   1.00 19.47 ? 11  LYS A C   1 
ATOM   81   O O   . LYS A 1 11  ? -1.876  10.327  3.531   1.00 21.21 ? 11  LYS A O   1 
ATOM   82   C CB  . LYS A 1 11  ? -4.016  10.088  5.694   1.00 21.70 ? 11  LYS A CB  1 
ATOM   83   C CG  . LYS A 1 11  ? -5.476  10.347  6.042   1.00 29.76 ? 11  LYS A CG  1 
ATOM   84   C CD  . LYS A 1 11  ? -5.606  11.059  7.386   1.00 34.49 ? 11  LYS A CD  1 
ATOM   85   C CE  . LYS A 1 11  ? -5.893  10.060  8.500   1.00 38.61 ? 11  LYS A CE  1 
ATOM   86   N NZ  . LYS A 1 11  ? -7.055  9.179   8.179   1.00 35.46 ? 11  LYS A NZ  1 
ATOM   87   N N   . GLU A 1 12  ? -1.695  8.153   4.092   1.00 17.98 ? 12  GLU A N   1 
ATOM   88   C CA  . GLU A 1 12  ? -0.311  8.030   3.641   1.00 18.72 ? 12  GLU A CA  1 
ATOM   89   C C   . GLU A 1 12  ? -0.211  7.479   2.217   1.00 16.68 ? 12  GLU A C   1 
ATOM   90   O O   . GLU A 1 12  ? 0.858   7.031   1.789   1.00 16.16 ? 12  GLU A O   1 
ATOM   91   C CB  . GLU A 1 12  ? 0.489   7.155   4.607   1.00 19.31 ? 12  GLU A CB  1 
ATOM   92   C CG  . GLU A 1 12  ? 0.586   7.722   6.033   1.00 24.72 ? 12  GLU A CG  1 
ATOM   93   C CD  . GLU A 1 12  ? 1.405   8.998   6.126   1.00 34.24 ? 12  GLU A CD  1 
ATOM   94   O OE1 . GLU A 1 12  ? 1.691   9.628   5.083   1.00 35.09 ? 12  GLU A OE1 1 
ATOM   95   O OE2 . GLU A 1 12  ? 1.751   9.386   7.265   1.00 42.82 ? 12  GLU A OE2 1 
ATOM   96   N N   . HIS A 1 13  ? -1.325  7.490   1.491   1.00 15.20 ? 13  HIS A N   1 
ATOM   97   C CA  . HIS A 1 13  ? -1.361  7.139   0.067   1.00 14.00 ? 13  HIS A CA  1 
ATOM   98   C C   . HIS A 1 13  ? -1.121  5.659   -0.199  1.00 12.76 ? 13  HIS A C   1 
ATOM   99   O O   . HIS A 1 13  ? -0.582  5.265   -1.236  1.00 14.94 ? 13  HIS A O   1 
ATOM   100  C CB  . HIS A 1 13  ? -0.413  8.013   -0.754  1.00 14.57 ? 13  HIS A CB  1 
ATOM   101  C CG  . HIS A 1 13  ? -0.587  9.479   -0.501  1.00 15.34 ? 13  HIS A CG  1 
ATOM   102  N ND1 . HIS A 1 13  ? -1.641  10.193  -1.020  1.00 16.80 ? 13  HIS A ND1 1 
ATOM   103  C CD2 . HIS A 1 13  ? 0.125   10.353  0.253   1.00 18.99 ? 13  HIS A CD2 1 
ATOM   104  C CE1 . HIS A 1 13  ? -1.564  11.450  -0.616  1.00 17.68 ? 13  HIS A CE1 1 
ATOM   105  N NE2 . HIS A 1 13  ? -0.518  11.567  0.179   1.00 20.48 ? 13  HIS A NE2 1 
ATOM   106  N N   . GLU A 1 14  ? -1.639  4.840   0.687   1.00 13.48 ? 14  GLU A N   1 
ATOM   107  C CA  . GLU A 1 14  ? -1.756  3.416   0.463   1.00 12.94 ? 14  GLU A CA  1 
ATOM   108  C C   . GLU A 1 14  ? -3.168  3.030   0.139   1.00 12.24 ? 14  GLU A C   1 
ATOM   109  O O   . GLU A 1 14  ? -4.102  3.778   0.507   1.00 13.83 ? 14  GLU A O   1 
ATOM   110  C CB  . GLU A 1 14  ? -1.269  2.676   1.685   1.00 15.33 ? 14  GLU A CB  1 
ATOM   111  C CG  . GLU A 1 14  ? 0.230   2.975   1.831   1.00 20.82 ? 14  GLU A CG  1 
ATOM   112  C CD  . GLU A 1 14  ? 0.805   2.675   3.170   1.00 28.46 ? 14  GLU A CD  1 
ATOM   113  O OE1 . GLU A 1 14  ? 1.546   3.544   3.685   1.00 29.43 ? 14  GLU A OE1 1 
ATOM   114  O OE2 . GLU A 1 14  ? 0.651   1.532   3.622   1.00 30.16 ? 14  GLU A OE2 1 
ATOM   115  N N   . TRP A 1 15  ? -3.348  1.932   -0.587  1.00 11.27 ? 15  TRP A N   1 
ATOM   116  C CA  . TRP A 1 15  ? -4.685  1.350   -0.754  1.00 10.92 ? 15  TRP A CA  1 
ATOM   117  C C   . TRP A 1 15  ? -4.726  -0.030  -0.145  1.00 12.40 ? 15  TRP A C   1 
ATOM   118  O O   . TRP A 1 15  ? -3.669  -0.692  0.037   1.00 11.52 ? 15  TRP A O   1 
ATOM   119  C CB  . TRP A 1 15  ? -5.093  1.283   -2.222  1.00 11.06 ? 15  TRP A CB  1 
ATOM   120  C CG  . TRP A 1 15  ? -4.095  0.528   -3.111  1.00 10.34 ? 15  TRP A CG  1 
ATOM   121  C CD1 . TRP A 1 15  ? -3.063  1.075   -3.796  1.00 10.83 ? 15  TRP A CD1 1 
ATOM   122  C CD2 . TRP A 1 15  ? -4.025  -0.900  -3.355  1.00 9.50  ? 15  TRP A CD2 1 
ATOM   123  N NE1 . TRP A 1 15  ? -2.371  0.097   -4.495  1.00 9.45  ? 15  TRP A NE1 1 
ATOM   124  C CE2 . TRP A 1 15  ? -2.965  -1.112  -4.257  1.00 10.51 ? 15  TRP A CE2 1 
ATOM   125  C CE3 . TRP A 1 15  ? -4.794  -1.995  -2.947  1.00 10.18 ? 15  TRP A CE3 1 
ATOM   126  C CZ2 . TRP A 1 15  ? -2.616  -2.389  -4.724  1.00 9.97  ? 15  TRP A CZ2 1 
ATOM   127  C CZ3 . TRP A 1 15  ? -4.455  -3.268  -3.415  1.00 11.73 ? 15  TRP A CZ3 1 
ATOM   128  C CH2 . TRP A 1 15  ? -3.344  -3.455  -4.267  1.00 11.14 ? 15  TRP A CH2 1 
ATOM   129  N N   . LEU A 1 16  ? -5.942  -0.461  0.173   1.00 11.30 ? 16  LEU A N   1 
ATOM   130  C CA  . LEU A 1 16  ? -6.194  -1.793  0.701   1.00 13.06 ? 16  LEU A CA  1 
ATOM   131  C C   . LEU A 1 16  ? -7.368  -2.409  -0.030  1.00 13.83 ? 16  LEU A C   1 
ATOM   132  O O   . LEU A 1 16  ? -8.401  -1.762  -0.230  1.00 13.76 ? 16  LEU A O   1 
ATOM   133  C CB  . LEU A 1 16  ? -6.574  -1.746  2.176   1.00 16.95 ? 16  LEU A CB  1 
ATOM   134  C CG  . LEU A 1 16  ? -5.527  -1.147  3.065   1.00 17.17 ? 16  LEU A CG  1 
ATOM   135  C CD1 . LEU A 1 16  ? -5.725  0.361   3.128   1.00 18.21 ? 16  LEU A CD1 1 
ATOM   136  C CD2 . LEU A 1 16  ? -5.617  -1.766  4.471   1.00 20.76 ? 16  LEU A CD2 1 
ATOM   137  N N   . ARG A 1 17  ? -7.235  -3.697  -0.326  1.00 11.98 ? 17  ARG A N   1 
ATOM   138  C CA  . ARG A 1 17  ? -8.271  -4.452  -1.029  1.00 12.68 ? 17  ARG A CA  1 
ATOM   139  C C   . ARG A 1 17  ? -8.535  -5.712  -0.222  1.00 13.38 ? 17  ARG A C   1 
ATOM   140  O O   . ARG A 1 17  ? -7.628  -6.553  -0.039  1.00 13.10 ? 17  ARG A O   1 
ATOM   141  C CB  . ARG A 1 17  ? -7.792  -4.832  -2.429  1.00 14.40 ? 17  ARG A CB  1 
ATOM   142  C CG  . ARG A 1 17  ? -8.881  -5.488  -3.284  1.00 15.14 ? 17  ARG A CG  1 
ATOM   143  C CD  . ARG A 1 17  ? -8.357  -5.833  -4.676  1.00 16.11 ? 17  ARG A CD  1 
ATOM   144  N NE  . ARG A 1 17  ? -7.319  -6.853  -4.560  1.00 17.95 ? 17  ARG A NE  1 
ATOM   145  C CZ  . ARG A 1 17  ? -6.169  -6.887  -5.234  1.00 17.27 ? 17  ARG A CZ  1 
ATOM   146  N NH1 . ARG A 1 17  ? -5.774  -5.881  -6.001  1.00 17.32 ? 17  ARG A NH1 1 
ATOM   147  N NH2 . ARG A 1 17  ? -5.381  -7.933  -5.056  1.00 19.09 ? 17  ARG A NH2 1 
ATOM   148  N N   . LYS A 1 18  ? -9.779  -5.902  0.220   1.00 14.33 ? 18  LYS A N   1 
ATOM   149  C CA  . LYS A 1 18  ? -10.155 -7.128  0.900   1.00 14.97 ? 18  LYS A CA  1 
ATOM   150  C C   . LYS A 1 18  ? -10.232 -8.312  -0.064  1.00 15.67 ? 18  LYS A C   1 
ATOM   151  O O   . LYS A 1 18  ? -10.832 -8.216  -1.137  1.00 17.02 ? 18  LYS A O   1 
ATOM   152  C CB  . LYS A 1 18  ? -11.490 -6.952  1.616   1.00 17.68 ? 18  LYS A CB  1 
ATOM   153  C CG  . LYS A 1 18  ? -11.743 -8.033  2.649   1.00 21.79 ? 18  LYS A CG  1 
ATOM   154  C CD  . LYS A 1 18  ? -13.064 -7.820  3.375   1.00 29.56 ? 18  LYS A CD  1 
ATOM   155  C CE  . LYS A 1 18  ? -13.146 -8.681  4.631   1.00 35.33 ? 18  LYS A CE  1 
ATOM   156  N NZ  . LYS A 1 18  ? -14.551 -8.758  5.143   1.00 38.48 ? 18  LYS A NZ  1 
ATOM   157  N N   . GLU A 1 19  ? -9.579  -9.413  0.278   1.00 15.05 ? 19  GLU A N   1 
ATOM   158  C CA  . GLU A 1 19  ? -9.646  -10.639 -0.495  1.00 16.13 ? 19  GLU A CA  1 
ATOM   159  C C   . GLU A 1 19  ? -10.724 -11.575 0.040   1.00 16.82 ? 19  GLU A C   1 
ATOM   160  O O   . GLU A 1 19  ? -11.289 -11.342 1.103   1.00 17.28 ? 19  GLU A O   1 
ATOM   161  C CB  . GLU A 1 19  ? -8.299  -11.337 -0.423  1.00 16.57 ? 19  GLU A CB  1 
ATOM   162  C CG  . GLU A 1 19  ? -7.123  -10.468 -0.902  1.00 17.34 ? 19  GLU A CG  1 
ATOM   163  C CD  . GLU A 1 19  ? -7.180  -10.146 -2.390  1.00 19.61 ? 19  GLU A CD  1 
ATOM   164  O OE1 . GLU A 1 19  ? -6.480  -9.191  -2.802  1.00 17.96 ? 19  GLU A OE1 1 
ATOM   165  O OE2 . GLU A 1 19  ? -7.799  -10.908 -3.172  1.00 24.39 ? 19  GLU A OE2 1 
ATOM   166  N N   . ALA A 1 20  ? -11.005 -12.626 -0.723  1.00 18.26 ? 20  ALA A N   1 
ATOM   167  C CA  . ALA A 1 20  ? -12.098 -13.551 -0.395  1.00 20.23 ? 20  ALA A CA  1 
ATOM   168  C C   . ALA A 1 20  ? -11.980 -14.176 0.993   1.00 21.56 ? 20  ALA A C   1 
ATOM   169  O O   . ALA A 1 20  ? -13.003 -14.486 1.630   1.00 23.49 ? 20  ALA A O   1 
ATOM   170  C CB  . ALA A 1 20  ? -12.216 -14.648 -1.475  1.00 21.65 ? 20  ALA A CB  1 
ATOM   171  N N   . ASP A 1 21  ? -10.749 -14.436 1.438   1.00 18.99 ? 21  ASP A N   1 
ATOM   172  C CA  . ASP A 1 21  ? -10.533 -15.051 2.748   1.00 20.72 ? 21  ASP A CA  1 
ATOM   173  C C   . ASP A 1 21  ? -10.478 -14.040 3.878   1.00 19.24 ? 21  ASP A C   1 
ATOM   174  O O   . ASP A 1 21  ? -10.251 -14.407 5.034   1.00 19.04 ? 21  ASP A O   1 
ATOM   175  C CB  . ASP A 1 21  ? -9.276  -15.914 2.759   1.00 22.59 ? 21  ASP A CB  1 
ATOM   176  C CG  . ASP A 1 21  ? -8.006  -15.110 2.553   1.00 25.12 ? 21  ASP A CG  1 
ATOM   177  O OD1 . ASP A 1 21  ? -8.084  -13.867 2.411   1.00 22.30 ? 21  ASP A OD1 1 
ATOM   178  O OD2 . ASP A 1 21  ? -6.912  -15.715 2.611   1.00 31.23 ? 21  ASP A OD2 1 
ATOM   179  N N   . GLY A 1 22  ? -10.615 -12.760 3.538   1.00 17.27 ? 22  GLY A N   1 
ATOM   180  C CA  . GLY A 1 22  ? -10.641 -11.702 4.534   1.00 18.40 ? 22  GLY A CA  1 
ATOM   181  C C   . GLY A 1 22  ? -9.324  -10.962 4.729   1.00 17.54 ? 22  GLY A C   1 
ATOM   182  O O   . GLY A 1 22  ? -9.292  -9.920  5.398   1.00 19.10 ? 22  GLY A O   1 
ATOM   183  N N   . THR A 1 23  ? -8.243  -11.516 4.189   1.00 15.93 ? 23  THR A N   1 
ATOM   184  C CA  . THR A 1 23  ? -6.951  -10.800 4.208   1.00 16.94 ? 23  THR A CA  1 
ATOM   185  C C   . THR A 1 23  ? -7.020  -9.565  3.324   1.00 16.47 ? 23  THR A C   1 
ATOM   186  O O   . THR A 1 23  ? -7.853  -9.478  2.417   1.00 16.78 ? 23  THR A O   1 
ATOM   187  C CB  . THR A 1 23  ? -5.817  -11.663 3.701   1.00 18.01 ? 23  THR A CB  1 
ATOM   188  O OG1 . THR A 1 23  ? -6.075  -12.045 2.364   1.00 21.77 ? 23  THR A OG1 1 
ATOM   189  C CG2 . THR A 1 23  ? -5.653  -12.919 4.559   1.00 21.35 ? 23  THR A CG2 1 
ATOM   190  N N   . TYR A 1 24  ? -6.133  -8.609  3.575   1.00 12.89 ? 24  TYR A N   1 
ATOM   191  C CA  . TYR A 1 24  ? -6.032  -7.404  2.758   1.00 13.25 ? 24  TYR A CA  1 
ATOM   192  C C   . TYR A 1 24  ? -4.757  -7.376  1.953   1.00 11.47 ? 24  TYR A C   1 
ATOM   193  O O   . TYR A 1 24  ? -3.648  -7.585  2.478   1.00 14.47 ? 24  TYR A O   1 
ATOM   194  C CB  . TYR A 1 24  ? -6.114  -6.143  3.618   1.00 15.21 ? 24  TYR A CB  1 
ATOM   195  C CG  . TYR A 1 24  ? -7.486  -5.904  4.178   1.00 17.96 ? 24  TYR A CG  1 
ATOM   196  C CD1 . TYR A 1 24  ? -8.401  -5.084  3.503   1.00 18.75 ? 24  TYR A CD1 1 
ATOM   197  C CD2 . TYR A 1 24  ? -7.871  -6.484  5.381   1.00 20.26 ? 24  TYR A CD2 1 
ATOM   198  C CE1 . TYR A 1 24  ? -9.701  -4.900  3.984   1.00 22.30 ? 24  TYR A CE1 1 
ATOM   199  C CE2 . TYR A 1 24  ? -9.187  -6.324  5.861   1.00 24.91 ? 24  TYR A CE2 1 
ATOM   200  C CZ  . TYR A 1 24  ? -10.075 -5.541  5.150   1.00 22.55 ? 24  TYR A CZ  1 
ATOM   201  O OH  . TYR A 1 24  ? -11.340 -5.316  5.672   1.00 30.81 ? 24  TYR A OH  1 
ATOM   202  N N   . THR A 1 25  ? -4.883  -6.966  0.713   1.00 12.01 ? 25  THR A N   1 
ATOM   203  C CA  . THR A 1 25  ? -3.732  -6.669  -0.131  1.00 10.67 ? 25  THR A CA  1 
ATOM   204  C C   . THR A 1 25  ? -3.484  -5.163  -0.081  1.00 11.15 ? 25  THR A C   1 
ATOM   205  O O   . THR A 1 25  ? -4.447  -4.365  -0.080  1.00 11.64 ? 25  THR A O   1 
ATOM   206  C CB  . THR A 1 25  ? -4.028  -7.090  -1.541  1.00 11.23 ? 25  THR A CB  1 
ATOM   207  O OG1 . THR A 1 25  ? -4.341  -8.489  -1.544  1.00 13.20 ? 25  THR A OG1 1 
ATOM   208  C CG2 . THR A 1 25  ? -2.846  -6.841  -2.466  1.00 13.40 ? 25  THR A CG2 1 
ATOM   209  N N   . VAL A 1 26  ? -2.222  -4.766  0.030   1.00 10.00 ? 26  VAL A N   1 
ATOM   210  C CA  . VAL A 1 26  ? -1.846  -3.375  0.235   1.00 9.57  ? 26  VAL A CA  1 
ATOM   211  C C   . VAL A 1 26  ? -0.839  -2.958  -0.832  1.00 9.70  ? 26  VAL A C   1 
ATOM   212  O O   . VAL A 1 26  ? 0.094   -3.713  -1.164  1.00 10.04 ? 26  VAL A O   1 
ATOM   213  C CB  . VAL A 1 26  ? -1.238  -3.183  1.595   1.00 11.27 ? 26  VAL A CB  1 
ATOM   214  C CG1 . VAL A 1 26  ? -0.884  -1.734  1.807   1.00 12.01 ? 26  VAL A CG1 1 
ATOM   215  C CG2 . VAL A 1 26  ? -2.195  -3.680  2.683   1.00 12.65 ? 26  VAL A CG2 1 
ATOM   216  N N   . GLY A 1 27  ? -1.036  -1.776  -1.399  1.00 9.35  ? 27  GLY A N   1 
ATOM   217  C CA  . GLY A 1 27  ? -0.037  -1.156  -2.257  1.00 9.58  ? 27  GLY A CA  1 
ATOM   218  C C   . GLY A 1 27  ? -0.097  0.351   -2.125  1.00 8.61  ? 27  GLY A C   1 
ATOM   219  O O   . GLY A 1 27  ? -0.725  0.867   -1.169  1.00 10.05 ? 27  GLY A O   1 
ATOM   220  N N   . ILE A 1 28  ? 0.563   1.060   -3.040  1.00 9.13  ? 28  ILE A N   1 
ATOM   221  C CA  . ILE A 1 28  ? 0.512   2.516   -3.013  1.00 10.71 ? 28  ILE A CA  1 
ATOM   222  C C   . ILE A 1 28  ? -0.327  2.989   -4.183  1.00 10.12 ? 28  ILE A C   1 
ATOM   223  O O   . ILE A 1 28  ? -0.512  2.299   -5.178  1.00 10.17 ? 28  ILE A O   1 
ATOM   224  C CB  . ILE A 1 28  ? 1.911   3.180   -3.002  1.00 10.03 ? 28  ILE A CB  1 
ATOM   225  C CG1 . ILE A 1 28  ? 2.655   3.012   -4.323  1.00 12.08 ? 28  ILE A CG1 1 
ATOM   226  C CG2 . ILE A 1 28  ? 2.728   2.710   -1.799  1.00 13.68 ? 28  ILE A CG2 1 
ATOM   227  C CD1 . ILE A 1 28  ? 4.028   3.774   -4.394  1.00 12.54 ? 28  ILE A CD1 1 
ATOM   228  N N   . THR A 1 29  ? -0.856  4.208   -4.077  1.00 10.67 ? 29  THR A N   1 
ATOM   229  C CA  . THR A 1 29  ? -1.791  4.693   -5.080  1.00 10.25 ? 29  THR A CA  1 
ATOM   230  C C   . THR A 1 29  ? -1.116  5.212   -6.353  1.00 10.48 ? 29  THR A C   1 
ATOM   231  O O   . THR A 1 29  ? 0.108   5.415   -6.394  1.00 10.81 ? 29  THR A O   1 
ATOM   232  C CB  . THR A 1 29  ? -2.659  5.818   -4.501  1.00 10.53 ? 29  THR A CB  1 
ATOM   233  O OG1 . THR A 1 29  ? -1.809  6.926   -4.167  1.00 11.04 ? 29  THR A OG1 1 
ATOM   234  C CG2 . THR A 1 29  ? -3.428  5.359   -3.256  1.00 13.15 ? 29  THR A CG2 1 
ATOM   235  N N   . GLU A 1 30  ? -1.926  5.450   -7.382  1.00 11.13 ? 30  GLU A N   1 
ATOM   236  C CA  . GLU A 1 30  ? -1.429  6.055   -8.604  1.00 11.63 ? 30  GLU A CA  1 
ATOM   237  C C   . GLU A 1 30  ? -0.770  7.401   -8.290  1.00 12.13 ? 30  GLU A C   1 
ATOM   238  O O   . GLU A 1 30  ? 0.279   7.723   -8.831  1.00 12.41 ? 30  GLU A O   1 
ATOM   239  C CB  . GLU A 1 30  ? -2.574  6.176   -9.611  1.00 14.11 ? 30  GLU A CB  1 
ATOM   240  C CG  . GLU A 1 30  ? -2.243  7.013   -10.840 1.00 20.24 ? 30  GLU A CG  1 
ATOM   241  C CD  . GLU A 1 30  ? -1.211  6.401   -11.729 1.00 31.50 ? 30  GLU A CD  1 
ATOM   242  O OE1 . GLU A 1 30  ? -1.060  5.161   -11.718 1.00 34.90 ? 30  GLU A OE1 1 
ATOM   243  O OE2 . GLU A 1 30  ? -0.591  7.174   -12.499 1.00 34.91 ? 30  GLU A OE2 1 
ATOM   244  N N   . HIS A 1 31  ? -1.406  8.201   -7.439  1.00 11.63 ? 31  HIS A N   1 
ATOM   245  C CA  . HIS A 1 31  ? -0.829  9.468   -7.037  1.00 13.18 ? 31  HIS A CA  1 
ATOM   246  C C   . HIS A 1 31  ? 0.540   9.310   -6.382  1.00 12.34 ? 31  HIS A C   1 
ATOM   247  O O   . HIS A 1 31  ? 1.487   10.003  -6.721  1.00 12.47 ? 31  HIS A O   1 
ATOM   248  C CB  . HIS A 1 31  ? -1.815  10.199  -6.113  1.00 14.33 ? 31  HIS A CB  1 
ATOM   249  C CG  . HIS A 1 31  ? -1.375  11.569  -5.699  1.00 18.16 ? 31  HIS A CG  1 
ATOM   250  N ND1 . HIS A 1 31  ? -1.069  11.882  -4.394  1.00 21.68 ? 31  HIS A ND1 1 
ATOM   251  C CD2 . HIS A 1 31  ? -1.246  12.715  -6.402  1.00 20.98 ? 31  HIS A CD2 1 
ATOM   252  C CE1 . HIS A 1 31  ? -0.764  13.167  -4.309  1.00 19.36 ? 31  HIS A CE1 1 
ATOM   253  N NE2 . HIS A 1 31  ? -0.844  13.690  -5.517  1.00 23.11 ? 31  HIS A NE2 1 
ATOM   254  N N   . ALA A 1 32  ? 0.655   8.330   -5.492  1.00 11.91 ? 32  ALA A N   1 
ATOM   255  C CA  . ALA A 1 32  ? 1.911   8.092   -4.812  1.00 12.41 ? 32  ALA A CA  1 
ATOM   256  C C   . ALA A 1 32  ? 3.016   7.740   -5.794  1.00 10.81 ? 32  ALA A C   1 
ATOM   257  O O   . ALA A 1 32  ? 4.124   8.244   -5.697  1.00 12.32 ? 32  ALA A O   1 
ATOM   258  C CB  . ALA A 1 32  ? 1.761   6.978   -3.790  1.00 12.51 ? 32  ALA A CB  1 
ATOM   259  N N   . GLN A 1 33  ? 2.755   6.801   -6.709  1.00 10.12 ? 33  GLN A N   1 
ATOM   260  C CA  . GLN A 1 33  ? 3.823   6.398   -7.608  1.00 12.03 ? 33  GLN A CA  1 
ATOM   261  C C   . GLN A 1 33  ? 4.217   7.524   -8.529  1.00 11.96 ? 33  GLN A C   1 
ATOM   262  O O   . GLN A 1 33  ? 5.396   7.674   -8.859  1.00 12.75 ? 33  GLN A O   1 
ATOM   263  C CB  . GLN A 1 33  ? 3.470   5.114   -8.373  1.00 11.45 ? 33  GLN A CB  1 
ATOM   264  C CG  . GLN A 1 33  ? 2.371   5.173   -9.432  1.00 11.56 ? 33  GLN A CG  1 
ATOM   265  C CD  . GLN A 1 33  ? 2.800   5.876   -10.718 1.00 12.79 ? 33  GLN A CD  1 
ATOM   266  O OE1 . GLN A 1 33  ? 3.958   5.842   -11.108 1.00 12.91 ? 33  GLN A OE1 1 
ATOM   267  N NE2 . GLN A 1 33  ? 1.853   6.551   -11.373 1.00 15.21 ? 33  GLN A NE2 1 
ATOM   268  N N   . GLU A 1 34  ? 3.246   8.348   -8.913  1.00 12.42 ? 34  GLU A N   1 
ATOM   269  C CA  . GLU A 1 34  ? 3.527   9.481   -9.790  1.00 14.07 ? 34  GLU A CA  1 
ATOM   270  C C   . GLU A 1 34  ? 4.483   10.471  -9.117  1.00 13.81 ? 34  GLU A C   1 
ATOM   271  O O   . GLU A 1 34  ? 5.395   11.014  -9.758  1.00 15.07 ? 34  GLU A O   1 
ATOM   272  C CB  . GLU A 1 34  ? 2.216   10.183  -10.153 1.00 16.45 ? 34  GLU A CB  1 
ATOM   273  C CG  . GLU A 1 34  ? 2.380   11.219  -11.242 1.00 25.02 ? 34  GLU A CG  1 
ATOM   274  C CD  . GLU A 1 34  ? 2.850   10.590  -12.549 1.00 36.85 ? 34  GLU A CD  1 
ATOM   275  O OE1 . GLU A 1 34  ? 3.969   10.926  -13.003 1.00 41.66 ? 34  GLU A OE1 1 
ATOM   276  O OE2 . GLU A 1 34  ? 2.138   9.700   -13.076 1.00 42.67 ? 34  GLU A OE2 1 
ATOM   277  N N   . LEU A 1 35  ? 4.269   10.703  -7.828  1.00 12.67 ? 35  LEU A N   1 
ATOM   278  C CA  . LEU A 1 35  ? 5.097   11.643  -7.090  1.00 14.16 ? 35  LEU A CA  1 
ATOM   279  C C   . LEU A 1 35  ? 6.483   11.092  -6.849  1.00 15.68 ? 35  LEU A C   1 
ATOM   280  O O   . LEU A 1 35  ? 7.458   11.838  -6.844  1.00 15.41 ? 35  LEU A O   1 
ATOM   281  C CB  . LEU A 1 35  ? 4.430   12.032  -5.771  1.00 16.90 ? 35  LEU A CB  1 
ATOM   282  C CG  . LEU A 1 35  ? 3.376   13.135  -5.925  1.00 21.59 ? 35  LEU A CG  1 
ATOM   283  C CD1 . LEU A 1 35  ? 2.590   13.275  -4.630  1.00 27.17 ? 35  LEU A CD1 1 
ATOM   284  C CD2 . LEU A 1 35  ? 3.999   14.477  -6.334  1.00 25.12 ? 35  LEU A CD2 1 
ATOM   285  N N   . LEU A 1 36  ? 6.585   9.797   -6.567  1.00 13.69 ? 36  LEU A N   1 
ATOM   286  C CA  . LEU A 1 36  ? 7.912   9.192   -6.395  1.00 14.07 ? 36  LEU A CA  1 
ATOM   287  C C   . LEU A 1 36  ? 8.727   9.142   -7.673  1.00 13.47 ? 36  LEU A C   1 
ATOM   288  O O   . LEU A 1 36  ? 9.944   9.393   -7.645  1.00 16.02 ? 36  LEU A O   1 
ATOM   289  C CB  . LEU A 1 36  ? 7.807   7.763   -5.854  1.00 14.01 ? 36  LEU A CB  1 
ATOM   290  C CG  . LEU A 1 36  ? 7.405   7.703   -4.399  1.00 16.85 ? 36  LEU A CG  1 
ATOM   291  C CD1 . LEU A 1 36  ? 6.955   6.271   -4.065  1.00 17.67 ? 36  LEU A CD1 1 
ATOM   292  C CD2 . LEU A 1 36  ? 8.580   8.167   -3.485  1.00 19.77 ? 36  LEU A CD2 1 
ATOM   293  N N   . GLY A 1 37  ? 8.089   8.875   -8.799  1.00 13.72 ? 37  GLY A N   1 
ATOM   294  C CA  . GLY A 1 37  ? 8.826   8.701   -10.054 1.00 14.22 ? 37  GLY A CA  1 
ATOM   295  C C   . GLY A 1 37  ? 9.294   7.268   -10.247 1.00 12.54 ? 37  GLY A C   1 
ATOM   296  O O   . GLY A 1 37  ? 8.794   6.342   -9.593  1.00 12.45 ? 37  GLY A O   1 
ATOM   297  N N   . ASP A 1 38  ? 10.265  7.099   -11.136 1.00 13.61 ? 38  ASP A N   1 
ATOM   298  C CA  . ASP A 1 38  ? 10.647  5.782   -11.679 1.00 13.70 ? 38  ASP A CA  1 
ATOM   299  C C   . ASP A 1 38  ? 11.232  4.925   -10.587 1.00 12.11 ? 38  ASP A C   1 
ATOM   300  O O   . ASP A 1 38  ? 12.276  5.249   -10.038 1.00 11.94 ? 38  ASP A O   1 
ATOM   301  C CB  . ASP A 1 38  ? 11.697  6.002   -12.781 1.00 15.22 ? 38  ASP A CB  1 
ATOM   302  C CG  . ASP A 1 38  ? 11.904  4.796   -13.654 1.00 23.35 ? 38  ASP A CG  1 
ATOM   303  O OD1 . ASP A 1 38  ? 12.579  4.955   -14.702 1.00 27.89 ? 38  ASP A OD1 1 
ATOM   304  O OD2 . ASP A 1 38  ? 11.354  3.721   -13.350 1.00 29.95 ? 38  ASP A OD2 1 
ATOM   305  N N   . MET A 1 39  ? 10.548  3.832   -10.266 1.00 10.66 ? 39  MET A N   1 
ATOM   306  C CA  . MET A 1 39  ? 10.908  3.036   -9.104  1.00 10.80 ? 39  MET A CA  1 
ATOM   307  C C   . MET A 1 39  ? 12.160  2.211   -9.364  1.00 11.04 ? 39  MET A C   1 
ATOM   308  O O   . MET A 1 39  ? 12.292  1.622   -10.461 1.00 15.03 ? 39  MET A O   1 
ATOM   309  C CB  . MET A 1 39  ? 9.774   2.085   -8.717  1.00 12.77 ? 39  MET A CB  1 
ATOM   310  C CG  . MET A 1 39  ? 9.602   1.910   -7.244  1.00 13.83 ? 39  MET A CG  1 
ATOM   311  S SD  . MET A 1 39  ? 9.206   3.412   -6.335  1.00 14.43 ? 39  MET A SD  1 
ATOM   312  C CE  . MET A 1 39  ? 7.622   3.883   -7.032  1.00 17.80 ? 39  MET A CE  1 
ATOM   313  N N   . VAL A 1 40  ? 13.042  2.113   -8.375  1.00 10.59 ? 40  VAL A N   1 
ATOM   314  C CA  . VAL A 1 40  ? 14.248  1.289   -8.506  1.00 10.92 ? 40  VAL A CA  1 
ATOM   315  C C   . VAL A 1 40  ? 14.390  0.241   -7.423  1.00 11.75 ? 40  VAL A C   1 
ATOM   316  O O   . VAL A 1 40  ? 15.169  -0.697  -7.587  1.00 12.21 ? 40  VAL A O   1 
ATOM   317  C CB  . VAL A 1 40  ? 15.539  2.155   -8.555  1.00 12.11 ? 40  VAL A CB  1 
ATOM   318  C CG1 . VAL A 1 40  ? 15.462  3.140   -9.709  1.00 14.95 ? 40  VAL A CG1 1 
ATOM   319  C CG2 . VAL A 1 40  ? 15.792  2.878   -7.212  1.00 14.59 ? 40  VAL A CG2 1 
ATOM   320  N N   . PHE A 1 41  ? 13.645  0.342   -6.336  1.00 10.71 ? 41  PHE A N   1 
ATOM   321  C CA  . PHE A 1 41  ? 13.801  -0.614  -5.263  1.00 12.58 ? 41  PHE A CA  1 
ATOM   322  C C   . PHE A 1 41  ? 12.560  -0.589  -4.396  1.00 11.45 ? 41  PHE A C   1 
ATOM   323  O O   . PHE A 1 41  ? 12.025  0.479   -4.084  1.00 12.98 ? 41  PHE A O   1 
ATOM   324  C CB  . PHE A 1 41  ? 15.062  -0.271  -4.438  1.00 13.36 ? 41  PHE A CB  1 
ATOM   325  C CG  . PHE A 1 41  ? 15.204  -1.025  -3.146  1.00 16.31 ? 41  PHE A CG  1 
ATOM   326  C CD1 . PHE A 1 41  ? 15.279  -2.406  -3.133  1.00 19.13 ? 41  PHE A CD1 1 
ATOM   327  C CD2 . PHE A 1 41  ? 15.284  -0.342  -1.937  1.00 18.33 ? 41  PHE A CD2 1 
ATOM   328  C CE1 . PHE A 1 41  ? 15.486  -3.101  -1.937  1.00 18.05 ? 41  PHE A CE1 1 
ATOM   329  C CE2 . PHE A 1 41  ? 15.524  -1.024  -0.738  1.00 21.48 ? 41  PHE A CE2 1 
ATOM   330  C CZ  . PHE A 1 41  ? 15.603  -2.403  -0.740  1.00 18.96 ? 41  PHE A CZ  1 
ATOM   331  N N   . VAL A 1 42  ? 12.075  -1.761  -4.014  1.00 10.57 ? 42  VAL A N   1 
ATOM   332  C CA  . VAL A 1 42  ? 11.038  -1.885  -2.994  1.00 12.14 ? 42  VAL A CA  1 
ATOM   333  C C   . VAL A 1 42  ? 11.558  -2.843  -1.936  1.00 14.14 ? 42  VAL A C   1 
ATOM   334  O O   . VAL A 1 42  ? 11.883  -4.001  -2.239  1.00 15.04 ? 42  VAL A O   1 
ATOM   335  C CB  . VAL A 1 42  ? 9.713   -2.399  -3.586  1.00 11.77 ? 42  VAL A CB  1 
ATOM   336  C CG1 . VAL A 1 42  ? 8.658   -2.498  -2.479  1.00 15.00 ? 42  VAL A CG1 1 
ATOM   337  C CG2 . VAL A 1 42  ? 9.241   -1.474  -4.659  1.00 13.89 ? 42  VAL A CG2 1 
ATOM   338  N N   . ASP A 1 43  ? 11.704  -2.352  -0.719  1.00 12.93 ? 43  ASP A N   1 
ATOM   339  C CA  . ASP A 1 43  ? 12.170  -3.153  0.411   1.00 14.97 ? 43  ASP A CA  1 
ATOM   340  C C   . ASP A 1 43  ? 10.942  -3.794  1.046   1.00 14.41 ? 43  ASP A C   1 
ATOM   341  O O   . ASP A 1 43  ? 10.036  -3.087  1.498   1.00 15.69 ? 43  ASP A O   1 
ATOM   342  C CB  . ASP A 1 43  ? 12.903  -2.253  1.423   1.00 18.66 ? 43  ASP A CB  1 
ATOM   343  C CG  . ASP A 1 43  ? 13.706  -3.042  2.433   1.00 24.45 ? 43  ASP A CG  1 
ATOM   344  O OD1 . ASP A 1 43  ? 14.305  -2.390  3.326   1.00 32.40 ? 43  ASP A OD1 1 
ATOM   345  O OD2 . ASP A 1 43  ? 13.810  -4.281  2.288   1.00 29.57 ? 43  ASP A OD2 1 
ATOM   346  N N   . LEU A 1 44  ? 10.864  -5.115  1.013   1.00 13.32 ? 44  LEU A N   1 
ATOM   347  C CA  . LEU A 1 44  ? 9.639   -5.832  1.380   1.00 14.01 ? 44  LEU A CA  1 
ATOM   348  C C   . LEU A 1 44  ? 9.714   -6.244  2.845   1.00 14.89 ? 44  LEU A C   1 
ATOM   349  O O   . LEU A 1 44  ? 10.785  -6.545  3.342   1.00 16.92 ? 44  LEU A O   1 
ATOM   350  C CB  . LEU A 1 44  ? 9.506   -7.089  0.508   1.00 12.77 ? 44  LEU A CB  1 
ATOM   351  C CG  . LEU A 1 44  ? 9.273   -6.789  -0.972  1.00 14.09 ? 44  LEU A CG  1 
ATOM   352  C CD1 . LEU A 1 44  ? 9.348   -8.081  -1.749  1.00 15.58 ? 44  LEU A CD1 1 
ATOM   353  C CD2 . LEU A 1 44  ? 7.934   -6.107  -1.213  1.00 16.81 ? 44  LEU A CD2 1 
ATOM   354  N N   . PRO A 1 45  ? 8.553   -6.316  3.529   1.00 15.09 ? 45  PRO A N   1 
ATOM   355  C CA  . PRO A 1 45  ? 8.571   -6.865  4.880   1.00 17.23 ? 45  PRO A CA  1 
ATOM   356  C C   . PRO A 1 45  ? 8.822   -8.364  4.895   1.00 17.11 ? 45  PRO A C   1 
ATOM   357  O O   . PRO A 1 45  ? 8.785   -9.024  3.864   1.00 17.36 ? 45  PRO A O   1 
ATOM   358  C CB  . PRO A 1 45  ? 7.162   -6.554  5.410   1.00 18.48 ? 45  PRO A CB  1 
ATOM   359  C CG  . PRO A 1 45  ? 6.336   -6.503  4.242   1.00 16.70 ? 45  PRO A CG  1 
ATOM   360  C CD  . PRO A 1 45  ? 7.201   -5.937  3.114   1.00 14.92 ? 45  PRO A CD  1 
ATOM   361  N N   . GLU A 1 46  ? 9.086   -8.899  6.083   1.00 18.21 ? 46  GLU A N   1 
ATOM   362  C CA  . GLU A 1 46  ? 9.271   -10.325 6.272   1.00 18.94 ? 46  GLU A CA  1 
ATOM   363  C C   . GLU A 1 46  ? 7.917   -11.024 6.400   1.00 16.34 ? 46  GLU A C   1 
ATOM   364  O O   . GLU A 1 46  ? 7.086   -10.625 7.208   1.00 16.50 ? 46  GLU A O   1 
ATOM   365  C CB  . GLU A 1 46  ? 10.080  -10.561 7.540   1.00 21.23 ? 46  GLU A CB  1 
ATOM   366  C CG  . GLU A 1 46  ? 11.354  -11.332 7.311   1.00 32.04 ? 46  GLU A CG  1 
ATOM   367  C CD  . GLU A 1 46  ? 12.523  -10.693 8.012   1.00 41.74 ? 46  GLU A CD  1 
ATOM   368  O OE1 . GLU A 1 46  ? 12.574  -10.764 9.259   1.00 45.39 ? 46  GLU A OE1 1 
ATOM   369  O OE2 . GLU A 1 46  ? 13.374  -10.093 7.318   1.00 47.63 ? 46  GLU A OE2 1 
ATOM   370  N N   . VAL A 1 47  ? 7.701   -12.062 5.603   1.00 16.77 ? 47  VAL A N   1 
ATOM   371  C CA  . VAL A 1 47  ? 6.528   -12.901 5.806   1.00 16.77 ? 47  VAL A CA  1 
ATOM   372  C C   . VAL A 1 47  ? 6.533   -13.459 7.230   1.00 16.79 ? 47  VAL A C   1 
ATOM   373  O O   . VAL A 1 47  ? 7.569   -13.942 7.715   1.00 18.69 ? 47  VAL A O   1 
ATOM   374  C CB  . VAL A 1 47  ? 6.456   -14.023 4.779   1.00 17.91 ? 47  VAL A CB  1 
ATOM   375  C CG1 . VAL A 1 47  ? 5.356   -15.004 5.123   1.00 19.14 ? 47  VAL A CG1 1 
ATOM   376  C CG2 . VAL A 1 47  ? 6.275   -13.433 3.370   1.00 21.32 ? 47  VAL A CG2 1 
ATOM   377  N N   . GLY A 1 48  ? 5.395   -13.335 7.902   1.00 16.07 ? 48  GLY A N   1 
ATOM   378  C CA  . GLY A 1 48  ? 5.259   -13.783 9.285   1.00 18.13 ? 48  GLY A CA  1 
ATOM   379  C C   . GLY A 1 48  ? 5.474   -12.694 10.312  1.00 18.12 ? 48  GLY A C   1 
ATOM   380  O O   . GLY A 1 48  ? 5.200   -12.894 11.504  1.00 20.97 ? 48  GLY A O   1 
ATOM   381  N N   . ALA A 1 49  ? 5.958   -11.532 9.873   1.00 18.48 ? 49  ALA A N   1 
ATOM   382  C CA  . ALA A 1 49  ? 6.094   -10.396 10.777  1.00 18.55 ? 49  ALA A CA  1 
ATOM   383  C C   . ALA A 1 49  ? 4.753   -9.928  11.332  1.00 18.54 ? 49  ALA A C   1 
ATOM   384  O O   . ALA A 1 49  ? 3.731   -9.895  10.631  1.00 16.46 ? 49  ALA A O   1 
ATOM   385  C CB  . ALA A 1 49  ? 6.829   -9.240  10.089  1.00 19.97 ? 49  ALA A CB  1 
ATOM   386  N N   . THR A 1 50  ? 4.778   -9.498  12.583  1.00 18.91 ? 50  THR A N   1 
ATOM   387  C CA  . THR A 1 50  ? 3.628   -8.875  13.216  1.00 19.65 ? 50  THR A CA  1 
ATOM   388  C C   . THR A 1 50  ? 3.848   -7.385  13.308  1.00 20.50 ? 50  THR A C   1 
ATOM   389  O O   . THR A 1 50  ? 4.876   -6.920  13.815  1.00 23.36 ? 50  THR A O   1 
ATOM   390  C CB  . THR A 1 50  ? 3.389   -9.468  14.619  1.00 20.52 ? 50  THR A CB  1 
ATOM   391  O OG1 . THR A 1 50  ? 3.141   -10.868 14.479  1.00 24.50 ? 50  THR A OG1 1 
ATOM   392  C CG2 . THR A 1 50  ? 2.198   -8.811  15.284  1.00 23.68 ? 50  THR A CG2 1 
ATOM   393  N N   . VAL A 1 51  ? 2.878   -6.623  12.833  1.00 17.60 ? 51  VAL A N   1 
ATOM   394  C CA  . VAL A 1 51  ? 2.984   -5.177  12.809  1.00 17.41 ? 51  VAL A CA  1 
ATOM   395  C C   . VAL A 1 51  ? 1.769   -4.530  13.471  1.00 16.69 ? 51  VAL A C   1 
ATOM   396  O O   . VAL A 1 51  ? 0.700   -5.134  13.541  1.00 16.44 ? 51  VAL A O   1 
ATOM   397  C CB  . VAL A 1 51  ? 3.135   -4.645  11.353  1.00 18.85 ? 51  VAL A CB  1 
ATOM   398  C CG1 . VAL A 1 51  ? 4.465   -5.118  10.769  1.00 21.64 ? 51  VAL A CG1 1 
ATOM   399  C CG2 . VAL A 1 51  ? 1.980   -5.109  10.475  1.00 18.83 ? 51  VAL A CG2 1 
ATOM   400  N N   . SER A 1 52  ? 1.972   -3.337  14.028  1.00 16.91 ? 52  SER A N   1 
ATOM   401  C CA  . SER A 1 52  ? 0.877   -2.483  14.470  1.00 17.41 ? 52  SER A CA  1 
ATOM   402  C C   . SER A 1 52  ? 0.551   -1.486  13.382  1.00 16.51 ? 52  SER A C   1 
ATOM   403  O O   . SER A 1 52  ? 1.444   -1.040  12.645  1.00 16.98 ? 52  SER A O   1 
ATOM   404  C CB  . SER A 1 52  ? 1.284   -1.695  15.716  1.00 18.81 ? 52  SER A CB  1 
ATOM   405  O OG  . SER A 1 52  ? 1.384   -2.543  16.842  1.00 24.17 ? 52  SER A OG  1 
ATOM   406  N N   . ALA A 1 53  ? -0.690  -1.038  13.361  1.00 15.94 ? 53  ALA A N   1 
ATOM   407  C CA  . ALA A 1 53  ? -1.085  0.050   12.468  1.00 17.64 ? 53  ALA A CA  1 
ATOM   408  C C   . ALA A 1 53  ? -0.156  1.254   12.623  1.00 19.72 ? 53  ALA A C   1 
ATOM   409  O O   . ALA A 1 53  ? 0.098   1.722   13.737  1.00 19.19 ? 53  ALA A O   1 
ATOM   410  C CB  . ALA A 1 53  ? -2.516  0.444   12.744  1.00 19.69 ? 53  ALA A CB  1 
ATOM   411  N N   . GLY A 1 54  ? 0.360   1.758   11.506  1.00 18.80 ? 54  GLY A N   1 
ATOM   412  C CA  . GLY A 1 54  ? 1.298   2.882   11.509  1.00 20.13 ? 54  GLY A CA  1 
ATOM   413  C C   . GLY A 1 54  ? 2.765   2.505   11.546  1.00 20.49 ? 54  GLY A C   1 
ATOM   414  O O   . GLY A 1 54  ? 3.637   3.378   11.392  1.00 22.88 ? 54  GLY A O   1 
ATOM   415  N N   . ASP A 1 55  ? 3.082   1.235   11.777  1.00 19.55 ? 55  ASP A N   1 
ATOM   416  C CA  . ASP A 1 55  ? 4.479   0.791   11.765  1.00 22.38 ? 55  ASP A CA  1 
ATOM   417  C C   . ASP A 1 55  ? 5.012   0.917   10.332  1.00 22.21 ? 55  ASP A C   1 
ATOM   418  O O   . ASP A 1 55  ? 4.330   0.549   9.375   1.00 20.55 ? 55  ASP A O   1 
ATOM   419  C CB  . ASP A 1 55  ? 4.618   -0.672  12.220  1.00 22.37 ? 55  ASP A CB  1 
ATOM   420  C CG  . ASP A 1 55  ? 4.450   -0.866  13.737  1.00 24.86 ? 55  ASP A CG  1 
ATOM   421  O OD1 . ASP A 1 55  ? 4.355   0.122   14.503  1.00 23.71 ? 55  ASP A OD1 1 
ATOM   422  O OD2 . ASP A 1 55  ? 4.503   -2.041  14.156  1.00 25.30 ? 55  ASP A OD2 1 
ATOM   423  N N   . ASP A 1 56  ? 6.225   1.436   10.164  1.00 24.67 ? 56  ASP A N   1 
ATOM   424  C CA  . ASP A 1 56  ? 6.866   1.327   8.853   1.00 25.32 ? 56  ASP A CA  1 
ATOM   425  C C   . ASP A 1 56  ? 7.217   -0.127  8.592   1.00 25.81 ? 56  ASP A C   1 
ATOM   426  O O   . ASP A 1 56  ? 7.743   -0.808  9.466   1.00 28.73 ? 56  ASP A O   1 
ATOM   427  C CB  . ASP A 1 56  ? 8.101   2.233   8.736   1.00 28.81 ? 56  ASP A CB  1 
ATOM   428  C CG  . ASP A 1 56  ? 8.906   2.300   10.017  1.00 33.48 ? 56  ASP A CG  1 
ATOM   429  O OD1 . ASP A 1 56  ? 10.154  2.240   9.942   1.00 43.29 ? 56  ASP A OD1 1 
ATOM   430  O OD2 . ASP A 1 56  ? 8.298   2.440   11.100  1.00 42.80 ? 56  ASP A OD2 1 
ATOM   431  N N   . CYS A 1 57  ? 6.826   -0.638  7.431   1.00 20.34 ? 57  CYS A N   1 
ATOM   432  C CA  . CYS A 1 57  ? 7.048   -2.030  7.118   1.00 22.14 ? 57  CYS A CA  1 
ATOM   433  C C   . CYS A 1 57  ? 7.504   -2.316  5.676   1.00 18.70 ? 57  CYS A C   1 
ATOM   434  O O   . CYS A 1 57  ? 7.989   -3.404  5.385   1.00 20.08 ? 57  CYS A O   1 
ATOM   435  C CB  . CYS A 1 57  ? 5.822   -2.852  7.485   1.00 25.05 ? 57  CYS A CB  1 
ATOM   436  S SG  . CYS A 1 57  ? 4.421   -2.527  6.442   1.00 30.38 ? 57  CYS A SG  1 
ATOM   437  N N   . ALA A 1 58  ? 7.513   -1.303  4.815   1.00 17.08 ? 58  ALA A N   1 
ATOM   438  C CA  . ALA A 1 58  ? 8.153   -1.430  3.500   1.00 14.40 ? 58  ALA A CA  1 
ATOM   439  C C   . ALA A 1 58  ? 8.754   -0.080  3.117   1.00 14.40 ? 58  ALA A C   1 
ATOM   440  O O   . ALA A 1 58  ? 8.450   0.938   3.740   1.00 14.97 ? 58  ALA A O   1 
ATOM   441  C CB  . ALA A 1 58  ? 7.185   -1.918  2.447   1.00 15.97 ? 58  ALA A CB  1 
ATOM   442  N N   . VAL A 1 59  ? 9.603   -0.059  2.097   1.00 13.20 ? 59  VAL A N   1 
ATOM   443  C CA  . VAL A 1 59  ? 10.122  1.208   1.589   1.00 13.76 ? 59  VAL A CA  1 
ATOM   444  C C   . VAL A 1 59  ? 10.037  1.171   0.073   1.00 13.35 ? 59  VAL A C   1 
ATOM   445  O O   . VAL A 1 59  ? 10.414  0.160   -0.550  1.00 14.89 ? 59  VAL A O   1 
ATOM   446  C CB  . VAL A 1 59  ? 11.606  1.430   2.012   1.00 15.24 ? 59  VAL A CB  1 
ATOM   447  C CG1 . VAL A 1 59  ? 12.184  2.699   1.342   1.00 18.27 ? 59  VAL A CG1 1 
ATOM   448  C CG2 . VAL A 1 59  ? 11.753  1.542   3.553   1.00 17.47 ? 59  VAL A CG2 1 
ATOM   449  N N   . ALA A 1 60  ? 9.573   2.253   -0.531  1.00 12.72 ? 60  ALA A N   1 
ATOM   450  C CA  . ALA A 1 60  ? 9.616   2.402   -1.977  1.00 13.14 ? 60  ALA A CA  1 
ATOM   451  C C   . ALA A 1 60  ? 10.651  3.452   -2.342  1.00 13.32 ? 60  ALA A C   1 
ATOM   452  O O   . ALA A 1 60  ? 10.579  4.592   -1.833  1.00 14.12 ? 60  ALA A O   1 
ATOM   453  C CB  . ALA A 1 60  ? 8.274   2.795   -2.504  1.00 14.80 ? 60  ALA A CB  1 
ATOM   454  N N   . GLU A 1 61  ? 11.602  3.108   -3.207  1.00 11.77 ? 61  GLU A N   1 
ATOM   455  C CA  . GLU A 1 61  ? 12.639  4.055   -3.603  1.00 12.29 ? 61  GLU A CA  1 
ATOM   456  C C   . GLU A 1 61  ? 12.630  4.216   -5.112  1.00 11.12 ? 61  GLU A C   1 
ATOM   457  O O   . GLU A 1 61  ? 12.595  3.199   -5.865  1.00 10.93 ? 61  GLU A O   1 
ATOM   458  C CB  . GLU A 1 61  ? 13.995  3.597   -3.112  1.00 13.40 ? 61  GLU A CB  1 
ATOM   459  C CG  . GLU A 1 61  ? 15.118  4.513   -3.558  1.00 16.55 ? 61  GLU A CG  1 
ATOM   460  C CD  . GLU A 1 61  ? 16.500  4.017   -3.189  1.00 27.16 ? 61  GLU A CD  1 
ATOM   461  O OE1 . GLU A 1 61  ? 16.648  2.832   -2.827  1.00 30.92 ? 61  GLU A OE1 1 
ATOM   462  O OE2 . GLU A 1 61  ? 17.460  4.810   -3.319  1.00 27.44 ? 61  GLU A OE2 1 
ATOM   463  N N   . SER A 1 62  ? 12.662  5.462   -5.555  1.00 11.06 ? 62  SER A N   1 
ATOM   464  C CA  . SER A 1 62  ? 12.777  5.797   -6.957  1.00 11.25 ? 62  SER A CA  1 
ATOM   465  C C   . SER A 1 62  ? 14.133  6.408   -7.257  1.00 11.26 ? 62  SER A C   1 
ATOM   466  O O   . SER A 1 62  ? 14.997  6.478   -6.391  1.00 12.32 ? 62  SER A O   1 
ATOM   467  C CB  . SER A 1 62  ? 11.689  6.791   -7.348  1.00 12.42 ? 62  SER A CB  1 
ATOM   468  O OG  . SER A 1 62  ? 12.004  8.038   -6.722  1.00 12.26 ? 62  SER A OG  1 
ATOM   469  N N   . VAL A 1 63  ? 14.298  6.844   -8.486  1.00 12.18 ? 63  VAL A N   1 
ATOM   470  C CA  . VAL A 1 63  ? 15.528  7.509   -8.875  1.00 14.24 ? 63  VAL A CA  1 
ATOM   471  C C   . VAL A 1 63  ? 15.743  8.819   -8.117  1.00 14.74 ? 63  VAL A C   1 
ATOM   472  O O   . VAL A 1 63  ? 16.864  9.329   -8.098  1.00 18.10 ? 63  VAL A O   1 
ATOM   473  C CB  . VAL A 1 63  ? 15.577  7.788   -10.384 1.00 13.81 ? 63  VAL A CB  1 
ATOM   474  C CG1 . VAL A 1 63  ? 15.736  6.499   -11.160 1.00 15.07 ? 63  VAL A CG1 1 
ATOM   475  C CG2 . VAL A 1 63  ? 14.384  8.580   -10.846 1.00 18.18 ? 63  VAL A CG2 1 
ATOM   476  N N   . LYS A 1 64  ? 14.685  9.387   -7.548  1.00 13.12 ? 64  LYS A N   1 
ATOM   477  C CA  . LYS A 1 64  ? 14.760  10.724  -6.945  1.00 13.97 ? 64  LYS A CA  1 
ATOM   478  C C   . LYS A 1 64  ? 14.350  10.785  -5.494  1.00 14.64 ? 64  LYS A C   1 
ATOM   479  O O   . LYS A 1 64  ? 14.631  11.795  -4.831  1.00 17.49 ? 64  LYS A O   1 
ATOM   480  C CB  . LYS A 1 64  ? 14.000  11.755  -7.774  1.00 18.66 ? 64  LYS A CB  1 
ATOM   481  C CG  . LYS A 1 64  ? 12.523  11.525  -7.846  1.00 21.22 ? 64  LYS A CG  1 
ATOM   482  C CD  . LYS A 1 64  ? 11.846  12.562  -8.731  1.00 28.21 ? 64  LYS A CD  1 
ATOM   483  C CE  . LYS A 1 64  ? 10.324  12.500  -8.603  1.00 31.79 ? 64  LYS A CE  1 
ATOM   484  N NZ  . LYS A 1 64  ? 9.667   13.255  -9.712  1.00 38.12 ? 64  LYS A NZ  1 
ATOM   485  N N   . ALA A 1 65  ? 13.697  9.753   -4.965  1.00 11.92 ? 65  ALA A N   1 
ATOM   486  C CA  . ALA A 1 65  ? 13.084  9.880   -3.644  1.00 11.64 ? 65  ALA A CA  1 
ATOM   487  C C   . ALA A 1 65  ? 12.904  8.521   -3.017  1.00 12.84 ? 65  ALA A C   1 
ATOM   488  O O   . ALA A 1 65  ? 13.028  7.480   -3.684  1.00 13.56 ? 65  ALA A O   1 
ATOM   489  C CB  . ALA A 1 65  ? 11.757  10.598  -3.730  1.00 15.04 ? 65  ALA A CB  1 
ATOM   490  N N   . ALA A 1 66  ? 12.634  8.496   -1.730  1.00 14.70 ? 66  ALA A N   1 
ATOM   491  C CA  . ALA A 1 66  ? 12.237  7.257   -1.088  1.00 15.28 ? 66  ALA A CA  1 
ATOM   492  C C   . ALA A 1 66  ? 11.213  7.553   -0.040  1.00 15.91 ? 66  ALA A C   1 
ATOM   493  O O   . ALA A 1 66  ? 11.207  8.631   0.561   1.00 18.29 ? 66  ALA A O   1 
ATOM   494  C CB  . ALA A 1 66  ? 13.414  6.620   -0.477  1.00 15.49 ? 66  ALA A CB  1 
ATOM   495  N N   . SER A 1 67  ? 10.336  6.607   0.215   1.00 13.75 ? 67  SER A N   1 
ATOM   496  C CA  . SER A 1 67  ? 9.316   6.821   1.222   1.00 15.95 ? 67  SER A CA  1 
ATOM   497  C C   . SER A 1 67  ? 9.015   5.553   1.970   1.00 14.88 ? 67  SER A C   1 
ATOM   498  O O   . SER A 1 67  ? 8.916   4.462   1.385   1.00 14.82 ? 67  SER A O   1 
ATOM   499  C CB  . SER A 1 67  ? 8.035   7.339   0.608   1.00 17.88 ? 67  SER A CB  1 
ATOM   500  O OG  . SER A 1 67  ? 7.060   7.604   1.616   1.00 22.46 ? 67  SER A OG  1 
ATOM   501  N N   . ASP A 1 68  ? 8.850   5.691   3.276   1.00 13.89 ? 68  ASP A N   1 
ATOM   502  C CA  . ASP A 1 68  ? 8.295   4.621   4.076   1.00 13.41 ? 68  ASP A CA  1 
ATOM   503  C C   . ASP A 1 68  ? 6.883   4.279   3.651   1.00 14.03 ? 68  ASP A C   1 
ATOM   504  O O   . ASP A 1 68  ? 6.064   5.150   3.343   1.00 16.09 ? 68  ASP A O   1 
ATOM   505  C CB  . ASP A 1 68  ? 8.277   5.067   5.534   1.00 15.33 ? 68  ASP A CB  1 
ATOM   506  C CG  . ASP A 1 68  ? 9.651   5.019   6.168   1.00 22.08 ? 68  ASP A CG  1 
ATOM   507  O OD1 . ASP A 1 68  ? 10.537  4.315   5.641   1.00 28.91 ? 68  ASP A OD1 1 
ATOM   508  O OD2 . ASP A 1 68  ? 9.834   5.646   7.240   1.00 30.38 ? 68  ASP A OD2 1 
ATOM   509  N N   . ILE A 1 69  ? 6.565   2.993   3.768   1.00 12.96 ? 69  ILE A N   1 
ATOM   510  C CA  . ILE A 1 69  ? 5.221   2.471   3.545   1.00 14.21 ? 69  ILE A CA  1 
ATOM   511  C C   . ILE A 1 69  ? 4.765   1.858   4.856   1.00 14.57 ? 69  ILE A C   1 
ATOM   512  O O   . ILE A 1 69  ? 5.494   1.086   5.473   1.00 17.42 ? 69  ILE A O   1 
ATOM   513  C CB  . ILE A 1 69  ? 5.270   1.380   2.457   1.00 15.34 ? 69  ILE A CB  1 
ATOM   514  C CG1 . ILE A 1 69  ? 5.712   1.997   1.134   1.00 17.95 ? 69  ILE A CG1 1 
ATOM   515  C CG2 . ILE A 1 69  ? 3.890   0.722   2.280   1.00 17.16 ? 69  ILE A CG2 1 
ATOM   516  C CD1 . ILE A 1 69  ? 5.964   0.990   0.057   1.00 21.23 ? 69  ILE A CD1 1 
ATOM   517  N N   . TYR A 1 70  ? 3.624   2.303   5.347   1.00 16.24 ? 70  TYR A N   1 
ATOM   518  C CA  . TYR A 1 70  ? 3.177   1.981   6.701   1.00 18.06 ? 70  TYR A CA  1 
ATOM   519  C C   . TYR A 1 70  ? 2.152   0.861   6.654   1.00 19.10 ? 70  TYR A C   1 
ATOM   520  O O   . TYR A 1 70  ? 1.382   0.753   5.706   1.00 20.60 ? 70  TYR A O   1 
ATOM   521  C CB  . TYR A 1 70  ? 2.543   3.225   7.309   1.00 20.05 ? 70  TYR A CB  1 
ATOM   522  C CG  . TYR A 1 70  ? 3.512   4.352   7.415   1.00 19.77 ? 70  TYR A CG  1 
ATOM   523  C CD1 . TYR A 1 70  ? 3.487   5.414   6.519   1.00 23.10 ? 70  TYR A CD1 1 
ATOM   524  C CD2 . TYR A 1 70  ? 4.561   4.278   8.316   1.00 21.06 ? 70  TYR A CD2 1 
ATOM   525  C CE1 . TYR A 1 70  ? 4.435   6.426   6.597   1.00 26.55 ? 70  TYR A CE1 1 
ATOM   526  C CE2 . TYR A 1 70  ? 5.494   5.284   8.415   1.00 25.07 ? 70  TYR A CE2 1 
ATOM   527  C CZ  . TYR A 1 70  ? 5.423   6.358   7.569   1.00 25.83 ? 70  TYR A CZ  1 
ATOM   528  O OH  . TYR A 1 70  ? 6.392   7.329   7.668   1.00 30.43 ? 70  TYR A OH  1 
ATOM   529  N N   . ALA A 1 71  ? 2.104   0.056   7.716   1.00 19.72 ? 71  ALA A N   1 
ATOM   530  C CA  . ALA A 1 71  ? 0.987   -0.880  7.889   1.00 18.12 ? 71  ALA A CA  1 
ATOM   531  C C   . ALA A 1 71  ? -0.289  -0.080  8.104   1.00 16.33 ? 71  ALA A C   1 
ATOM   532  O O   . ALA A 1 71  ? -0.371  0.702   9.045   1.00 17.94 ? 71  ALA A O   1 
ATOM   533  C CB  . ALA A 1 71  ? 1.236   -1.750  9.096   1.00 19.05 ? 71  ALA A CB  1 
ATOM   534  N N   . PRO A 1 72  ? -1.305  -0.233  7.235   1.00 15.05 ? 72  PRO A N   1 
ATOM   535  C CA  . PRO A 1 72  ? -2.491  0.577   7.453   1.00 16.99 ? 72  PRO A CA  1 
ATOM   536  C C   . PRO A 1 72  ? -3.356  0.055   8.597   1.00 16.44 ? 72  PRO A C   1 
ATOM   537  O O   . PRO A 1 72  ? -4.223  0.782   9.106   1.00 18.05 ? 72  PRO A O   1 
ATOM   538  C CB  . PRO A 1 72  ? -3.248  0.458   6.132   1.00 17.87 ? 72  PRO A CB  1 
ATOM   539  C CG  . PRO A 1 72  ? -2.673  -0.794  5.473   1.00 21.42 ? 72  PRO A CG  1 
ATOM   540  C CD  . PRO A 1 72  ? -1.298  -0.922  5.928   1.00 15.47 ? 72  PRO A CD  1 
ATOM   541  N N   . VAL A 1 73  ? -3.189  -1.224  8.922   1.00 15.02 ? 73  VAL A N   1 
ATOM   542  C CA  . VAL A 1 73  ? -3.886  -1.864  10.038  1.00 14.86 ? 73  VAL A CA  1 
ATOM   543  C C   . VAL A 1 73  ? -2.854  -2.731  10.754  1.00 15.11 ? 73  VAL A C   1 
ATOM   544  O O   . VAL A 1 73  ? -1.800  -3.081  10.178  1.00 14.93 ? 73  VAL A O   1 
ATOM   545  C CB  . VAL A 1 73  ? -5.091  -2.733  9.571   1.00 16.29 ? 73  VAL A CB  1 
ATOM   546  C CG1 . VAL A 1 73  ? -6.164  -1.851  8.904   1.00 20.37 ? 73  VAL A CG1 1 
ATOM   547  C CG2 . VAL A 1 73  ? -4.621  -3.801  8.630   1.00 17.17 ? 73  VAL A CG2 1 
ATOM   548  N N   . SER A 1 74  ? -3.176  -3.143  11.979  1.00 14.96 ? 74  SER A N   1 
ATOM   549  C CA  . SER A 1 74  ? -2.376  -4.115  12.714  1.00 14.78 ? 74  SER A CA  1 
ATOM   550  C C   . SER A 1 74  ? -2.610  -5.513  12.185  1.00 14.77 ? 74  SER A C   1 
ATOM   551  O O   . SER A 1 74  ? -3.701  -5.847  11.770  1.00 15.04 ? 74  SER A O   1 
ATOM   552  C CB  . SER A 1 74  ? -2.737  -4.066  14.203  1.00 15.89 ? 74  SER A CB  1 
ATOM   553  O OG  . SER A 1 74  ? -2.620  -2.745  14.708  1.00 16.76 ? 74  SER A OG  1 
ATOM   554  N N   . GLY A 1 75  ? -1.590  -6.357  12.258  1.00 14.49 ? 75  GLY A N   1 
ATOM   555  C CA  . GLY A 1 75  ? -1.781  -7.742  11.840  1.00 14.54 ? 75  GLY A CA  1 
ATOM   556  C C   . GLY A 1 75  ? -0.482  -8.449  11.497  1.00 13.46 ? 75  GLY A C   1 
ATOM   557  O O   . GLY A 1 75  ? 0.601   -7.975  11.823  1.00 15.89 ? 75  GLY A O   1 
ATOM   558  N N   . GLU A 1 76  ? -0.612  -9.574  10.806  1.00 13.04 ? 76  GLU A N   1 
ATOM   559  C CA  . GLU A 1 76  ? 0.521   -10.388 10.392  1.00 13.20 ? 76  GLU A CA  1 
ATOM   560  C C   . GLU A 1 76  ? 0.700   -10.251 8.882   1.00 12.41 ? 76  GLU A C   1 
ATOM   561  O O   . GLU A 1 76  ? -0.249  -10.369 8.126   1.00 14.08 ? 76  GLU A O   1 
ATOM   562  C CB  . GLU A 1 76  ? 0.237   -11.843 10.735  1.00 15.24 ? 76  GLU A CB  1 
ATOM   563  C CG  . GLU A 1 76  ? 1.382   -12.780 10.363  1.00 18.35 ? 76  GLU A CG  1 
ATOM   564  C CD  . GLU A 1 76  ? 1.014   -14.257 10.451  1.00 28.02 ? 76  GLU A CD  1 
ATOM   565  O OE1 . GLU A 1 76  ? -0.138  -14.581 10.813  1.00 33.43 ? 76  GLU A OE1 1 
ATOM   566  O OE2 . GLU A 1 76  ? 1.879   -15.098 10.110  1.00 31.52 ? 76  GLU A OE2 1 
ATOM   567  N N   . ILE A 1 77  ? 1.936   -10.046 8.451   1.00 12.72 ? 77  ILE A N   1 
ATOM   568  C CA  . ILE A 1 77  ? 2.257   -10.079 7.025   1.00 12.25 ? 77  ILE A CA  1 
ATOM   569  C C   . ILE A 1 77  ? 2.210   -11.525 6.552   1.00 13.41 ? 77  ILE A C   1 
ATOM   570  O O   . ILE A 1 77  ? 2.979   -12.370 7.045   1.00 14.69 ? 77  ILE A O   1 
ATOM   571  C CB  . ILE A 1 77  ? 3.662   -9.532  6.781   1.00 14.80 ? 77  ILE A CB  1 
ATOM   572  C CG1 . ILE A 1 77  ? 3.816   -8.134  7.355   1.00 16.68 ? 77  ILE A CG1 1 
ATOM   573  C CG2 . ILE A 1 77  ? 3.994   -9.586  5.284   1.00 13.23 ? 77  ILE A CG2 1 
ATOM   574  C CD1 . ILE A 1 77  ? 2.889   -7.144  6.780   1.00 17.02 ? 77  ILE A CD1 1 
ATOM   575  N N   . VAL A 1 78  ? 1.314   -11.813 5.622   1.00 11.63 ? 78  VAL A N   1 
ATOM   576  C CA  . VAL A 1 78  ? 1.150   -13.185 5.138   1.00 13.52 ? 78  VAL A CA  1 
ATOM   577  C C   . VAL A 1 78  ? 1.729   -13.463 3.748   1.00 13.05 ? 78  VAL A C   1 
ATOM   578  O O   . VAL A 1 78  ? 1.931   -14.634 3.373   1.00 14.19 ? 78  VAL A O   1 
ATOM   579  C CB  . VAL A 1 78  ? -0.293  -13.693 5.230   1.00 12.84 ? 78  VAL A CB  1 
ATOM   580  C CG1 . VAL A 1 78  ? -0.743  -13.720 6.674   1.00 16.57 ? 78  VAL A CG1 1 
ATOM   581  C CG2 . VAL A 1 78  ? -1.211  -12.850 4.379   1.00 15.61 ? 78  VAL A CG2 1 
ATOM   582  N N   . ALA A 1 79  ? 2.071   -12.414 3.007   1.00 12.37 ? 79  ALA A N   1 
ATOM   583  C CA  . ALA A 1 79  ? 2.689   -12.568 1.679   1.00 11.54 ? 79  ALA A CA  1 
ATOM   584  C C   . ALA A 1 79  ? 3.320   -11.250 1.278   1.00 11.00 ? 79  ALA A C   1 
ATOM   585  O O   . ALA A 1 79  ? 2.842   -10.187 1.689   1.00 11.42 ? 79  ALA A O   1 
ATOM   586  C CB  . ALA A 1 79  ? 1.651   -12.971 0.628   1.00 13.49 ? 79  ALA A CB  1 
ATOM   587  N N   . VAL A 1 80  ? 4.344   -11.332 0.443   1.00 10.46 ? 80  VAL A N   1 
ATOM   588  C CA  . VAL A 1 80  ? 4.943   -10.138 -0.159  1.00 10.21 ? 80  VAL A CA  1 
ATOM   589  C C   . VAL A 1 80  ? 5.143   -10.335 -1.641  1.00 11.58 ? 80  VAL A C   1 
ATOM   590  O O   . VAL A 1 80  ? 5.249   -11.481 -2.132  1.00 12.71 ? 80  VAL A O   1 
ATOM   591  C CB  . VAL A 1 80  ? 6.279   -9.757  0.510   1.00 11.64 ? 80  VAL A CB  1 
ATOM   592  C CG1 . VAL A 1 80  ? 6.051   -9.457  2.000   1.00 13.76 ? 80  VAL A CG1 1 
ATOM   593  C CG2 . VAL A 1 80  ? 7.315   -10.870 0.330   1.00 13.46 ? 80  VAL A CG2 1 
ATOM   594  N N   . ASN A 1 81  ? 5.195   -9.244  -2.393  1.00 10.65 ? 81  ASN A N   1 
ATOM   595  C CA  . ASN A 1 81  ? 5.264   -9.354  -3.825  1.00 11.27 ? 81  ASN A CA  1 
ATOM   596  C C   . ASN A 1 81  ? 6.727   -9.458  -4.261  1.00 10.45 ? 81  ASN A C   1 
ATOM   597  O O   . ASN A 1 81  ? 7.375   -8.475  -4.603  1.00 10.08 ? 81  ASN A O   1 
ATOM   598  C CB  . ASN A 1 81  ? 4.603   -8.157  -4.504  1.00 11.31 ? 81  ASN A CB  1 
ATOM   599  C CG  . ASN A 1 81  ? 4.504   -8.342  -5.997  1.00 9.74  ? 81  ASN A CG  1 
ATOM   600  O OD1 . ASN A 1 81  ? 5.092   -9.322  -6.527  1.00 11.35 ? 81  ASN A OD1 1 
ATOM   601  N ND2 . ASN A 1 81  ? 3.855   -7.434  -6.692  1.00 9.66  ? 81  ASN A ND2 1 
ATOM   602  N N   . ASP A 1 82  ? 7.228   -10.693 -4.312  1.00 10.98 ? 82  ASP A N   1 
ATOM   603  C CA  . ASP A 1 82  ? 8.620   -10.929 -4.660  1.00 11.76 ? 82  ASP A CA  1 
ATOM   604  C C   . ASP A 1 82  ? 8.971   -10.481 -6.059  1.00 11.13 ? 82  ASP A C   1 
ATOM   605  O O   . ASP A 1 82  ? 10.156  -10.277 -6.360  1.00 12.23 ? 82  ASP A O   1 
ATOM   606  C CB  . ASP A 1 82  ? 8.988   -12.399 -4.458  1.00 13.96 ? 82  ASP A CB  1 
ATOM   607  C CG  . ASP A 1 82  ? 8.956   -12.788 -3.003  1.00 21.71 ? 82  ASP A CG  1 
ATOM   608  O OD1 . ASP A 1 82  ? 9.637   -12.109 -2.210  1.00 21.69 ? 82  ASP A OD1 1 
ATOM   609  O OD2 . ASP A 1 82  ? 8.126   -13.645 -2.634  1.00 24.92 ? 82  ASP A OD2 1 
ATOM   610  N N   . ALA A 1 83  ? 7.992   -10.329 -6.935  1.00 10.62 ? 83  ALA A N   1 
ATOM   611  C CA  . ALA A 1 83  ? 8.301   -9.815  -8.264  1.00 11.65 ? 83  ALA A CA  1 
ATOM   612  C C   . ALA A 1 83  ? 8.900   -8.408  -8.228  1.00 10.70 ? 83  ALA A C   1 
ATOM   613  O O   . ALA A 1 83  ? 9.606   -8.020  -9.168  1.00 11.97 ? 83  ALA A O   1 
ATOM   614  C CB  . ALA A 1 83  ? 7.118   -9.868  -9.194  1.00 13.60 ? 83  ALA A CB  1 
ATOM   615  N N   . LEU A 1 84  ? 8.594   -7.635  -7.175  1.00 10.67 ? 84  LEU A N   1 
ATOM   616  C CA  . LEU A 1 84  ? 9.085   -6.261  -7.098  1.00 10.38 ? 84  LEU A CA  1 
ATOM   617  C C   . LEU A 1 84  ? 10.582  -6.227  -6.840  1.00 10.65 ? 84  LEU A C   1 
ATOM   618  O O   . LEU A 1 84  ? 11.213  -5.185  -7.012  1.00 11.46 ? 84  LEU A O   1 
ATOM   619  C CB  . LEU A 1 84  ? 8.342   -5.518  -5.999  1.00 10.42 ? 84  LEU A CB  1 
ATOM   620  C CG  . LEU A 1 84  ? 6.829   -5.367  -6.222  1.00 10.10 ? 84  LEU A CG  1 
ATOM   621  C CD1 . LEU A 1 84  ? 6.254   -4.521  -5.120  1.00 11.71 ? 84  LEU A CD1 1 
ATOM   622  C CD2 . LEU A 1 84  ? 6.443   -4.820  -7.595  1.00 12.00 ? 84  LEU A CD2 1 
ATOM   623  N N   . SER A 1 85  ? 11.160  -7.347  -6.424  1.00 11.21 ? 85  SER A N   1 
ATOM   624  C CA  . SER A 1 85  ? 12.601  -7.370  -6.170  1.00 13.69 ? 85  SER A CA  1 
ATOM   625  C C   . SER A 1 85  ? 13.384  -7.253  -7.468  1.00 13.42 ? 85  SER A C   1 
ATOM   626  O O   . SER A 1 85  ? 14.463  -6.641  -7.481  1.00 15.64 ? 85  SER A O   1 
ATOM   627  C CB  . SER A 1 85  ? 12.983  -8.630  -5.381  1.00 14.64 ? 85  SER A CB  1 
ATOM   628  O OG  . SER A 1 85  ? 12.334  -8.602  -4.114  1.00 16.76 ? 85  SER A OG  1 
ATOM   629  N N   . ASP A 1 86  ? 12.826  -7.718  -8.574  1.00 12.20 ? 86  ASP A N   1 
ATOM   630  C CA  . ASP A 1 86  ? 13.477  -7.625  -9.880  1.00 11.75 ? 86  ASP A CA  1 
ATOM   631  C C   . ASP A 1 86  ? 12.773  -6.647  -10.819 1.00 13.59 ? 86  ASP A C   1 
ATOM   632  O O   . ASP A 1 86  ? 13.415  -6.087  -11.706 1.00 14.91 ? 86  ASP A O   1 
ATOM   633  C CB  . ASP A 1 86  ? 13.637  -9.007  -10.542 1.00 15.68 ? 86  ASP A CB  1 
ATOM   634  C CG  . ASP A 1 86  ? 14.617  -9.897  -9.788  1.00 17.69 ? 86  ASP A CG  1 
ATOM   635  O OD1 . ASP A 1 86  ? 15.387  -9.403  -8.952  1.00 21.84 ? 86  ASP A OD1 1 
ATOM   636  O OD2 . ASP A 1 86  ? 14.623  -11.122 -10.031 1.00 27.04 ? 86  ASP A OD2 1 
ATOM   637  N N   . SER A 1 87  ? 11.494  -6.352  -10.549 1.00 11.68 ? 87  SER A N   1 
ATOM   638  C CA  . SER A 1 87  ? 10.681  -5.448  -11.391 1.00 11.74 ? 87  SER A CA  1 
ATOM   639  C C   . SER A 1 87  ? 9.932   -4.399  -10.556 1.00 10.12 ? 87  SER A C   1 
ATOM   640  O O   . SER A 1 87  ? 8.696   -4.366  -10.542 1.00 11.15 ? 87  SER A O   1 
ATOM   641  C CB  . SER A 1 87  ? 9.637   -6.233  -12.199 1.00 12.77 ? 87  SER A CB  1 
ATOM   642  O OG  . SER A 1 87  ? 10.258  -7.233  -13.039 1.00 16.09 ? 87  SER A OG  1 
ATOM   643  N N   . PRO A 1 88  ? 10.675  -3.529  -9.859  1.00 10.01 ? 88  PRO A N   1 
ATOM   644  C CA  . PRO A 1 88  ? 10.012  -2.570  -8.965  1.00 10.91 ? 88  PRO A CA  1 
ATOM   645  C C   . PRO A 1 88  ? 9.152   -1.574  -9.730  1.00 10.50 ? 88  PRO A C   1 
ATOM   646  O O   . PRO A 1 88  ? 8.221   -1.010  -9.147  1.00 11.40 ? 88  PRO A O   1 
ATOM   647  C CB  . PRO A 1 88  ? 11.196  -1.875  -8.263  1.00 12.07 ? 88  PRO A CB  1 
ATOM   648  C CG  . PRO A 1 88  ? 12.359  -2.076  -9.208  1.00 11.95 ? 88  PRO A CG  1 
ATOM   649  C CD  . PRO A 1 88  ? 12.157  -3.457  -9.778  1.00 12.88 ? 88  PRO A CD  1 
ATOM   650  N N   . GLU A 1 89  ? 9.399   -1.426  -11.020 1.00 11.23 ? 89  GLU A N   1 
ATOM   651  C CA  . GLU A 1 89  ? 8.626   -0.521  -11.847 1.00 11.49 ? 89  GLU A CA  1 
ATOM   652  C C   . GLU A 1 89  ? 7.171   -0.963  -12.026 1.00 11.77 ? 89  GLU A C   1 
ATOM   653  O O   . GLU A 1 89  ? 6.326   -0.159  -12.482 1.00 11.64 ? 89  GLU A O   1 
ATOM   654  C CB  . GLU A 1 89  ? 9.298   -0.354  -13.210 1.00 15.79 ? 89  GLU A CB  1 
ATOM   655  C CG  . GLU A 1 89  ? 9.431   -1.672  -13.993 1.00 22.92 ? 89  GLU A CG  1 
ATOM   656  C CD  . GLU A 1 89  ? 10.700  -2.548  -13.713 1.00 23.90 ? 89  GLU A CD  1 
ATOM   657  O OE1 . GLU A 1 89  ? 11.505  -2.332  -12.760 1.00 17.83 ? 89  GLU A OE1 1 
ATOM   658  O OE2 . GLU A 1 89  ? 10.895  -3.491  -14.518 1.00 34.79 ? 89  GLU A OE2 1 
ATOM   659  N N   . LEU A 1 90  ? 6.827   -2.199  -11.640 1.00 10.05 ? 90  LEU A N   1 
ATOM   660  C CA  . LEU A 1 90  ? 5.409   -2.573  -11.591 1.00 12.12 ? 90  LEU A CA  1 
ATOM   661  C C   . LEU A 1 90  ? 4.588   -1.644  -10.714 1.00 10.15 ? 90  LEU A C   1 
ATOM   662  O O   . LEU A 1 90  ? 3.381   -1.480  -10.899 1.00 10.81 ? 90  LEU A O   1 
ATOM   663  C CB  . LEU A 1 90  ? 5.221   -4.008  -11.128 1.00 12.29 ? 90  LEU A CB  1 
ATOM   664  C CG  . LEU A 1 90  ? 5.766   -5.036  -12.128 1.00 13.19 ? 90  LEU A CG  1 
ATOM   665  C CD1 . LEU A 1 90  ? 5.832   -6.377  -11.430 1.00 17.40 ? 90  LEU A CD1 1 
ATOM   666  C CD2 . LEU A 1 90  ? 4.898   -5.130  -13.367 1.00 21.96 ? 90  LEU A CD2 1 
ATOM   667  N N   . VAL A 1 91  ? 5.236   -1.087  -9.689  1.00 10.09 ? 91  VAL A N   1 
ATOM   668  C CA  . VAL A 1 91  ? 4.538   -0.098  -8.851  1.00 10.86 ? 91  VAL A CA  1 
ATOM   669  C C   . VAL A 1 91  ? 4.129   1.143   -9.659  1.00 10.78 ? 91  VAL A C   1 
ATOM   670  O O   . VAL A 1 91  ? 3.077   1.731   -9.401  1.00 11.95 ? 91  VAL A O   1 
ATOM   671  C CB  . VAL A 1 91  ? 5.374   0.271   -7.607  1.00 11.12 ? 91  VAL A CB  1 
ATOM   672  C CG1 . VAL A 1 91  ? 4.681   1.359   -6.786  1.00 12.78 ? 91  VAL A CG1 1 
ATOM   673  C CG2 . VAL A 1 91  ? 5.634   -0.970  -6.754  1.00 11.94 ? 91  VAL A CG2 1 
ATOM   674  N N   . ASN A 1 92  ? 4.968   1.574   -10.593 1.00 10.05 ? 92  ASN A N   1 
ATOM   675  C CA  . ASN A 1 92  ? 4.592   2.665   -11.501 1.00 11.04 ? 92  ASN A CA  1 
ATOM   676  C C   . ASN A 1 92  ? 3.529   2.283   -12.517 1.00 11.77 ? 92  ASN A C   1 
ATOM   677  O O   . ASN A 1 92  ? 2.566   3.048   -12.710 1.00 12.83 ? 92  ASN A O   1 
ATOM   678  C CB  . ASN A 1 92  ? 5.822   3.162   -12.263 1.00 11.42 ? 92  ASN A CB  1 
ATOM   679  C CG  . ASN A 1 92  ? 6.900   3.699   -11.357 1.00 12.40 ? 92  ASN A CG  1 
ATOM   680  O OD1 . ASN A 1 92  ? 8.032   3.221   -11.390 1.00 13.68 ? 92  ASN A OD1 1 
ATOM   681  N ND2 . ASN A 1 92  ? 6.584   4.753   -10.618 1.00 12.16 ? 92  ASN A ND2 1 
ATOM   682  N N   . SER A 1 93  ? 3.695   1.136   -13.186 1.00 10.65 ? 93  SER A N   1 
ATOM   683  C CA  . SER A 1 93  ? 2.833   0.835   -14.335 1.00 11.53 ? 93  SER A CA  1 
ATOM   684  C C   . SER A 1 93  ? 1.497   0.256   -13.889 1.00 11.36 ? 93  SER A C   1 
ATOM   685  O O   . SER A 1 93  ? 0.513   0.369   -14.620 1.00 13.31 ? 93  SER A O   1 
ATOM   686  C CB  . SER A 1 93  ? 3.544   -0.100  -15.310 1.00 13.97 ? 93  SER A CB  1 
ATOM   687  O OG  . SER A 1 93  ? 3.910   -1.311  -14.698 1.00 16.09 ? 93  SER A OG  1 
ATOM   688  N N   . GLU A 1 94  ? 1.462   -0.414  -12.749 1.00 10.88 ? 94  GLU A N   1 
ATOM   689  C CA  . GLU A 1 94  ? 0.238   -1.083  -12.300 1.00 10.45 ? 94  GLU A CA  1 
ATOM   690  C C   . GLU A 1 94  ? 0.124   -1.060  -10.796 1.00 10.25 ? 94  GLU A C   1 
ATOM   691  O O   . GLU A 1 94  ? 0.042   -2.086  -10.132 1.00 11.06 ? 94  GLU A O   1 
ATOM   692  C CB  . GLU A 1 94  ? 0.081   -2.497  -12.876 1.00 14.72 ? 94  GLU A CB  1 
ATOM   693  C CG  . GLU A 1 94  ? 1.242   -3.403  -12.878 1.00 18.56 ? 94  GLU A CG  1 
ATOM   694  C CD  . GLU A 1 94  ? 0.899   -4.690  -13.644 1.00 17.26 ? 94  GLU A CD  1 
ATOM   695  O OE1 . GLU A 1 94  ? -0.100  -5.364  -13.299 1.00 17.42 ? 94  GLU A OE1 1 
ATOM   696  O OE2 . GLU A 1 94  ? 1.586   -5.007  -14.631 1.00 18.69 ? 94  GLU A OE2 1 
ATOM   697  N N   . PRO A 1 95  ? 0.026   0.156   -10.234 1.00 10.23 ? 95  PRO A N   1 
ATOM   698  C CA  . PRO A 1 95  ? 0.040   0.297   -8.786  1.00 10.02 ? 95  PRO A CA  1 
ATOM   699  C C   . PRO A 1 95  ? -1.098  -0.440  -8.071  1.00 10.41 ? 95  PRO A C   1 
ATOM   700  O O   . PRO A 1 95  ? -0.933  -0.774  -6.908  1.00 11.54 ? 95  PRO A O   1 
ATOM   701  C CB  . PRO A 1 95  ? -0.113  1.818   -8.576  1.00 11.95 ? 95  PRO A CB  1 
ATOM   702  C CG  . PRO A 1 95  ? -0.700  2.332   -9.855  1.00 12.59 ? 95  PRO A CG  1 
ATOM   703  C CD  . PRO A 1 95  ? -0.074  1.459   -10.924 1.00 11.10 ? 95  PRO A CD  1 
ATOM   704  N N   . TYR A 1 96  ? -2.234  -0.660  -8.739  1.00 10.77 ? 96  TYR A N   1 
ATOM   705  C CA  . TYR A 1 96  ? -3.367  -1.349  -8.126  1.00 11.67 ? 96  TYR A CA  1 
ATOM   706  C C   . TYR A 1 96  ? -3.464  -2.819  -8.500  1.00 12.30 ? 96  TYR A C   1 
ATOM   707  O O   . TYR A 1 96  ? -4.359  -3.507  -8.004  1.00 13.38 ? 96  TYR A O   1 
ATOM   708  C CB  . TYR A 1 96  ? -4.688  -0.664  -8.537  1.00 12.47 ? 96  TYR A CB  1 
ATOM   709  C CG  . TYR A 1 96  ? -4.771  0.789   -8.130  1.00 10.48 ? 96  TYR A CG  1 
ATOM   710  C CD1 . TYR A 1 96  ? -4.765  1.164   -6.792  1.00 10.19 ? 96  TYR A CD1 1 
ATOM   711  C CD2 . TYR A 1 96  ? -4.827  1.788   -9.084  1.00 11.34 ? 96  TYR A CD2 1 
ATOM   712  C CE1 . TYR A 1 96  ? -4.846  2.498   -6.429  1.00 10.67 ? 96  TYR A CE1 1 
ATOM   713  C CE2 . TYR A 1 96  ? -4.859  3.126   -8.724  1.00 12.52 ? 96  TYR A CE2 1 
ATOM   714  C CZ  . TYR A 1 96  ? -4.878  3.480   -7.391  1.00 11.12 ? 96  TYR A CZ  1 
ATOM   715  O OH  . TYR A 1 96  ? -4.933  4.799   -6.976  1.00 13.52 ? 96  TYR A OH  1 
ATOM   716  N N   . ALA A 1 97  ? -2.526  -3.307  -9.303  1.00 11.08 ? 97  ALA A N   1 
ATOM   717  C CA  . ALA A 1 97  ? -2.632  -4.669  -9.855  1.00 12.19 ? 97  ALA A CA  1 
ATOM   718  C C   . ALA A 1 97  ? -1.339  -5.426  -9.575  1.00 11.32 ? 97  ALA A C   1 
ATOM   719  O O   . ALA A 1 97  ? -1.078  -5.801  -8.434  1.00 12.26 ? 97  ALA A O   1 
ATOM   720  C CB  . ALA A 1 97  ? -2.994  -4.643  -11.352 1.00 13.11 ? 97  ALA A CB  1 
ATOM   721  N N   . GLY A 1 98  ? -0.471  -5.575  -10.574 1.00 11.46 ? 98  GLY A N   1 
ATOM   722  C CA  . GLY A 1 98  ? 0.785   -6.279  -10.378 1.00 12.72 ? 98  GLY A CA  1 
ATOM   723  C C   . GLY A 1 98  ? 1.747   -5.571  -9.456  1.00 11.98 ? 98  GLY A C   1 
ATOM   724  O O   . GLY A 1 98  ? 2.737   -6.152  -9.051  1.00 12.81 ? 98  GLY A O   1 
ATOM   725  N N   . GLY A 1 99  ? 1.502   -4.301  -9.146  1.00 10.90 ? 99  GLY A N   1 
ATOM   726  C CA  . GLY A 1 99  ? 2.350   -3.553  -8.241  1.00 11.25 ? 99  GLY A CA  1 
ATOM   727  C C   . GLY A 1 99  ? 1.945   -3.618  -6.787  1.00 9.01  ? 99  GLY A C   1 
ATOM   728  O O   . GLY A 1 99  ? 2.512   -2.880  -5.978  1.00 11.68 ? 99  GLY A O   1 
ATOM   729  N N   . TRP A 1 100 ? 1.033   -4.509  -6.406  1.00 9.66  ? 100 TRP A N   1 
ATOM   730  C CA  . TRP A 1 100 ? 0.760   -4.742  -4.978  1.00 10.76 ? 100 TRP A CA  1 
ATOM   731  C C   . TRP A 1 100 ? 2.043   -5.061  -4.207  1.00 8.65  ? 100 TRP A C   1 
ATOM   732  O O   . TRP A 1 100 ? 3.007   -5.574  -4.785  1.00 10.06 ? 100 TRP A O   1 
ATOM   733  C CB  . TRP A 1 100 ? -0.275  -5.858  -4.761  1.00 11.12 ? 100 TRP A CB  1 
ATOM   734  C CG  . TRP A 1 100 ? 0.246   -7.264  -5.118  1.00 10.35 ? 100 TRP A CG  1 
ATOM   735  C CD1 . TRP A 1 100 ? 0.323   -7.822  -6.367  1.00 11.13 ? 100 TRP A CD1 1 
ATOM   736  C CD2 . TRP A 1 100 ? 0.776   -8.238  -4.210  1.00 10.37 ? 100 TRP A CD2 1 
ATOM   737  N NE1 . TRP A 1 100 ? 0.877   -9.100  -6.287  1.00 12.29 ? 100 TRP A NE1 1 
ATOM   738  C CE2 . TRP A 1 100 ? 1.185   -9.360  -4.979  1.00 9.42  ? 100 TRP A CE2 1 
ATOM   739  C CE3 . TRP A 1 100 ? 1.021   -8.241  -2.824  1.00 11.48 ? 100 TRP A CE3 1 
ATOM   740  C CZ2 . TRP A 1 100 ? 1.743   -10.498 -4.384  1.00 12.25 ? 100 TRP A CZ2 1 
ATOM   741  C CZ3 . TRP A 1 100 ? 1.552   -9.366  -2.238  1.00 10.83 ? 100 TRP A CZ3 1 
ATOM   742  C CH2 . TRP A 1 100 ? 1.914   -10.485 -3.019  1.00 11.63 ? 100 TRP A CH2 1 
ATOM   743  N N   . ILE A 1 101 ? 2.077   -4.700  -2.926  1.00 9.98  ? 101 ILE A N   1 
ATOM   744  C CA  . ILE A 1 101 ? 3.327   -4.800  -2.178  1.00 9.82  ? 101 ILE A CA  1 
ATOM   745  C C   . ILE A 1 101 ? 3.288   -5.935  -1.155  1.00 10.05 ? 101 ILE A C   1 
ATOM   746  O O   . ILE A 1 101 ? 4.213   -6.770  -1.117  1.00 10.73 ? 101 ILE A O   1 
ATOM   747  C CB  . ILE A 1 101 ? 3.715   -3.463  -1.553  1.00 10.78 ? 101 ILE A CB  1 
ATOM   748  C CG1 . ILE A 1 101 ? 3.826   -2.400  -2.648  1.00 13.31 ? 101 ILE A CG1 1 
ATOM   749  C CG2 . ILE A 1 101 ? 5.032   -3.572  -0.794  1.00 12.64 ? 101 ILE A CG2 1 
ATOM   750  C CD1 . ILE A 1 101 ? 4.042   -0.975  -2.157  1.00 15.76 ? 101 ILE A CD1 1 
ATOM   751  N N   . PHE A 1 102 ? 2.273   -5.987  -0.307  1.00 8.93  ? 102 PHE A N   1 
ATOM   752  C CA  . PHE A 1 102 ? 2.171   -7.050  0.684   1.00 9.45  ? 102 PHE A CA  1 
ATOM   753  C C   . PHE A 1 102 ? 0.737   -7.349  1.023   1.00 10.34 ? 102 PHE A C   1 
ATOM   754  O O   . PHE A 1 102 ? -0.171  -6.635  0.561   1.00 10.95 ? 102 PHE A O   1 
ATOM   755  C CB  . PHE A 1 102 ? 2.961   -6.728  1.951   1.00 11.59 ? 102 PHE A CB  1 
ATOM   756  C CG  . PHE A 1 102 ? 2.460   -5.522  2.714   1.00 11.62 ? 102 PHE A CG  1 
ATOM   757  C CD1 . PHE A 1 102 ? 1.501   -5.663  3.696   1.00 12.59 ? 102 PHE A CD1 1 
ATOM   758  C CD2 . PHE A 1 102 ? 2.980   -4.256  2.463   1.00 13.10 ? 102 PHE A CD2 1 
ATOM   759  C CE1 . PHE A 1 102 ? 1.075   -4.549  4.441   1.00 14.95 ? 102 PHE A CE1 1 
ATOM   760  C CE2 . PHE A 1 102 ? 2.543   -3.136  3.195   1.00 14.60 ? 102 PHE A CE2 1 
ATOM   761  C CZ  . PHE A 1 102 ? 1.601   -3.304  4.188   1.00 14.55 ? 102 PHE A CZ  1 
ATOM   762  N N   . LYS A 1 103 ? 0.513   -8.485  1.682   1.00 10.53 ? 103 LYS A N   1 
ATOM   763  C CA  . LYS A 1 103 ? -0.795  -8.879  2.172   1.00 10.68 ? 103 LYS A CA  1 
ATOM   764  C C   . LYS A 1 103 ? -0.719  -9.041  3.676   1.00 10.80 ? 103 LYS A C   1 
ATOM   765  O O   . LYS A 1 103 ? 0.278   -9.531  4.221   1.00 12.24 ? 103 LYS A O   1 
ATOM   766  C CB  . LYS A 1 103 ? -1.241  -10.199 1.507   1.00 11.96 ? 103 LYS A CB  1 
ATOM   767  C CG  . LYS A 1 103 ? -1.456  -10.043 -0.004  1.00 12.35 ? 103 LYS A CG  1 
ATOM   768  C CD  . LYS A 1 103 ? -1.622  -11.396 -0.723  1.00 14.38 ? 103 LYS A CD  1 
ATOM   769  C CE  . LYS A 1 103 ? -1.650  -11.243 -2.223  1.00 15.81 ? 103 LYS A CE  1 
ATOM   770  N NZ  . LYS A 1 103 ? -2.932  -10.656 -2.731  1.00 15.72 ? 103 LYS A NZ  1 
ATOM   771  N N   . ILE A 1 104 ? -1.798  -8.641  4.340   1.00 11.70 ? 104 ILE A N   1 
ATOM   772  C CA  . ILE A 1 104 ? -1.841  -8.614  5.787   1.00 12.32 ? 104 ILE A CA  1 
ATOM   773  C C   . ILE A 1 104 ? -3.129  -9.234  6.286   1.00 13.20 ? 104 ILE A C   1 
ATOM   774  O O   . ILE A 1 104 ? -4.207  -8.984  5.738   1.00 13.66 ? 104 ILE A O   1 
ATOM   775  C CB  . ILE A 1 104 ? -1.658  -7.166  6.340   1.00 13.66 ? 104 ILE A CB  1 
ATOM   776  C CG1 . ILE A 1 104 ? -1.512  -7.143  7.867   1.00 12.89 ? 104 ILE A CG1 1 
ATOM   777  C CG2 . ILE A 1 104 ? -2.703  -6.205  5.823   1.00 14.29 ? 104 ILE A CG2 1 
ATOM   778  C CD1 . ILE A 1 104 ? -0.869  -5.841  8.375   1.00 17.32 ? 104 ILE A CD1 1 
ATOM   779  N N   . LYS A 1 105 ? -2.995  -10.067 7.312   1.00 14.48 ? 105 LYS A N   1 
ATOM   780  C CA  . LYS A 1 105 ? -4.160  -10.552 8.048   1.00 16.90 ? 105 LYS A CA  1 
ATOM   781  C C   . LYS A 1 105 ? -4.386  -9.671  9.271   1.00 14.65 ? 105 LYS A C   1 
ATOM   782  O O   . LYS A 1 105 ? -3.570  -9.636  10.192  1.00 15.29 ? 105 LYS A O   1 
ATOM   783  C CB  . LYS A 1 105 ? -3.916  -11.992 8.475   1.00 17.74 ? 105 LYS A CB  1 
ATOM   784  C CG  . LYS A 1 105 ? -5.066  -12.633 9.249   1.00 24.88 ? 105 LYS A CG  1 
ATOM   785  C CD  . LYS A 1 105 ? -4.753  -14.112 9.503   1.00 32.22 ? 105 LYS A CD  1 
ATOM   786  C CE  . LYS A 1 105 ? -5.720  -14.764 10.504  1.00 36.12 ? 105 LYS A CE  1 
ATOM   787  N NZ  . LYS A 1 105 ? -6.881  -13.886 10.846  1.00 41.88 ? 105 LYS A NZ  1 
ATOM   788  N N   . ALA A 1 106 ? -5.486  -8.939  9.240   1.00 15.23 ? 106 ALA A N   1 
ATOM   789  C CA  . ALA A 1 106 ? -5.766  -7.930  10.251  1.00 16.16 ? 106 ALA A CA  1 
ATOM   790  C C   . ALA A 1 106 ? -6.071  -8.563  11.614  1.00 17.04 ? 106 ALA A C   1 
ATOM   791  O O   . ALA A 1 106 ? -6.745  -9.584  11.692  1.00 18.81 ? 106 ALA A O   1 
ATOM   792  C CB  . ALA A 1 106 ? -6.930  -7.061  9.816   1.00 18.41 ? 106 ALA A CB  1 
ATOM   793  N N   . SER A 1 107 ? -5.523  -7.982  12.672  1.00 16.41 ? 107 SER A N   1 
ATOM   794  C CA  . SER A 1 107 ? -5.716  -8.516  14.034  1.00 18.42 ? 107 SER A CA  1 
ATOM   795  C C   . SER A 1 107 ? -6.803  -7.755  14.813  1.00 19.00 ? 107 SER A C   1 
ATOM   796  O O   . SER A 1 107 ? -7.255  -8.224  15.869  1.00 20.54 ? 107 SER A O   1 
ATOM   797  C CB  . SER A 1 107 ? -4.393  -8.484  14.804  1.00 20.00 ? 107 SER A CB  1 
ATOM   798  O OG  . SER A 1 107 ? -3.913  -7.163  14.904  1.00 20.46 ? 107 SER A OG  1 
ATOM   799  N N   . ASP A 1 108 ? -7.242  -6.609  14.313  1.00 18.01 ? 108 ASP A N   1 
ATOM   800  C CA  . ASP A 1 108 ? -8.233  -5.788  15.035  1.00 19.47 ? 108 ASP A CA  1 
ATOM   801  C C   . ASP A 1 108 ? -9.174  -5.064  14.080  1.00 19.93 ? 108 ASP A C   1 
ATOM   802  O O   . ASP A 1 108 ? -8.855  -3.993  13.548  1.00 19.04 ? 108 ASP A O   1 
ATOM   803  C CB  . ASP A 1 108 ? -7.553  -4.824  16.009  1.00 20.33 ? 108 ASP A CB  1 
ATOM   804  C CG  . ASP A 1 108 ? -8.544  -3.991  16.802  1.00 23.37 ? 108 ASP A CG  1 
ATOM   805  O OD1 . ASP A 1 108 ? -8.077  -3.172  17.625  1.00 27.19 ? 108 ASP A OD1 1 
ATOM   806  O OD2 . ASP A 1 108 ? -9.770  -4.099  16.556  1.00 25.09 ? 108 ASP A OD2 1 
ATOM   807  N N   . GLU A 1 109 ? -10.333 -5.663  13.855  1.00 21.63 ? 109 GLU A N   1 
ATOM   808  C CA  . GLU A 1 109 ? -11.257 -5.215  12.819  1.00 25.31 ? 109 GLU A CA  1 
ATOM   809  C C   . GLU A 1 109 ? -11.691 -3.772  13.023  1.00 25.01 ? 109 GLU A C   1 
ATOM   810  O O   . GLU A 1 109 ? -12.096 -3.098  12.072  1.00 24.95 ? 109 GLU A O   1 
ATOM   811  C CB  . GLU A 1 109 ? -12.500 -6.112  12.789  1.00 27.63 ? 109 GLU A CB  1 
ATOM   812  C CG  . GLU A 1 109 ? -12.804 -6.693  11.420  1.00 35.58 ? 109 GLU A CG  1 
ATOM   813  C CD  . GLU A 1 109 ? -12.158 -8.052  11.208  1.00 42.30 ? 109 GLU A CD  1 
ATOM   814  O OE1 . GLU A 1 109 ? -10.911 -8.117  11.126  1.00 46.66 ? 109 GLU A OE1 1 
ATOM   815  O OE2 . GLU A 1 109 ? -12.897 -9.054  11.124  1.00 45.45 ? 109 GLU A OE2 1 
ATOM   816  N N   . SER A 1 110 ? -11.641 -3.314  14.266  1.00 23.75 ? 110 SER A N   1 
ATOM   817  C CA  . SER A 1 110 ? -12.080 -1.966  14.603  1.00 24.45 ? 110 SER A CA  1 
ATOM   818  C C   . SER A 1 110 ? -11.228 -0.901  13.899  1.00 23.37 ? 110 SER A C   1 
ATOM   819  O O   . SER A 1 110 ? -11.686 0.211   13.642  1.00 24.96 ? 110 SER A O   1 
ATOM   820  C CB  . SER A 1 110 ? -12.081 -1.766  16.127  1.00 25.31 ? 110 SER A CB  1 
ATOM   821  O OG  . SER A 1 110 ? -10.771 -1.668  16.665  1.00 29.49 ? 110 SER A OG  1 
ATOM   822  N N   . GLU A 1 111 ? -9.988  -1.250  13.576  1.00 20.76 ? 111 GLU A N   1 
ATOM   823  C CA  . GLU A 1 111 ? -9.066  -0.295  12.976  1.00 21.34 ? 111 GLU A CA  1 
ATOM   824  C C   . GLU A 1 111 ? -9.494  0.085   11.568  1.00 21.88 ? 111 GLU A C   1 
ATOM   825  O O   . GLU A 1 111 ? -9.015  1.099   11.026  1.00 22.80 ? 111 GLU A O   1 
ATOM   826  C CB  . GLU A 1 111 ? -7.660  -0.876  12.936  1.00 19.53 ? 111 GLU A CB  1 
ATOM   827  C CG  . GLU A 1 111 ? -7.000  -0.986  14.284  1.00 18.75 ? 111 GLU A CG  1 
ATOM   828  C CD  . GLU A 1 111 ? -5.658  -1.661  14.188  1.00 20.37 ? 111 GLU A CD  1 
ATOM   829  O OE1 . GLU A 1 111 ? -4.853  -1.554  15.131  1.00 22.06 ? 111 GLU A OE1 1 
ATOM   830  O OE2 . GLU A 1 111 ? -5.428  -2.346  13.177  1.00 22.07 ? 111 GLU A OE2 1 
ATOM   831  N N   . LEU A 1 112 ? -10.309 -0.760  10.948  1.00 24.48 ? 112 LEU A N   1 
ATOM   832  C CA  . LEU A 1 112 ? -10.791 -0.493  9.597   1.00 27.51 ? 112 LEU A CA  1 
ATOM   833  C C   . LEU A 1 112 ? -11.551 0.827   9.531   1.00 28.66 ? 112 LEU A C   1 
ATOM   834  O O   . LEU A 1 112 ? -11.682 1.420   8.466   1.00 29.87 ? 112 LEU A O   1 
ATOM   835  C CB  . LEU A 1 112 ? -11.677 -1.635  9.094   1.00 28.73 ? 112 LEU A CB  1 
ATOM   836  C CG  . LEU A 1 112 ? -11.310 -3.078  9.448   1.00 31.59 ? 112 LEU A CG  1 
ATOM   837  C CD1 . LEU A 1 112 ? -12.483 -3.998  9.129   1.00 35.99 ? 112 LEU A CD1 1 
ATOM   838  C CD2 . LEU A 1 112 ? -10.043 -3.536  8.738   1.00 35.98 ? 112 LEU A CD2 1 
ATOM   839  N N   . GLU A 1 113 ? -12.031 1.301   10.680  1.00 28.49 ? 113 GLU A N   1 
ATOM   840  C CA  . GLU A 1 113 ? -12.807 2.534   10.724  1.00 29.99 ? 113 GLU A CA  1 
ATOM   841  C C   . GLU A 1 113 ? -11.964 3.772   10.457  1.00 28.74 ? 113 GLU A C   1 
ATOM   842  O O   . GLU A 1 113 ? -12.501 4.822   10.108  1.00 31.01 ? 113 GLU A O   1 
ATOM   843  C CB  . GLU A 1 113 ? -13.543 2.666   12.062  1.00 30.16 ? 113 GLU A CB  1 
ATOM   844  C CG  . GLU A 1 113 ? -14.705 1.691   12.217  1.00 34.47 ? 113 GLU A CG  1 
ATOM   845  C CD  . GLU A 1 113 ? -15.302 1.713   13.611  1.00 40.71 ? 113 GLU A CD  1 
ATOM   846  O OE1 . GLU A 1 113 ? -14.910 2.588   14.418  1.00 40.39 ? 113 GLU A OE1 1 
ATOM   847  O OE2 . GLU A 1 113 ? -16.165 0.855   13.895  1.00 44.04 ? 113 GLU A OE2 1 
ATOM   848  N N   . SER A 1 114 ? -10.652 3.665   10.653  1.00 26.57 ? 114 SER A N   1 
ATOM   849  C CA  . SER A 1 114 ? -9.739  4.771   10.385  1.00 26.91 ? 114 SER A CA  1 
ATOM   850  C C   . SER A 1 114 ? -9.341  4.865   8.905   1.00 26.21 ? 114 SER A C   1 
ATOM   851  O O   . SER A 1 114 ? -8.636  5.799   8.506   1.00 28.24 ? 114 SER A O   1 
ATOM   852  C CB  . SER A 1 114 ? -8.492  4.658   11.260  1.00 28.03 ? 114 SER A CB  1 
ATOM   853  O OG  . SER A 1 114 ? -8.828  4.823   12.630  1.00 33.59 ? 114 SER A OG  1 
ATOM   854  N N   . LEU A 1 115 ? -9.807  3.913   8.102   1.00 24.27 ? 115 LEU A N   1 
ATOM   855  C CA  . LEU A 1 115 ? -9.528  3.920   6.654   1.00 22.97 ? 115 LEU A CA  1 
ATOM   856  C C   . LEU A 1 115 ? -10.477 4.855   5.887   1.00 21.29 ? 115 LEU A C   1 
ATOM   857  O O   . LEU A 1 115 ? -11.571 5.206   6.373   1.00 22.78 ? 115 LEU A O   1 
ATOM   858  C CB  . LEU A 1 115 ? -9.580  2.501   6.070   1.00 21.15 ? 115 LEU A CB  1 
ATOM   859  C CG  . LEU A 1 115 ? -8.715  1.400   6.696   1.00 25.75 ? 115 LEU A CG  1 
ATOM   860  C CD1 . LEU A 1 115 ? -8.918  0.074   5.984   1.00 29.30 ? 115 LEU A CD1 1 
ATOM   861  C CD2 . LEU A 1 115 ? -7.275  1.820   6.670   1.00 25.51 ? 115 LEU A CD2 1 
ATOM   862  N N   . LEU A 1 116 ? -10.031 5.302   4.719   1.00 15.30 ? 116 LEU A N   1 
ATOM   863  C CA  . LEU A 1 116 ? -10.746 6.293   3.909   1.00 15.54 ? 116 LEU A CA  1 
ATOM   864  C C   . LEU A 1 116 ? -11.411 5.534   2.788   1.00 14.90 ? 116 LEU A C   1 
ATOM   865  O O   . LEU A 1 116 ? -10.816 4.617   2.206   1.00 16.00 ? 116 LEU A O   1 
ATOM   866  C CB  . LEU A 1 116 ? -9.768  7.280   3.294   1.00 14.18 ? 116 LEU A CB  1 
ATOM   867  C CG  . LEU A 1 116 ? -9.085  8.270   4.229   1.00 17.39 ? 116 LEU A CG  1 
ATOM   868  C CD1 . LEU A 1 116 ? -8.435  9.385   3.422   1.00 23.09 ? 116 LEU A CD1 1 
ATOM   869  C CD2 . LEU A 1 116 ? -10.005 8.840   5.284   1.00 25.19 ? 116 LEU A CD2 1 
ATOM   870  N N   . ASP A 1 117 ? -12.608 5.949   2.400   1.00 14.53 ? 117 ASP A N   1 
ATOM   871  C CA  . ASP A 1 117 ? -13.104 5.479   1.135   1.00 14.40 ? 117 ASP A CA  1 
ATOM   872  C C   . ASP A 1 117 ? -12.604 6.319   -0.032  1.00 12.35 ? 117 ASP A C   1 
ATOM   873  O O   . ASP A 1 117 ? -11.876 7.294   0.150   1.00 13.54 ? 117 ASP A O   1 
ATOM   874  C CB  . ASP A 1 117 ? -14.604 5.228   1.147   1.00 15.49 ? 117 ASP A CB  1 
ATOM   875  C CG  . ASP A 1 117 ? -15.427 6.477   0.966   1.00 16.90 ? 117 ASP A CG  1 
ATOM   876  O OD1 . ASP A 1 117 ? -14.908 7.599   0.901   1.00 16.82 ? 117 ASP A OD1 1 
ATOM   877  O OD2 . ASP A 1 117 ? -16.652 6.272   0.806   1.00 19.24 ? 117 ASP A OD2 1 
ATOM   878  N N   . ALA A 1 118 ? -12.963 5.918   -1.239  1.00 12.11 ? 118 ALA A N   1 
ATOM   879  C CA  . ALA A 1 118 ? -12.464 6.595   -2.419  1.00 13.84 ? 118 ALA A CA  1 
ATOM   880  C C   . ALA A 1 118 ? -12.808 8.088   -2.464  1.00 13.03 ? 118 ALA A C   1 
ATOM   881  O O   . ALA A 1 118 ? -12.009 8.904   -2.865  1.00 14.22 ? 118 ALA A O   1 
ATOM   882  C CB  . ALA A 1 118 ? -12.955 5.887   -3.669  1.00 13.76 ? 118 ALA A CB  1 
ATOM   883  N N   . THR A 1 119 ? -14.023 8.420   -2.048  1.00 13.71 ? 119 THR A N   1 
ATOM   884  C CA  . THR A 1 119 ? -14.443 9.815   -2.034  1.00 14.19 ? 119 THR A CA  1 
ATOM   885  C C   . THR A 1 119 ? -13.576 10.630  -1.080  1.00 11.92 ? 119 THR A C   1 
ATOM   886  O O   . THR A 1 119 ? -13.164 11.739  -1.416  1.00 13.87 ? 119 THR A O   1 
ATOM   887  C CB  . THR A 1 119 ? -15.906 9.916   -1.595  1.00 15.10 ? 119 THR A CB  1 
ATOM   888  O OG1 . THR A 1 119 ? -16.705 9.117   -2.462  1.00 19.69 ? 119 THR A OG1 1 
ATOM   889  C CG2 . THR A 1 119 ? -16.418 11.346  -1.615  1.00 17.29 ? 119 THR A CG2 1 
ATOM   890  N N   . ALA A 1 120 ? -13.293 10.087  0.101   1.00 12.84 ? 120 ALA A N   1 
ATOM   891  C CA  . ALA A 1 120 ? -12.468 10.784  1.055   1.00 13.90 ? 120 ALA A CA  1 
ATOM   892  C C   . ALA A 1 120 ? -11.046 10.912  0.520   1.00 14.25 ? 120 ALA A C   1 
ATOM   893  O O   . ALA A 1 120 ? -10.385 11.923  0.769   1.00 15.79 ? 120 ALA A O   1 
ATOM   894  C CB  . ALA A 1 120 ? -12.468 10.060  2.395   1.00 13.89 ? 120 ALA A CB  1 
ATOM   895  N N   . TYR A 1 121 ? -10.539 9.876   -0.149  1.00 13.39 ? 121 TYR A N   1 
ATOM   896  C CA  . TYR A 1 121 ? -9.172  9.958   -0.691  1.00 13.88 ? 121 TYR A CA  1 
ATOM   897  C C   . TYR A 1 121 ? -9.056  10.989  -1.815  1.00 13.03 ? 121 TYR A C   1 
ATOM   898  O O   . TYR A 1 121 ? -8.107  11.787  -1.846  1.00 14.81 ? 121 TYR A O   1 
ATOM   899  C CB  . TYR A 1 121 ? -8.643  8.573   -1.102  1.00 13.48 ? 121 TYR A CB  1 
ATOM   900  C CG  . TYR A 1 121 ? -7.181  8.592   -1.497  1.00 12.48 ? 121 TYR A CG  1 
ATOM   901  C CD1 . TYR A 1 121 ? -6.186  8.829   -0.557  1.00 13.75 ? 121 TYR A CD1 1 
ATOM   902  C CD2 . TYR A 1 121 ? -6.831  8.508   -2.836  1.00 12.06 ? 121 TYR A CD2 1 
ATOM   903  C CE1 . TYR A 1 121 ? -4.846  8.904   -0.944  1.00 13.78 ? 121 TYR A CE1 1 
ATOM   904  C CE2 . TYR A 1 121 ? -5.473  8.577   -3.237  1.00 12.38 ? 121 TYR A CE2 1 
ATOM   905  C CZ  . TYR A 1 121 ? -4.514  8.756   -2.288  1.00 13.09 ? 121 TYR A CZ  1 
ATOM   906  O OH  . TYR A 1 121 ? -3.190  8.868   -2.696  1.00 13.68 ? 121 TYR A OH  1 
ATOM   907  N N   . GLU A 1 122 ? -10.060 11.050  -2.671  1.00 14.31 ? 122 GLU A N   1 
ATOM   908  C CA  . GLU A 1 122 ? -10.123 12.107  -3.692  1.00 15.87 ? 122 GLU A CA  1 
ATOM   909  C C   . GLU A 1 122 ? -10.115 13.491  -3.044  1.00 17.48 ? 122 GLU A C   1 
ATOM   910  O O   . GLU A 1 122 ? -9.448  14.415  -3.521  1.00 18.54 ? 122 GLU A O   1 
ATOM   911  C CB  . GLU A 1 122 ? -11.367 11.948  -4.560  1.00 20.03 ? 122 GLU A CB  1 
ATOM   912  C CG  . GLU A 1 122 ? -11.376 10.698  -5.402  1.00 25.30 ? 122 GLU A CG  1 
ATOM   913  C CD  . GLU A 1 122 ? -12.700 10.454  -6.113  1.00 35.88 ? 122 GLU A CD  1 
ATOM   914  O OE1 . GLU A 1 122 ? -13.756 10.850  -5.566  1.00 39.00 ? 122 GLU A OE1 1 
ATOM   915  O OE2 . GLU A 1 122 ? -12.688 9.846   -7.212  1.00 37.26 ? 122 GLU A OE2 1 
ATOM   916  N N   . ALA A 1 123 ? -10.895 13.656  -1.984  1.00 17.09 ? 123 ALA A N   1 
ATOM   917  C CA  . ALA A 1 123 ? -10.964 14.944  -1.294  1.00 17.99 ? 123 ALA A CA  1 
ATOM   918  C C   . ALA A 1 123 ? -9.601  15.305  -0.711  1.00 20.46 ? 123 ALA A C   1 
ATOM   919  O O   . ALA A 1 123 ? -9.149  16.454  -0.800  1.00 21.46 ? 123 ALA A O   1 
ATOM   920  C CB  . ALA A 1 123 ? -12.025 14.896  -0.205  1.00 19.13 ? 123 ALA A CB  1 
ATOM   921  N N   . LEU A 1 124 ? -8.928  14.318  -0.126  1.00 19.83 ? 124 LEU A N   1 
ATOM   922  C CA  . LEU A 1 124 ? -7.581  14.515  0.407   1.00 20.72 ? 124 LEU A CA  1 
ATOM   923  C C   . LEU A 1 124 ? -6.607  14.996  -0.678  1.00 22.28 ? 124 LEU A C   1 
ATOM   924  O O   . LEU A 1 124 ? -5.809  15.906  -0.441  1.00 23.39 ? 124 LEU A O   1 
ATOM   925  C CB  . LEU A 1 124 ? -7.089  13.202  1.033   1.00 21.24 ? 124 LEU A CB  1 
ATOM   926  C CG  . LEU A 1 124 ? -5.724  13.231  1.733   1.00 22.85 ? 124 LEU A CG  1 
ATOM   927  C CD1 . LEU A 1 124 ? -5.847  13.864  3.124   1.00 31.08 ? 124 LEU A CD1 1 
ATOM   928  C CD2 . LEU A 1 124 ? -5.158  11.814  1.849   1.00 26.81 ? 124 LEU A CD2 1 
ATOM   929  N N   . LEU A 1 125 ? -6.699  14.408  -1.868  1.00 20.54 ? 125 LEU A N   1 
ATOM   930  C CA  . LEU A 1 125 ? -5.869  14.795  -3.009  1.00 22.66 ? 125 LEU A CA  1 
ATOM   931  C C   . LEU A 1 125 ? -6.177  16.221  -3.426  1.00 25.31 ? 125 LEU A C   1 
ATOM   932  O O   . LEU A 1 125 ? -5.274  16.993  -3.736  1.00 26.54 ? 125 LEU A O   1 
ATOM   933  C CB  . LEU A 1 125 ? -6.092  13.850  -4.198  1.00 21.26 ? 125 LEU A CB  1 
ATOM   934  C CG  . LEU A 1 125 ? -5.613  12.406  -3.997  1.00 22.60 ? 125 LEU A CG  1 
ATOM   935  C CD1 . LEU A 1 125 ? -5.649  11.658  -5.306  1.00 25.04 ? 125 LEU A CD1 1 
ATOM   936  C CD2 . LEU A 1 125 ? -4.229  12.388  -3.386  1.00 25.05 ? 125 LEU A CD2 1 
ATOM   937  N N   . GLU A 1 126 ? -7.457  16.565  -3.410  1.00 26.65 ? 126 GLU A N   1 
ATOM   938  C CA  . GLU A 1 126 ? -7.884  17.914  -3.766  1.00 29.46 ? 126 GLU A CA  1 
ATOM   939  C C   . GLU A 1 126 ? -7.497  18.925  -2.693  1.00 32.14 ? 126 GLU A C   1 
ATOM   940  O O   . GLU A 1 126 ? -7.584  20.136  -2.905  1.00 33.87 ? 126 GLU A O   1 
ATOM   941  C CB  . GLU A 1 126 ? -9.388  17.924  -4.033  1.00 28.34 ? 126 GLU A CB  1 
ATOM   942  C CG  . GLU A 1 126 ? -9.756  17.326  -5.385  1.00 31.67 ? 126 GLU A CG  1 
ATOM   943  C CD  . GLU A 1 126 ? -11.250 17.099  -5.552  1.00 40.21 ? 126 GLU A CD  1 
ATOM   944  O OE1 . GLU A 1 126 ? -12.040 17.737  -4.820  1.00 42.32 ? 126 GLU A OE1 1 
ATOM   945  O OE2 . GLU A 1 126 ? -11.633 16.275  -6.413  1.00 41.40 ? 126 GLU A OE2 1 
ATOM   946  N N   . ASP A 1 127 ? -6.938  18.424  -1.598  1.00 35.46 ? 127 ASP A N   1 
ATOM   947  C CA  . ASP A 1 127 ? -6.660  19.238  -0.426  1.00 39.39 ? 127 ASP A CA  1 
ATOM   948  C C   . ASP A 1 127 ? -5.161  19.483  -0.229  1.00 41.10 ? 127 ASP A C   1 
ATOM   949  O O   . ASP A 1 127 ? -4.759  20.177  0.706   1.00 41.88 ? 127 ASP A O   1 
ATOM   950  C CB  . ASP A 1 127 ? -7.253  18.568  0.814   1.00 40.02 ? 127 ASP A CB  1 
ATOM   951  C CG  . ASP A 1 127 ? -7.291  19.488  2.008   1.00 44.90 ? 127 ASP A CG  1 
ATOM   952  O OD1 . ASP A 1 127 ? -7.317  18.979  3.152   1.00 49.65 ? 127 ASP A OD1 1 
ATOM   953  O OD2 . ASP A 1 127 ? -7.317  20.723  1.803   1.00 48.91 ? 127 ASP A OD2 1 
ATOM   954  N N   . GLU A 1 128 ? -4.330  18.908  -1.097  1.00 43.29 ? 128 GLU A N   1 
ATOM   955  C CA  . GLU A 1 128 ? -2.936  19.351  -1.206  1.00 44.63 ? 128 GLU A CA  1 
ATOM   956  C C   . GLU A 1 128 ? -2.754  20.453  -2.253  1.00 46.15 ? 128 GLU A C   1 
ATOM   957  O O   . GLU A 1 128 ? -3.068  20.276  -3.435  1.00 46.79 ? 128 GLU A O   1 
ATOM   958  C CB  . GLU A 1 128 ? -1.977  18.178  -1.468  1.00 44.42 ? 128 GLU A CB  1 
ATOM   959  C CG  . GLU A 1 128 ? -2.609  16.971  -2.149  1.00 42.09 ? 128 GLU A CG  1 
ATOM   960  C CD  . GLU A 1 128 ? -1.583  15.952  -2.638  1.00 37.67 ? 128 GLU A CD  1 
ATOM   961  O OE1 . GLU A 1 128 ? -0.985  16.175  -3.711  1.00 35.33 ? 128 GLU A OE1 1 
ATOM   962  O OE2 . GLU A 1 128 ? -1.409  14.907  -1.974  1.00 35.88 ? 128 GLU A OE2 1 
ATOM   963  O OXT . GLU A 1 128 ? -2.324  21.566  -1.931  1.00 46.45 ? 128 GLU A OXT 1 
HETATM 964  O O   . HOH B 2 .   ? -4.341  8.082   -6.889  1.00 14.10 ? 129 HOH A O   1 
HETATM 965  O O   . HOH B 2 .   ? 1.414   -0.378  -5.336  1.00 10.92 ? 130 HOH A O   1 
HETATM 966  O O   . HOH B 2 .   ? -14.034 3.213   -1.556  1.00 14.71 ? 131 HOH A O   1 
HETATM 967  O O   . HOH B 2 .   ? -3.006  -0.416  -11.651 1.00 15.29 ? 132 HOH A O   1 
HETATM 968  O O   . HOH B 2 .   ? 13.264  -3.916  -5.629  1.00 13.51 ? 133 HOH A O   1 
HETATM 969  O O   . HOH B 2 .   ? -13.819 7.661   4.366   1.00 15.99 ? 134 HOH A O   1 
HETATM 970  O O   . HOH B 2 .   ? 13.127  -6.699  0.038   1.00 21.40 ? 135 HOH A O   1 
HETATM 971  O O   . HOH B 2 .   ? 4.925   -14.201 -0.105  1.00 15.12 ? 136 HOH A O   1 
HETATM 972  O O   . HOH B 2 .   ? 16.201  -6.430  -11.667 1.00 20.81 ? 137 HOH A O   1 
HETATM 973  O O   . HOH B 2 .   ? -3.292  -7.022  -7.147  1.00 14.76 ? 138 HOH A O   1 
HETATM 974  O O   . HOH B 2 .   ? -5.888  -11.808 -5.344  1.00 22.09 ? 139 HOH A O   1 
HETATM 975  O O   . HOH B 2 .   ? 7.678   -14.632 -0.255  1.00 18.94 ? 140 HOH A O   1 
HETATM 976  O O   . HOH B 2 .   ? -6.184  -4.882  12.308  1.00 17.25 ? 141 HOH A O   1 
HETATM 977  O O   . HOH B 2 .   ? 3.589   -16.037 1.519   1.00 23.23 ? 142 HOH A O   1 
HETATM 978  O O   . HOH B 2 .   ? 3.891   -14.181 -2.766  1.00 18.27 ? 143 HOH A O   1 
HETATM 979  O O   . HOH B 2 .   ? -7.697  -9.685  7.508   1.00 23.23 ? 144 HOH A O   1 
HETATM 980  O O   . HOH B 2 .   ? -18.270 7.952   -0.289  1.00 16.55 ? 145 HOH A O   1 
HETATM 981  O O   . HOH B 2 .   ? -2.465  -9.470  -5.151  1.00 16.42 ? 146 HOH A O   1 
HETATM 982  O O   . HOH B 2 .   ? 10.563  -10.472 2.404   1.00 26.68 ? 147 HOH A O   1 
HETATM 983  O O   . HOH B 2 .   ? 11.064  9.652   -12.296 1.00 26.60 ? 148 HOH A O   1 
HETATM 984  O O   . HOH B 2 .   ? -12.819 0.079   -8.128  1.00 25.37 ? 149 HOH A O   1 
HETATM 985  O O   . HOH B 2 .   ? -6.225  -2.981  -6.081  1.00 20.23 ? 150 HOH A O   1 
HETATM 986  O O   . HOH B 2 .   ? -10.733 7.582   -10.668 1.00 31.22 ? 151 HOH A O   1 
HETATM 987  O O   . HOH B 2 .   ? 13.166  -6.336  -2.684  1.00 19.19 ? 152 HOH A O   1 
HETATM 988  O O   . HOH B 2 .   ? 15.452  -5.795  -4.580  1.00 32.72 ? 153 HOH A O   1 
HETATM 989  O O   . HOH B 2 .   ? 6.263   10.215  -12.303 1.00 27.37 ? 154 HOH A O   1 
HETATM 990  O O   . HOH B 2 .   ? -3.210  -11.233 12.510  1.00 25.22 ? 155 HOH A O   1 
HETATM 991  O O   . HOH B 2 .   ? -4.967  -12.522 -2.728  1.00 27.99 ? 156 HOH A O   1 
HETATM 992  O O   . HOH B 2 .   ? 9.868   -12.926 4.038   1.00 29.37 ? 157 HOH A O   1 
HETATM 993  O O   . HOH B 2 .   ? -4.237  -5.730  17.271  1.00 33.17 ? 158 HOH A O   1 
HETATM 994  O O   . HOH B 2 .   ? -10.546 -8.712  -3.901  1.00 35.47 ? 159 HOH A O   1 
HETATM 995  O O   . HOH B 2 .   ? -1.093  -10.463 14.378  1.00 34.39 ? 160 HOH A O   1 
HETATM 996  O O   . HOH B 2 .   ? 5.663   7.494   -12.677 1.00 30.95 ? 161 HOH A O   1 
HETATM 997  O O   . HOH B 2 .   ? 9.019   11.530  -12.423 1.00 30.36 ? 162 HOH A O   1 
HETATM 998  O O   . HOH B 2 .   ? -0.086  3.834   -13.764 1.00 33.72 ? 163 HOH A O   1 
HETATM 999  O O   . HOH B 2 .   ? -1.032  3.306   5.867   1.00 36.20 ? 164 HOH A O   1 
HETATM 1000 O O   . HOH B 2 .   ? 15.506  -3.408  -7.370  1.00 22.74 ? 165 HOH A O   1 
HETATM 1001 O O   . HOH B 2 .   ? 10.973  -3.836  5.420   1.00 36.49 ? 166 HOH A O   1 
HETATM 1002 O O   . HOH B 2 .   ? -5.328  7.139   7.139   1.00 34.04 ? 167 HOH A O   1 
HETATM 1003 O O   . HOH B 2 .   ? 12.124  -11.109 -2.965  1.00 30.23 ? 168 HOH A O   1 
HETATM 1004 O O   . HOH B 2 .   ? -5.401  -1.560  -12.125 1.00 34.22 ? 169 HOH A O   1 
HETATM 1005 O O   . HOH B 2 .   ? -8.700  -1.998  -7.984  1.00 33.20 ? 170 HOH A O   1 
HETATM 1006 O O   . HOH B 2 .   ? 1.382   -10.326 -8.468  1.00 23.44 ? 171 HOH A O   1 
HETATM 1007 O O   . HOH B 2 .   ? -9.346  -13.207 -3.125  1.00 26.05 ? 172 HOH A O   1 
HETATM 1008 O O   . HOH B 2 .   ? 4.421   -3.043  16.859  1.00 31.33 ? 173 HOH A O   1 
HETATM 1009 O O   . HOH B 2 .   ? -11.809 -4.066  -0.981  1.00 33.75 ? 174 HOH A O   1 
HETATM 1010 O O   . HOH B 2 .   ? -13.428 3.087   -9.986  1.00 29.41 ? 175 HOH A O   1 
HETATM 1011 O O   . HOH B 2 .   ? -1.345  1.155   16.136  1.00 32.66 ? 176 HOH A O   1 
HETATM 1012 O O   . HOH B 2 .   ? -13.556 7.124   -7.206  1.00 37.36 ? 177 HOH A O   1 
HETATM 1013 O O   . HOH B 2 .   ? -7.072  -7.830  18.768  1.00 47.00 ? 178 HOH A O   1 
HETATM 1014 O O   . HOH B 2 .   ? -5.957  1.684   11.130  1.00 32.05 ? 179 HOH A O   1 
HETATM 1015 O O   . HOH B 2 .   ? -3.117  16.222  -5.447  1.00 39.41 ? 180 HOH A O   1 
HETATM 1016 O O   . HOH B 2 .   ? 12.509  -12.269 -6.413  1.00 39.06 ? 181 HOH A O   1 
HETATM 1017 O O   . HOH B 2 .   ? 12.369  -6.413  -14.793 1.00 39.98 ? 182 HOH A O   1 
HETATM 1018 O O   . HOH B 2 .   ? 0.733   -17.067 4.058   1.00 37.06 ? 183 HOH A O   1 
HETATM 1019 O O   . HOH B 2 .   ? 7.188   -9.601  14.234  1.00 36.04 ? 184 HOH A O   1 
HETATM 1020 O O   . HOH B 2 .   ? -8.616  -15.046 -0.625  1.00 38.45 ? 185 HOH A O   1 
HETATM 1021 O O   . HOH B 2 .   ? 9.708   -7.127  8.403   1.00 31.82 ? 186 HOH A O   1 
HETATM 1022 O O   . HOH B 2 .   ? -8.331  -14.017 6.968   1.00 34.77 ? 187 HOH A O   1 
HETATM 1023 O O   . HOH B 2 .   ? 11.679  -10.594 -8.618  1.00 28.70 ? 188 HOH A O   1 
HETATM 1024 O O   . HOH B 2 .   ? 4.467   -0.163  17.141  1.00 34.41 ? 189 HOH A O   1 
HETATM 1025 O O   . HOH B 2 .   ? -1.573  -3.327  17.349  1.00 38.09 ? 190 HOH A O   1 
HETATM 1026 O O   . HOH B 2 .   ? -12.584 -6.048  -2.162  1.00 40.10 ? 191 HOH A O   1 
HETATM 1027 O O   . HOH B 2 .   ? 2.808   2.270   15.006  1.00 42.22 ? 192 HOH A O   1 
HETATM 1028 O O   . HOH B 2 .   ? -4.436  1.210   15.864  1.00 38.95 ? 193 HOH A O   1 
HETATM 1029 O O   . HOH B 2 .   ? -2.208  12.932  3.982   1.00 38.56 ? 194 HOH A O   1 
HETATM 1030 O O   . HOH B 2 .   ? -7.898  0.891   -12.244 1.00 55.69 ? 195 HOH A O   1 
HETATM 1031 O O   . HOH B 2 .   ? 5.828   -4.884  15.530  1.00 42.89 ? 196 HOH A O   1 
HETATM 1032 O O   . HOH B 2 .   ? -14.969 -5.054  -0.830  1.00 38.48 ? 197 HOH A O   1 
HETATM 1033 O O   . HOH B 2 .   ? -2.515  -4.394  -14.715 1.00 30.65 ? 198 HOH A O   1 
HETATM 1034 O O   . HOH B 2 .   ? 5.667   -12.018 14.269  1.00 30.26 ? 199 HOH A O   1 
HETATM 1035 O O   . HOH B 2 .   ? -6.203  -5.285  -9.662  1.00 31.96 ? 200 HOH A O   1 
HETATM 1036 O O   . HOH B 2 .   ? -1.040  -16.976 2.479   1.00 51.10 ? 201 HOH A O   1 
HETATM 1037 O O   . HOH B 2 .   ? 7.314   14.633  -7.221  1.00 33.07 ? 202 HOH A O   1 
HETATM 1038 O O   . HOH B 2 .   ? -1.708  -14.633 1.652   1.00 37.94 ? 203 HOH A O   1 
HETATM 1039 O O   . HOH B 2 .   ? -1.984  -2.881  -17.025 1.00 41.04 ? 204 HOH A O   1 
# 
loop_
_pdbx_poly_seq_scheme.asym_id 
_pdbx_poly_seq_scheme.entity_id 
_pdbx_poly_seq_scheme.seq_id 
_pdbx_poly_seq_scheme.mon_id 
_pdbx_poly_seq_scheme.ndb_seq_num 
_pdbx_poly_seq_scheme.pdb_seq_num 
_pdbx_poly_seq_scheme.auth_seq_num 
_pdbx_poly_seq_scheme.pdb_mon_id 
_pdbx_poly_seq_scheme.auth_mon_id 
_pdbx_poly_seq_scheme.pdb_strand_id 
_pdbx_poly_seq_scheme.pdb_ins_code 
_pdbx_poly_seq_scheme.hetero 
A 1 1   SER 1   1   1   SER SER A . n 
A 1 2   ASN 2   2   2   ASN ASN A . n 
A 1 3   VAL 3   3   3   VAL VAL A . n 
A 1 4   PRO 4   4   4   PRO PRO A . n 
A 1 5   ALA 5   5   5   ALA ALA A . n 
A 1 6   GLU 6   6   6   GLU GLU A . n 
A 1 7   LEU 7   7   7   LEU LEU A . n 
A 1 8   LYS 8   8   8   LYS LYS A . n 
A 1 9   TYR 9   9   9   TYR TYR A . n 
A 1 10  SER 10  10  10  SER SER A . n 
A 1 11  LYS 11  11  11  LYS LYS A . n 
A 1 12  GLU 12  12  12  GLU GLU A . n 
A 1 13  HIS 13  13  13  HIS HIS A . n 
A 1 14  GLU 14  14  14  GLU GLU A . n 
A 1 15  TRP 15  15  15  TRP TRP A . n 
A 1 16  LEU 16  16  16  LEU LEU A . n 
A 1 17  ARG 17  17  17  ARG ARG A . n 
A 1 18  LYS 18  18  18  LYS LYS A . n 
A 1 19  GLU 19  19  19  GLU GLU A . n 
A 1 20  ALA 20  20  20  ALA ALA A . n 
A 1 21  ASP 21  21  21  ASP ASP A . n 
A 1 22  GLY 22  22  22  GLY GLY A . n 
A 1 23  THR 23  23  23  THR THR A . n 
A 1 24  TYR 24  24  24  TYR TYR A . n 
A 1 25  THR 25  25  25  THR THR A . n 
A 1 26  VAL 26  26  26  VAL VAL A . n 
A 1 27  GLY 27  27  27  GLY GLY A . n 
A 1 28  ILE 28  28  28  ILE ILE A . n 
A 1 29  THR 29  29  29  THR THR A . n 
A 1 30  GLU 30  30  30  GLU GLU A . n 
A 1 31  HIS 31  31  31  HIS HIS A . n 
A 1 32  ALA 32  32  32  ALA ALA A . n 
A 1 33  GLN 33  33  33  GLN GLN A . n 
A 1 34  GLU 34  34  34  GLU GLU A . n 
A 1 35  LEU 35  35  35  LEU LEU A . n 
A 1 36  LEU 36  36  36  LEU LEU A . n 
A 1 37  GLY 37  37  37  GLY GLY A . n 
A 1 38  ASP 38  38  38  ASP ASP A . n 
A 1 39  MET 39  39  39  MET MET A . n 
A 1 40  VAL 40  40  40  VAL VAL A . n 
A 1 41  PHE 41  41  41  PHE PHE A . n 
A 1 42  VAL 42  42  42  VAL VAL A . n 
A 1 43  ASP 43  43  43  ASP ASP A . n 
A 1 44  LEU 44  44  44  LEU LEU A . n 
A 1 45  PRO 45  45  45  PRO PRO A . n 
A 1 46  GLU 46  46  46  GLU GLU A . n 
A 1 47  VAL 47  47  47  VAL VAL A . n 
A 1 48  GLY 48  48  48  GLY GLY A . n 
A 1 49  ALA 49  49  49  ALA ALA A . n 
A 1 50  THR 50  50  50  THR THR A . n 
A 1 51  VAL 51  51  51  VAL VAL A . n 
A 1 52  SER 52  52  52  SER SER A . n 
A 1 53  ALA 53  53  53  ALA ALA A . n 
A 1 54  GLY 54  54  54  GLY GLY A . n 
A 1 55  ASP 55  55  55  ASP ASP A . n 
A 1 56  ASP 56  56  56  ASP ASP A . n 
A 1 57  CYS 57  57  57  CYS CYS A . n 
A 1 58  ALA 58  58  58  ALA ALA A . n 
A 1 59  VAL 59  59  59  VAL VAL A . n 
A 1 60  ALA 60  60  60  ALA ALA A . n 
A 1 61  GLU 61  61  61  GLU GLU A . n 
A 1 62  SER 62  62  62  SER SER A . n 
A 1 63  VAL 63  63  63  VAL VAL A . n 
A 1 64  LYS 64  64  64  LYS LYS A . n 
A 1 65  ALA 65  65  65  ALA ALA A . n 
A 1 66  ALA 66  66  66  ALA ALA A . n 
A 1 67  SER 67  67  67  SER SER A . n 
A 1 68  ASP 68  68  68  ASP ASP A . n 
A 1 69  ILE 69  69  69  ILE ILE A . n 
A 1 70  TYR 70  70  70  TYR TYR A . n 
A 1 71  ALA 71  71  71  ALA ALA A . n 
A 1 72  PRO 72  72  72  PRO PRO A . n 
A 1 73  VAL 73  73  73  VAL VAL A . n 
A 1 74  SER 74  74  74  SER SER A . n 
A 1 75  GLY 75  75  75  GLY GLY A . n 
A 1 76  GLU 76  76  76  GLU GLU A . n 
A 1 77  ILE 77  77  77  ILE ILE A . n 
A 1 78  VAL 78  78  78  VAL VAL A . n 
A 1 79  ALA 79  79  79  ALA ALA A . n 
A 1 80  VAL 80  80  80  VAL VAL A . n 
A 1 81  ASN 81  81  81  ASN ASN A . n 
A 1 82  ASP 82  82  82  ASP ASP A . n 
A 1 83  ALA 83  83  83  ALA ALA A . n 
A 1 84  LEU 84  84  84  LEU LEU A . n 
A 1 85  SER 85  85  85  SER SER A . n 
A 1 86  ASP 86  86  86  ASP ASP A . n 
A 1 87  SER 87  87  87  SER SER A . n 
A 1 88  PRO 88  88  88  PRO PRO A . n 
A 1 89  GLU 89  89  89  GLU GLU A . n 
A 1 90  LEU 90  90  90  LEU LEU A . n 
A 1 91  VAL 91  91  91  VAL VAL A . n 
A 1 92  ASN 92  92  92  ASN ASN A . n 
A 1 93  SER 93  93  93  SER SER A . n 
A 1 94  GLU 94  94  94  GLU GLU A . n 
A 1 95  PRO 95  95  95  PRO PRO A . n 
A 1 96  TYR 96  96  96  TYR TYR A . n 
A 1 97  ALA 97  97  97  ALA ALA A . n 
A 1 98  GLY 98  98  98  GLY GLY A . n 
A 1 99  GLY 99  99  99  GLY GLY A . n 
A 1 100 TRP 100 100 100 TRP TRP A . n 
A 1 101 ILE 101 101 101 ILE ILE A . n 
A 1 102 PHE 102 102 102 PHE PHE A . n 
A 1 103 LYS 103 103 103 LYS LYS A . n 
A 1 104 ILE 104 104 104 ILE ILE A . n 
A 1 105 LYS 105 105 105 LYS LYS A . n 
A 1 106 ALA 106 106 106 ALA ALA A . n 
A 1 107 SER 107 107 107 SER SER A . n 
A 1 108 ASP 108 108 108 ASP ASP A . n 
A 1 109 GLU 109 109 109 GLU GLU A . n 
A 1 110 SER 110 110 110 SER SER A . n 
A 1 111 GLU 111 111 111 GLU GLU A . n 
A 1 112 LEU 112 112 112 LEU LEU A . n 
A 1 113 GLU 113 113 113 GLU GLU A . n 
A 1 114 SER 114 114 114 SER SER A . n 
A 1 115 LEU 115 115 115 LEU LEU A . n 
A 1 116 LEU 116 116 116 LEU LEU A . n 
A 1 117 ASP 117 117 117 ASP ASP A . n 
A 1 118 ALA 118 118 118 ALA ALA A . n 
A 1 119 THR 119 119 119 THR THR A . n 
A 1 120 ALA 120 120 120 ALA ALA A . n 
A 1 121 TYR 121 121 121 TYR TYR A . n 
A 1 122 GLU 122 122 122 GLU GLU A . n 
A 1 123 ALA 123 123 123 ALA ALA A . n 
A 1 124 LEU 124 124 124 LEU LEU A . n 
A 1 125 LEU 125 125 125 LEU LEU A . n 
A 1 126 GLU 126 126 126 GLU GLU A . n 
A 1 127 ASP 127 127 127 ASP ASP A . n 
A 1 128 GLU 128 128 128 GLU GLU A . n 
# 
loop_
_pdbx_nonpoly_scheme.asym_id 
_pdbx_nonpoly_scheme.entity_id 
_pdbx_nonpoly_scheme.mon_id 
_pdbx_nonpoly_scheme.ndb_seq_num 
_pdbx_nonpoly_scheme.pdb_seq_num 
_pdbx_nonpoly_scheme.auth_seq_num 
_pdbx_nonpoly_scheme.pdb_mon_id 
_pdbx_nonpoly_scheme.auth_mon_id 
_pdbx_nonpoly_scheme.pdb_strand_id 
_pdbx_nonpoly_scheme.pdb_ins_code 
B 2 HOH 1  129 1  HOH HOH A . 
B 2 HOH 2  130 2  HOH HOH A . 
B 2 HOH 3  131 3  HOH HOH A . 
B 2 HOH 4  132 4  HOH HOH A . 
B 2 HOH 5  133 5  HOH HOH A . 
B 2 HOH 6  134 6  HOH HOH A . 
B 2 HOH 7  135 7  HOH HOH A . 
B 2 HOH 8  136 8  HOH HOH A . 
B 2 HOH 9  137 9  HOH HOH A . 
B 2 HOH 10 138 10 HOH HOH A . 
B 2 HOH 11 139 11 HOH HOH A . 
B 2 HOH 12 140 12 HOH HOH A . 
B 2 HOH 13 141 13 HOH HOH A . 
B 2 HOH 14 142 14 HOH HOH A . 
B 2 HOH 15 143 15 HOH HOH A . 
B 2 HOH 16 144 16 HOH HOH A . 
B 2 HOH 17 145 17 HOH HOH A . 
B 2 HOH 18 146 18 HOH HOH A . 
B 2 HOH 19 147 19 HOH HOH A . 
B 2 HOH 20 148 20 HOH HOH A . 
B 2 HOH 21 149 21 HOH HOH A . 
B 2 HOH 22 150 22 HOH HOH A . 
B 2 HOH 23 151 23 HOH HOH A . 
B 2 HOH 24 152 24 HOH HOH A . 
B 2 HOH 25 153 25 HOH HOH A . 
B 2 HOH 26 154 26 HOH HOH A . 
B 2 HOH 27 155 27 HOH HOH A . 
B 2 HOH 28 156 28 HOH HOH A . 
B 2 HOH 29 157 29 HOH HOH A . 
B 2 HOH 30 158 30 HOH HOH A . 
B 2 HOH 31 159 31 HOH HOH A . 
B 2 HOH 32 160 32 HOH HOH A . 
B 2 HOH 33 161 33 HOH HOH A . 
B 2 HOH 34 162 34 HOH HOH A . 
B 2 HOH 35 163 35 HOH HOH A . 
B 2 HOH 36 164 36 HOH HOH A . 
B 2 HOH 37 165 37 HOH HOH A . 
B 2 HOH 38 166 38 HOH HOH A . 
B 2 HOH 39 167 39 HOH HOH A . 
B 2 HOH 40 168 40 HOH HOH A . 
B 2 HOH 41 169 41 HOH HOH A . 
B 2 HOH 42 170 42 HOH HOH A . 
B 2 HOH 43 171 43 HOH HOH A . 
B 2 HOH 44 172 44 HOH HOH A . 
B 2 HOH 45 173 45 HOH HOH A . 
B 2 HOH 46 174 46 HOH HOH A . 
B 2 HOH 47 175 47 HOH HOH A . 
B 2 HOH 48 176 48 HOH HOH A . 
B 2 HOH 49 177 49 HOH HOH A . 
B 2 HOH 50 178 50 HOH HOH A . 
B 2 HOH 51 179 51 HOH HOH A . 
B 2 HOH 52 180 52 HOH HOH A . 
B 2 HOH 53 181 53 HOH HOH A . 
B 2 HOH 54 182 54 HOH HOH A . 
B 2 HOH 55 183 55 HOH HOH A . 
B 2 HOH 56 184 56 HOH HOH A . 
B 2 HOH 57 185 57 HOH HOH A . 
B 2 HOH 58 186 58 HOH HOH A . 
B 2 HOH 59 187 59 HOH HOH A . 
B 2 HOH 60 188 60 HOH HOH A . 
B 2 HOH 61 189 61 HOH HOH A . 
B 2 HOH 62 190 62 HOH HOH A . 
B 2 HOH 63 191 63 HOH HOH A . 
B 2 HOH 64 192 64 HOH HOH A . 
B 2 HOH 65 193 65 HOH HOH A . 
B 2 HOH 66 194 66 HOH HOH A . 
B 2 HOH 67 195 67 HOH HOH A . 
B 2 HOH 68 196 68 HOH HOH A . 
B 2 HOH 69 197 69 HOH HOH A . 
B 2 HOH 70 198 70 HOH HOH A . 
B 2 HOH 71 199 71 HOH HOH A . 
B 2 HOH 72 200 72 HOH HOH A . 
B 2 HOH 73 201 73 HOH HOH A . 
B 2 HOH 74 202 74 HOH HOH A . 
B 2 HOH 75 203 75 HOH HOH A . 
B 2 HOH 76 204 76 HOH HOH A . 
# 
_pdbx_struct_assembly.id                   1 
_pdbx_struct_assembly.details              author_and_software_defined_assembly 
_pdbx_struct_assembly.method_details       PISA 
_pdbx_struct_assembly.oligomeric_details   monomeric 
_pdbx_struct_assembly.oligomeric_count     1 
# 
_pdbx_struct_assembly_gen.assembly_id       1 
_pdbx_struct_assembly_gen.oper_expression   1 
_pdbx_struct_assembly_gen.asym_id_list      A,B 
# 
_pdbx_struct_oper_list.id                   1 
_pdbx_struct_oper_list.type                 'identity operation' 
_pdbx_struct_oper_list.name                 1_555 
_pdbx_struct_oper_list.symmetry_operation   x,y,z 
_pdbx_struct_oper_list.matrix[1][1]         1.0000000000 
_pdbx_struct_oper_list.matrix[1][2]         0.0000000000 
_pdbx_struct_oper_list.matrix[1][3]         0.0000000000 
_pdbx_struct_oper_list.vector[1]            0.0000000000 
_pdbx_struct_oper_list.matrix[2][1]         0.0000000000 
_pdbx_struct_oper_list.matrix[2][2]         1.0000000000 
_pdbx_struct_oper_list.matrix[2][3]         0.0000000000 
_pdbx_struct_oper_list.vector[2]            0.0000000000 
_pdbx_struct_oper_list.matrix[3][1]         0.0000000000 
_pdbx_struct_oper_list.matrix[3][2]         0.0000000000 
_pdbx_struct_oper_list.matrix[3][3]         1.0000000000 
_pdbx_struct_oper_list.vector[3]            0.0000000000 
# 
loop_
_pdbx_audit_revision_history.ordinal 
_pdbx_audit_revision_history.data_content_type 
_pdbx_audit_revision_history.major_revision 
_pdbx_audit_revision_history.minor_revision 
_pdbx_audit_revision_history.revision_date 
1 'Structure model' 1 0 2010-01-19 
2 'Structure model' 1 1 2011-07-13 
3 'Structure model' 1 2 2023-11-01 
# 
_pdbx_audit_revision_details.ordinal             1 
_pdbx_audit_revision_details.revision_ordinal    1 
_pdbx_audit_revision_details.data_content_type   'Structure model' 
_pdbx_audit_revision_details.provider            repository 
_pdbx_audit_revision_details.type                'Initial release' 
_pdbx_audit_revision_details.description         ? 
_pdbx_audit_revision_details.details             ? 
# 
loop_
_pdbx_audit_revision_group.ordinal 
_pdbx_audit_revision_group.revision_ordinal 
_pdbx_audit_revision_group.data_content_type 
_pdbx_audit_revision_group.group 
1 2 'Structure model' 'Version format compliance' 
2 3 'Structure model' 'Data collection'           
3 3 'Structure model' 'Database references'       
4 3 'Structure model' 'Refinement description'    
# 
loop_
_pdbx_audit_revision_category.ordinal 
_pdbx_audit_revision_category.revision_ordinal 
_pdbx_audit_revision_category.data_content_type 
_pdbx_audit_revision_category.category 
1 3 'Structure model' chem_comp_atom                
2 3 'Structure model' chem_comp_bond                
3 3 'Structure model' database_2                    
4 3 'Structure model' pdbx_initial_refinement_model 
# 
loop_
_pdbx_audit_revision_item.ordinal 
_pdbx_audit_revision_item.revision_ordinal 
_pdbx_audit_revision_item.data_content_type 
_pdbx_audit_revision_item.item 
1 3 'Structure model' '_database_2.pdbx_DOI'                
2 3 'Structure model' '_database_2.pdbx_database_accession' 
# 
loop_
_software.name 
_software.classification 
_software.version 
_software.citation_id 
_software.pdbx_ordinal 
HKL-2000 'data collection' .        ? 1 
MOLREP   phasing           .        ? 2 
REFMAC   refinement        5.5.0104 ? 3 
HKL-2000 'data reduction'  .        ? 4 
HKL-2000 'data scaling'    .        ? 5 
# 
_pdbx_database_remark.id     650 
_pdbx_database_remark.text   
;HELIX
DETERMINATION METHOD: AUTHOR DETERMINED
;
# 
_pdbx_validate_torsion.id              1 
_pdbx_validate_torsion.PDB_model_num   1 
_pdbx_validate_torsion.auth_comp_id    ALA 
_pdbx_validate_torsion.auth_asym_id    A 
_pdbx_validate_torsion.auth_seq_id     97 
_pdbx_validate_torsion.PDB_ins_code    ? 
_pdbx_validate_torsion.label_alt_id    ? 
_pdbx_validate_torsion.phi             -128.24 
_pdbx_validate_torsion.psi             -102.71 
# 
loop_
_chem_comp_atom.comp_id 
_chem_comp_atom.atom_id 
_chem_comp_atom.type_symbol 
_chem_comp_atom.pdbx_aromatic_flag 
_chem_comp_atom.pdbx_stereo_config 
_chem_comp_atom.pdbx_ordinal 
ALA N    N N N 1   
ALA CA   C N S 2   
ALA C    C N N 3   
ALA O    O N N 4   
ALA CB   C N N 5   
ALA OXT  O N N 6   
ALA H    H N N 7   
ALA H2   H N N 8   
ALA HA   H N N 9   
ALA HB1  H N N 10  
ALA HB2  H N N 11  
ALA HB3  H N N 12  
ALA HXT  H N N 13  
ARG N    N N N 14  
ARG CA   C N S 15  
ARG C    C N N 16  
ARG O    O N N 17  
ARG CB   C N N 18  
ARG CG   C N N 19  
ARG CD   C N N 20  
ARG NE   N N N 21  
ARG CZ   C N N 22  
ARG NH1  N N N 23  
ARG NH2  N N N 24  
ARG OXT  O N N 25  
ARG H    H N N 26  
ARG H2   H N N 27  
ARG HA   H N N 28  
ARG HB2  H N N 29  
ARG HB3  H N N 30  
ARG HG2  H N N 31  
ARG HG3  H N N 32  
ARG HD2  H N N 33  
ARG HD3  H N N 34  
ARG HE   H N N 35  
ARG HH11 H N N 36  
ARG HH12 H N N 37  
ARG HH21 H N N 38  
ARG HH22 H N N 39  
ARG HXT  H N N 40  
ASN N    N N N 41  
ASN CA   C N S 42  
ASN C    C N N 43  
ASN O    O N N 44  
ASN CB   C N N 45  
ASN CG   C N N 46  
ASN OD1  O N N 47  
ASN ND2  N N N 48  
ASN OXT  O N N 49  
ASN H    H N N 50  
ASN H2   H N N 51  
ASN HA   H N N 52  
ASN HB2  H N N 53  
ASN HB3  H N N 54  
ASN HD21 H N N 55  
ASN HD22 H N N 56  
ASN HXT  H N N 57  
ASP N    N N N 58  
ASP CA   C N S 59  
ASP C    C N N 60  
ASP O    O N N 61  
ASP CB   C N N 62  
ASP CG   C N N 63  
ASP OD1  O N N 64  
ASP OD2  O N N 65  
ASP OXT  O N N 66  
ASP H    H N N 67  
ASP H2   H N N 68  
ASP HA   H N N 69  
ASP HB2  H N N 70  
ASP HB3  H N N 71  
ASP HD2  H N N 72  
ASP HXT  H N N 73  
CYS N    N N N 74  
CYS CA   C N R 75  
CYS C    C N N 76  
CYS O    O N N 77  
CYS CB   C N N 78  
CYS SG   S N N 79  
CYS OXT  O N N 80  
CYS H    H N N 81  
CYS H2   H N N 82  
CYS HA   H N N 83  
CYS HB2  H N N 84  
CYS HB3  H N N 85  
CYS HG   H N N 86  
CYS HXT  H N N 87  
GLN N    N N N 88  
GLN CA   C N S 89  
GLN C    C N N 90  
GLN O    O N N 91  
GLN CB   C N N 92  
GLN CG   C N N 93  
GLN CD   C N N 94  
GLN OE1  O N N 95  
GLN NE2  N N N 96  
GLN OXT  O N N 97  
GLN H    H N N 98  
GLN H2   H N N 99  
GLN HA   H N N 100 
GLN HB2  H N N 101 
GLN HB3  H N N 102 
GLN HG2  H N N 103 
GLN HG3  H N N 104 
GLN HE21 H N N 105 
GLN HE22 H N N 106 
GLN HXT  H N N 107 
GLU N    N N N 108 
GLU CA   C N S 109 
GLU C    C N N 110 
GLU O    O N N 111 
GLU CB   C N N 112 
GLU CG   C N N 113 
GLU CD   C N N 114 
GLU OE1  O N N 115 
GLU OE2  O N N 116 
GLU OXT  O N N 117 
GLU H    H N N 118 
GLU H2   H N N 119 
GLU HA   H N N 120 
GLU HB2  H N N 121 
GLU HB3  H N N 122 
GLU HG2  H N N 123 
GLU HG3  H N N 124 
GLU HE2  H N N 125 
GLU HXT  H N N 126 
GLY N    N N N 127 
GLY CA   C N N 128 
GLY C    C N N 129 
GLY O    O N N 130 
GLY OXT  O N N 131 
GLY H    H N N 132 
GLY H2   H N N 133 
GLY HA2  H N N 134 
GLY HA3  H N N 135 
GLY HXT  H N N 136 
HIS N    N N N 137 
HIS CA   C N S 138 
HIS C    C N N 139 
HIS O    O N N 140 
HIS CB   C N N 141 
HIS CG   C Y N 142 
HIS ND1  N Y N 143 
HIS CD2  C Y N 144 
HIS CE1  C Y N 145 
HIS NE2  N Y N 146 
HIS OXT  O N N 147 
HIS H    H N N 148 
HIS H2   H N N 149 
HIS HA   H N N 150 
HIS HB2  H N N 151 
HIS HB3  H N N 152 
HIS HD1  H N N 153 
HIS HD2  H N N 154 
HIS HE1  H N N 155 
HIS HE2  H N N 156 
HIS HXT  H N N 157 
HOH O    O N N 158 
HOH H1   H N N 159 
HOH H2   H N N 160 
ILE N    N N N 161 
ILE CA   C N S 162 
ILE C    C N N 163 
ILE O    O N N 164 
ILE CB   C N S 165 
ILE CG1  C N N 166 
ILE CG2  C N N 167 
ILE CD1  C N N 168 
ILE OXT  O N N 169 
ILE H    H N N 170 
ILE H2   H N N 171 
ILE HA   H N N 172 
ILE HB   H N N 173 
ILE HG12 H N N 174 
ILE HG13 H N N 175 
ILE HG21 H N N 176 
ILE HG22 H N N 177 
ILE HG23 H N N 178 
ILE HD11 H N N 179 
ILE HD12 H N N 180 
ILE HD13 H N N 181 
ILE HXT  H N N 182 
LEU N    N N N 183 
LEU CA   C N S 184 
LEU C    C N N 185 
LEU O    O N N 186 
LEU CB   C N N 187 
LEU CG   C N N 188 
LEU CD1  C N N 189 
LEU CD2  C N N 190 
LEU OXT  O N N 191 
LEU H    H N N 192 
LEU H2   H N N 193 
LEU HA   H N N 194 
LEU HB2  H N N 195 
LEU HB3  H N N 196 
LEU HG   H N N 197 
LEU HD11 H N N 198 
LEU HD12 H N N 199 
LEU HD13 H N N 200 
LEU HD21 H N N 201 
LEU HD22 H N N 202 
LEU HD23 H N N 203 
LEU HXT  H N N 204 
LYS N    N N N 205 
LYS CA   C N S 206 
LYS C    C N N 207 
LYS O    O N N 208 
LYS CB   C N N 209 
LYS CG   C N N 210 
LYS CD   C N N 211 
LYS CE   C N N 212 
LYS NZ   N N N 213 
LYS OXT  O N N 214 
LYS H    H N N 215 
LYS H2   H N N 216 
LYS HA   H N N 217 
LYS HB2  H N N 218 
LYS HB3  H N N 219 
LYS HG2  H N N 220 
LYS HG3  H N N 221 
LYS HD2  H N N 222 
LYS HD3  H N N 223 
LYS HE2  H N N 224 
LYS HE3  H N N 225 
LYS HZ1  H N N 226 
LYS HZ2  H N N 227 
LYS HZ3  H N N 228 
LYS HXT  H N N 229 
MET N    N N N 230 
MET CA   C N S 231 
MET C    C N N 232 
MET O    O N N 233 
MET CB   C N N 234 
MET CG   C N N 235 
MET SD   S N N 236 
MET CE   C N N 237 
MET OXT  O N N 238 
MET H    H N N 239 
MET H2   H N N 240 
MET HA   H N N 241 
MET HB2  H N N 242 
MET HB3  H N N 243 
MET HG2  H N N 244 
MET HG3  H N N 245 
MET HE1  H N N 246 
MET HE2  H N N 247 
MET HE3  H N N 248 
MET HXT  H N N 249 
PHE N    N N N 250 
PHE CA   C N S 251 
PHE C    C N N 252 
PHE O    O N N 253 
PHE CB   C N N 254 
PHE CG   C Y N 255 
PHE CD1  C Y N 256 
PHE CD2  C Y N 257 
PHE CE1  C Y N 258 
PHE CE2  C Y N 259 
PHE CZ   C Y N 260 
PHE OXT  O N N 261 
PHE H    H N N 262 
PHE H2   H N N 263 
PHE HA   H N N 264 
PHE HB2  H N N 265 
PHE HB3  H N N 266 
PHE HD1  H N N 267 
PHE HD2  H N N 268 
PHE HE1  H N N 269 
PHE HE2  H N N 270 
PHE HZ   H N N 271 
PHE HXT  H N N 272 
PRO N    N N N 273 
PRO CA   C N S 274 
PRO C    C N N 275 
PRO O    O N N 276 
PRO CB   C N N 277 
PRO CG   C N N 278 
PRO CD   C N N 279 
PRO OXT  O N N 280 
PRO H    H N N 281 
PRO HA   H N N 282 
PRO HB2  H N N 283 
PRO HB3  H N N 284 
PRO HG2  H N N 285 
PRO HG3  H N N 286 
PRO HD2  H N N 287 
PRO HD3  H N N 288 
PRO HXT  H N N 289 
SER N    N N N 290 
SER CA   C N S 291 
SER C    C N N 292 
SER O    O N N 293 
SER CB   C N N 294 
SER OG   O N N 295 
SER OXT  O N N 296 
SER H    H N N 297 
SER H2   H N N 298 
SER HA   H N N 299 
SER HB2  H N N 300 
SER HB3  H N N 301 
SER HG   H N N 302 
SER HXT  H N N 303 
THR N    N N N 304 
THR CA   C N S 305 
THR C    C N N 306 
THR O    O N N 307 
THR CB   C N R 308 
THR OG1  O N N 309 
THR CG2  C N N 310 
THR OXT  O N N 311 
THR H    H N N 312 
THR H2   H N N 313 
THR HA   H N N 314 
THR HB   H N N 315 
THR HG1  H N N 316 
THR HG21 H N N 317 
THR HG22 H N N 318 
THR HG23 H N N 319 
THR HXT  H N N 320 
TRP N    N N N 321 
TRP CA   C N S 322 
TRP C    C N N 323 
TRP O    O N N 324 
TRP CB   C N N 325 
TRP CG   C Y N 326 
TRP CD1  C Y N 327 
TRP CD2  C Y N 328 
TRP NE1  N Y N 329 
TRP CE2  C Y N 330 
TRP CE3  C Y N 331 
TRP CZ2  C Y N 332 
TRP CZ3  C Y N 333 
TRP CH2  C Y N 334 
TRP OXT  O N N 335 
TRP H    H N N 336 
TRP H2   H N N 337 
TRP HA   H N N 338 
TRP HB2  H N N 339 
TRP HB3  H N N 340 
TRP HD1  H N N 341 
TRP HE1  H N N 342 
TRP HE3  H N N 343 
TRP HZ2  H N N 344 
TRP HZ3  H N N 345 
TRP HH2  H N N 346 
TRP HXT  H N N 347 
TYR N    N N N 348 
TYR CA   C N S 349 
TYR C    C N N 350 
TYR O    O N N 351 
TYR CB   C N N 352 
TYR CG   C Y N 353 
TYR CD1  C Y N 354 
TYR CD2  C Y N 355 
TYR CE1  C Y N 356 
TYR CE2  C Y N 357 
TYR CZ   C Y N 358 
TYR OH   O N N 359 
TYR OXT  O N N 360 
TYR H    H N N 361 
TYR H2   H N N 362 
TYR HA   H N N 363 
TYR HB2  H N N 364 
TYR HB3  H N N 365 
TYR HD1  H N N 366 
TYR HD2  H N N 367 
TYR HE1  H N N 368 
TYR HE2  H N N 369 
TYR HH   H N N 370 
TYR HXT  H N N 371 
VAL N    N N N 372 
VAL CA   C N S 373 
VAL C    C N N 374 
VAL O    O N N 375 
VAL CB   C N N 376 
VAL CG1  C N N 377 
VAL CG2  C N N 378 
VAL OXT  O N N 379 
VAL H    H N N 380 
VAL H2   H N N 381 
VAL HA   H N N 382 
VAL HB   H N N 383 
VAL HG11 H N N 384 
VAL HG12 H N N 385 
VAL HG13 H N N 386 
VAL HG21 H N N 387 
VAL HG22 H N N 388 
VAL HG23 H N N 389 
VAL HXT  H N N 390 
# 
loop_
_chem_comp_bond.comp_id 
_chem_comp_bond.atom_id_1 
_chem_comp_bond.atom_id_2 
_chem_comp_bond.value_order 
_chem_comp_bond.pdbx_aromatic_flag 
_chem_comp_bond.pdbx_stereo_config 
_chem_comp_bond.pdbx_ordinal 
ALA N   CA   sing N N 1   
ALA N   H    sing N N 2   
ALA N   H2   sing N N 3   
ALA CA  C    sing N N 4   
ALA CA  CB   sing N N 5   
ALA CA  HA   sing N N 6   
ALA C   O    doub N N 7   
ALA C   OXT  sing N N 8   
ALA CB  HB1  sing N N 9   
ALA CB  HB2  sing N N 10  
ALA CB  HB3  sing N N 11  
ALA OXT HXT  sing N N 12  
ARG N   CA   sing N N 13  
ARG N   H    sing N N 14  
ARG N   H2   sing N N 15  
ARG CA  C    sing N N 16  
ARG CA  CB   sing N N 17  
ARG CA  HA   sing N N 18  
ARG C   O    doub N N 19  
ARG C   OXT  sing N N 20  
ARG CB  CG   sing N N 21  
ARG CB  HB2  sing N N 22  
ARG CB  HB3  sing N N 23  
ARG CG  CD   sing N N 24  
ARG CG  HG2  sing N N 25  
ARG CG  HG3  sing N N 26  
ARG CD  NE   sing N N 27  
ARG CD  HD2  sing N N 28  
ARG CD  HD3  sing N N 29  
ARG NE  CZ   sing N N 30  
ARG NE  HE   sing N N 31  
ARG CZ  NH1  sing N N 32  
ARG CZ  NH2  doub N N 33  
ARG NH1 HH11 sing N N 34  
ARG NH1 HH12 sing N N 35  
ARG NH2 HH21 sing N N 36  
ARG NH2 HH22 sing N N 37  
ARG OXT HXT  sing N N 38  
ASN N   CA   sing N N 39  
ASN N   H    sing N N 40  
ASN N   H2   sing N N 41  
ASN CA  C    sing N N 42  
ASN CA  CB   sing N N 43  
ASN CA  HA   sing N N 44  
ASN C   O    doub N N 45  
ASN C   OXT  sing N N 46  
ASN CB  CG   sing N N 47  
ASN CB  HB2  sing N N 48  
ASN CB  HB3  sing N N 49  
ASN CG  OD1  doub N N 50  
ASN CG  ND2  sing N N 51  
ASN ND2 HD21 sing N N 52  
ASN ND2 HD22 sing N N 53  
ASN OXT HXT  sing N N 54  
ASP N   CA   sing N N 55  
ASP N   H    sing N N 56  
ASP N   H2   sing N N 57  
ASP CA  C    sing N N 58  
ASP CA  CB   sing N N 59  
ASP CA  HA   sing N N 60  
ASP C   O    doub N N 61  
ASP C   OXT  sing N N 62  
ASP CB  CG   sing N N 63  
ASP CB  HB2  sing N N 64  
ASP CB  HB3  sing N N 65  
ASP CG  OD1  doub N N 66  
ASP CG  OD2  sing N N 67  
ASP OD2 HD2  sing N N 68  
ASP OXT HXT  sing N N 69  
CYS N   CA   sing N N 70  
CYS N   H    sing N N 71  
CYS N   H2   sing N N 72  
CYS CA  C    sing N N 73  
CYS CA  CB   sing N N 74  
CYS CA  HA   sing N N 75  
CYS C   O    doub N N 76  
CYS C   OXT  sing N N 77  
CYS CB  SG   sing N N 78  
CYS CB  HB2  sing N N 79  
CYS CB  HB3  sing N N 80  
CYS SG  HG   sing N N 81  
CYS OXT HXT  sing N N 82  
GLN N   CA   sing N N 83  
GLN N   H    sing N N 84  
GLN N   H2   sing N N 85  
GLN CA  C    sing N N 86  
GLN CA  CB   sing N N 87  
GLN CA  HA   sing N N 88  
GLN C   O    doub N N 89  
GLN C   OXT  sing N N 90  
GLN CB  CG   sing N N 91  
GLN CB  HB2  sing N N 92  
GLN CB  HB3  sing N N 93  
GLN CG  CD   sing N N 94  
GLN CG  HG2  sing N N 95  
GLN CG  HG3  sing N N 96  
GLN CD  OE1  doub N N 97  
GLN CD  NE2  sing N N 98  
GLN NE2 HE21 sing N N 99  
GLN NE2 HE22 sing N N 100 
GLN OXT HXT  sing N N 101 
GLU N   CA   sing N N 102 
GLU N   H    sing N N 103 
GLU N   H2   sing N N 104 
GLU CA  C    sing N N 105 
GLU CA  CB   sing N N 106 
GLU CA  HA   sing N N 107 
GLU C   O    doub N N 108 
GLU C   OXT  sing N N 109 
GLU CB  CG   sing N N 110 
GLU CB  HB2  sing N N 111 
GLU CB  HB3  sing N N 112 
GLU CG  CD   sing N N 113 
GLU CG  HG2  sing N N 114 
GLU CG  HG3  sing N N 115 
GLU CD  OE1  doub N N 116 
GLU CD  OE2  sing N N 117 
GLU OE2 HE2  sing N N 118 
GLU OXT HXT  sing N N 119 
GLY N   CA   sing N N 120 
GLY N   H    sing N N 121 
GLY N   H2   sing N N 122 
GLY CA  C    sing N N 123 
GLY CA  HA2  sing N N 124 
GLY CA  HA3  sing N N 125 
GLY C   O    doub N N 126 
GLY C   OXT  sing N N 127 
GLY OXT HXT  sing N N 128 
HIS N   CA   sing N N 129 
HIS N   H    sing N N 130 
HIS N   H2   sing N N 131 
HIS CA  C    sing N N 132 
HIS CA  CB   sing N N 133 
HIS CA  HA   sing N N 134 
HIS C   O    doub N N 135 
HIS C   OXT  sing N N 136 
HIS CB  CG   sing N N 137 
HIS CB  HB2  sing N N 138 
HIS CB  HB3  sing N N 139 
HIS CG  ND1  sing Y N 140 
HIS CG  CD2  doub Y N 141 
HIS ND1 CE1  doub Y N 142 
HIS ND1 HD1  sing N N 143 
HIS CD2 NE2  sing Y N 144 
HIS CD2 HD2  sing N N 145 
HIS CE1 NE2  sing Y N 146 
HIS CE1 HE1  sing N N 147 
HIS NE2 HE2  sing N N 148 
HIS OXT HXT  sing N N 149 
HOH O   H1   sing N N 150 
HOH O   H2   sing N N 151 
ILE N   CA   sing N N 152 
ILE N   H    sing N N 153 
ILE N   H2   sing N N 154 
ILE CA  C    sing N N 155 
ILE CA  CB   sing N N 156 
ILE CA  HA   sing N N 157 
ILE C   O    doub N N 158 
ILE C   OXT  sing N N 159 
ILE CB  CG1  sing N N 160 
ILE CB  CG2  sing N N 161 
ILE CB  HB   sing N N 162 
ILE CG1 CD1  sing N N 163 
ILE CG1 HG12 sing N N 164 
ILE CG1 HG13 sing N N 165 
ILE CG2 HG21 sing N N 166 
ILE CG2 HG22 sing N N 167 
ILE CG2 HG23 sing N N 168 
ILE CD1 HD11 sing N N 169 
ILE CD1 HD12 sing N N 170 
ILE CD1 HD13 sing N N 171 
ILE OXT HXT  sing N N 172 
LEU N   CA   sing N N 173 
LEU N   H    sing N N 174 
LEU N   H2   sing N N 175 
LEU CA  C    sing N N 176 
LEU CA  CB   sing N N 177 
LEU CA  HA   sing N N 178 
LEU C   O    doub N N 179 
LEU C   OXT  sing N N 180 
LEU CB  CG   sing N N 181 
LEU CB  HB2  sing N N 182 
LEU CB  HB3  sing N N 183 
LEU CG  CD1  sing N N 184 
LEU CG  CD2  sing N N 185 
LEU CG  HG   sing N N 186 
LEU CD1 HD11 sing N N 187 
LEU CD1 HD12 sing N N 188 
LEU CD1 HD13 sing N N 189 
LEU CD2 HD21 sing N N 190 
LEU CD2 HD22 sing N N 191 
LEU CD2 HD23 sing N N 192 
LEU OXT HXT  sing N N 193 
LYS N   CA   sing N N 194 
LYS N   H    sing N N 195 
LYS N   H2   sing N N 196 
LYS CA  C    sing N N 197 
LYS CA  CB   sing N N 198 
LYS CA  HA   sing N N 199 
LYS C   O    doub N N 200 
LYS C   OXT  sing N N 201 
LYS CB  CG   sing N N 202 
LYS CB  HB2  sing N N 203 
LYS CB  HB3  sing N N 204 
LYS CG  CD   sing N N 205 
LYS CG  HG2  sing N N 206 
LYS CG  HG3  sing N N 207 
LYS CD  CE   sing N N 208 
LYS CD  HD2  sing N N 209 
LYS CD  HD3  sing N N 210 
LYS CE  NZ   sing N N 211 
LYS CE  HE2  sing N N 212 
LYS CE  HE3  sing N N 213 
LYS NZ  HZ1  sing N N 214 
LYS NZ  HZ2  sing N N 215 
LYS NZ  HZ3  sing N N 216 
LYS OXT HXT  sing N N 217 
MET N   CA   sing N N 218 
MET N   H    sing N N 219 
MET N   H2   sing N N 220 
MET CA  C    sing N N 221 
MET CA  CB   sing N N 222 
MET CA  HA   sing N N 223 
MET C   O    doub N N 224 
MET C   OXT  sing N N 225 
MET CB  CG   sing N N 226 
MET CB  HB2  sing N N 227 
MET CB  HB3  sing N N 228 
MET CG  SD   sing N N 229 
MET CG  HG2  sing N N 230 
MET CG  HG3  sing N N 231 
MET SD  CE   sing N N 232 
MET CE  HE1  sing N N 233 
MET CE  HE2  sing N N 234 
MET CE  HE3  sing N N 235 
MET OXT HXT  sing N N 236 
PHE N   CA   sing N N 237 
PHE N   H    sing N N 238 
PHE N   H2   sing N N 239 
PHE CA  C    sing N N 240 
PHE CA  CB   sing N N 241 
PHE CA  HA   sing N N 242 
PHE C   O    doub N N 243 
PHE C   OXT  sing N N 244 
PHE CB  CG   sing N N 245 
PHE CB  HB2  sing N N 246 
PHE CB  HB3  sing N N 247 
PHE CG  CD1  doub Y N 248 
PHE CG  CD2  sing Y N 249 
PHE CD1 CE1  sing Y N 250 
PHE CD1 HD1  sing N N 251 
PHE CD2 CE2  doub Y N 252 
PHE CD2 HD2  sing N N 253 
PHE CE1 CZ   doub Y N 254 
PHE CE1 HE1  sing N N 255 
PHE CE2 CZ   sing Y N 256 
PHE CE2 HE2  sing N N 257 
PHE CZ  HZ   sing N N 258 
PHE OXT HXT  sing N N 259 
PRO N   CA   sing N N 260 
PRO N   CD   sing N N 261 
PRO N   H    sing N N 262 
PRO CA  C    sing N N 263 
PRO CA  CB   sing N N 264 
PRO CA  HA   sing N N 265 
PRO C   O    doub N N 266 
PRO C   OXT  sing N N 267 
PRO CB  CG   sing N N 268 
PRO CB  HB2  sing N N 269 
PRO CB  HB3  sing N N 270 
PRO CG  CD   sing N N 271 
PRO CG  HG2  sing N N 272 
PRO CG  HG3  sing N N 273 
PRO CD  HD2  sing N N 274 
PRO CD  HD3  sing N N 275 
PRO OXT HXT  sing N N 276 
SER N   CA   sing N N 277 
SER N   H    sing N N 278 
SER N   H2   sing N N 279 
SER CA  C    sing N N 280 
SER CA  CB   sing N N 281 
SER CA  HA   sing N N 282 
SER C   O    doub N N 283 
SER C   OXT  sing N N 284 
SER CB  OG   sing N N 285 
SER CB  HB2  sing N N 286 
SER CB  HB3  sing N N 287 
SER OG  HG   sing N N 288 
SER OXT HXT  sing N N 289 
THR N   CA   sing N N 290 
THR N   H    sing N N 291 
THR N   H2   sing N N 292 
THR CA  C    sing N N 293 
THR CA  CB   sing N N 294 
THR CA  HA   sing N N 295 
THR C   O    doub N N 296 
THR C   OXT  sing N N 297 
THR CB  OG1  sing N N 298 
THR CB  CG2  sing N N 299 
THR CB  HB   sing N N 300 
THR OG1 HG1  sing N N 301 
THR CG2 HG21 sing N N 302 
THR CG2 HG22 sing N N 303 
THR CG2 HG23 sing N N 304 
THR OXT HXT  sing N N 305 
TRP N   CA   sing N N 306 
TRP N   H    sing N N 307 
TRP N   H2   sing N N 308 
TRP CA  C    sing N N 309 
TRP CA  CB   sing N N 310 
TRP CA  HA   sing N N 311 
TRP C   O    doub N N 312 
TRP C   OXT  sing N N 313 
TRP CB  CG   sing N N 314 
TRP CB  HB2  sing N N 315 
TRP CB  HB3  sing N N 316 
TRP CG  CD1  doub Y N 317 
TRP CG  CD2  sing Y N 318 
TRP CD1 NE1  sing Y N 319 
TRP CD1 HD1  sing N N 320 
TRP CD2 CE2  doub Y N 321 
TRP CD2 CE3  sing Y N 322 
TRP NE1 CE2  sing Y N 323 
TRP NE1 HE1  sing N N 324 
TRP CE2 CZ2  sing Y N 325 
TRP CE3 CZ3  doub Y N 326 
TRP CE3 HE3  sing N N 327 
TRP CZ2 CH2  doub Y N 328 
TRP CZ2 HZ2  sing N N 329 
TRP CZ3 CH2  sing Y N 330 
TRP CZ3 HZ3  sing N N 331 
TRP CH2 HH2  sing N N 332 
TRP OXT HXT  sing N N 333 
TYR N   CA   sing N N 334 
TYR N   H    sing N N 335 
TYR N   H2   sing N N 336 
TYR CA  C    sing N N 337 
TYR CA  CB   sing N N 338 
TYR CA  HA   sing N N 339 
TYR C   O    doub N N 340 
TYR C   OXT  sing N N 341 
TYR CB  CG   sing N N 342 
TYR CB  HB2  sing N N 343 
TYR CB  HB3  sing N N 344 
TYR CG  CD1  doub Y N 345 
TYR CG  CD2  sing Y N 346 
TYR CD1 CE1  sing Y N 347 
TYR CD1 HD1  sing N N 348 
TYR CD2 CE2  doub Y N 349 
TYR CD2 HD2  sing N N 350 
TYR CE1 CZ   doub Y N 351 
TYR CE1 HE1  sing N N 352 
TYR CE2 CZ   sing Y N 353 
TYR CE2 HE2  sing N N 354 
TYR CZ  OH   sing N N 355 
TYR OH  HH   sing N N 356 
TYR OXT HXT  sing N N 357 
VAL N   CA   sing N N 358 
VAL N   H    sing N N 359 
VAL N   H2   sing N N 360 
VAL CA  C    sing N N 361 
VAL CA  CB   sing N N 362 
VAL CA  HA   sing N N 363 
VAL C   O    doub N N 364 
VAL C   OXT  sing N N 365 
VAL CB  CG1  sing N N 366 
VAL CB  CG2  sing N N 367 
VAL CB  HB   sing N N 368 
VAL CG1 HG11 sing N N 369 
VAL CG1 HG12 sing N N 370 
VAL CG1 HG13 sing N N 371 
VAL CG2 HG21 sing N N 372 
VAL CG2 HG22 sing N N 373 
VAL CG2 HG23 sing N N 374 
VAL OXT HXT  sing N N 375 
# 
_pdbx_entity_nonpoly.entity_id   2 
_pdbx_entity_nonpoly.name        water 
_pdbx_entity_nonpoly.comp_id     HOH 
# 
_pdbx_initial_refinement_model.id               1 
_pdbx_initial_refinement_model.entity_id_list   ? 
_pdbx_initial_refinement_model.type             'experimental model' 
_pdbx_initial_refinement_model.source_name      PDB 
_pdbx_initial_refinement_model.accession_code   1HTP 
_pdbx_initial_refinement_model.details          'PDB ENTRY 1HTP' 
# 
